data_7VUT
# 
_entry.id   7VUT 
# 
_audit_conform.dict_name       mmcif_pdbx.dic 
_audit_conform.dict_version    5.392 
_audit_conform.dict_location   http://mmcif.pdb.org/dictionaries/ascii/mmcif_pdbx.dic 
# 
loop_
_database_2.database_id 
_database_2.database_code 
_database_2.pdbx_database_accession 
_database_2.pdbx_DOI 
PDB   7VUT         pdb_00007vut 10.2210/pdb7vut/pdb 
WWPDB D_1300022231 ?            ?                   
# 
loop_
_pdbx_audit_revision_history.ordinal 
_pdbx_audit_revision_history.data_content_type 
_pdbx_audit_revision_history.major_revision 
_pdbx_audit_revision_history.minor_revision 
_pdbx_audit_revision_history.revision_date 
1 'Structure model' 1 0 2022-07-27 
2 'Structure model' 1 1 2022-10-19 
3 'Structure model' 1 2 2022-10-26 
4 'Structure model' 1 3 2024-05-29 
# 
_pdbx_audit_revision_details.ordinal             1 
_pdbx_audit_revision_details.revision_ordinal    1 
_pdbx_audit_revision_details.data_content_type   'Structure model' 
_pdbx_audit_revision_details.provider            repository 
_pdbx_audit_revision_details.type                'Initial release' 
_pdbx_audit_revision_details.description         ? 
_pdbx_audit_revision_details.details             ? 
# 
loop_
_pdbx_audit_revision_group.ordinal 
_pdbx_audit_revision_group.revision_ordinal 
_pdbx_audit_revision_group.data_content_type 
_pdbx_audit_revision_group.group 
1 2 'Structure model' 'Database references' 
2 3 'Structure model' 'Database references' 
3 4 'Structure model' 'Data collection'     
# 
loop_
_pdbx_audit_revision_category.ordinal 
_pdbx_audit_revision_category.revision_ordinal 
_pdbx_audit_revision_category.data_content_type 
_pdbx_audit_revision_category.category 
1 2 'Structure model' citation        
2 2 'Structure model' citation_author 
3 3 'Structure model' citation        
4 3 'Structure model' citation_author 
5 4 'Structure model' chem_comp_atom  
6 4 'Structure model' chem_comp_bond  
# 
loop_
_pdbx_audit_revision_item.ordinal 
_pdbx_audit_revision_item.revision_ordinal 
_pdbx_audit_revision_item.data_content_type 
_pdbx_audit_revision_item.item 
1  2 'Structure model' '_citation.country'                 
2  2 'Structure model' '_citation.journal_abbrev'          
3  2 'Structure model' '_citation.journal_id_ASTM'         
4  2 'Structure model' '_citation.journal_id_CSD'          
5  2 'Structure model' '_citation.journal_id_ISSN'         
6  2 'Structure model' '_citation.pdbx_database_id_DOI'    
7  2 'Structure model' '_citation.title'                   
8  2 'Structure model' '_citation.year'                    
9  3 'Structure model' '_citation.journal_volume'          
10 3 'Structure model' '_citation.page_first'              
11 3 'Structure model' '_citation.page_last'               
12 3 'Structure model' '_citation.pdbx_database_id_PubMed' 
13 3 'Structure model' '_citation.title'                   
14 3 'Structure model' '_citation_author.identifier_ORCID' 
# 
_pdbx_database_status.status_code                     REL 
_pdbx_database_status.status_code_sf                  REL 
_pdbx_database_status.status_code_mr                  ? 
_pdbx_database_status.entry_id                        7VUT 
_pdbx_database_status.recvd_initial_deposition_date   2021-11-04 
_pdbx_database_status.SG_entry                        N 
_pdbx_database_status.deposit_site                    PDBJ 
_pdbx_database_status.process_site                    PDBJ 
_pdbx_database_status.status_code_cs                  ? 
_pdbx_database_status.status_code_nmr_data            ? 
_pdbx_database_status.methods_development_category    ? 
_pdbx_database_status.pdb_format_compatible           Y 
# 
loop_
_audit_author.name 
_audit_author.pdbx_ordinal 
_audit_author.identifier_ORCID 
'Tame, J.R.H.'      1 0000-0002-9341-7280 
'Korendovych, I.V.' 2 0000-0001-8144-783X 
'Margheritis, E.'   3 0000-0003-0571-3563 
'Takahashi, K.'     4 0000-0003-2028-244X 
# 
_citation.abstract                  ? 
_citation.abstract_id_CAS           ? 
_citation.book_id_ISBN              ? 
_citation.book_publisher            ? 
_citation.book_publisher_city       ? 
_citation.book_title                ? 
_citation.coordinate_linkage        ? 
_citation.country                   UK 
_citation.database_id_Medline       ? 
_citation.details                   ? 
_citation.id                        primary 
_citation.journal_abbrev            Nature 
_citation.journal_id_ASTM           NATUAS 
_citation.journal_id_CSD            0006 
_citation.journal_id_ISSN           1476-4687 
_citation.journal_full              ? 
_citation.journal_issue             ? 
_citation.journal_volume            610 
_citation.language                  ? 
_citation.page_first                389 
_citation.page_last                 393 
_citation.title                     'NMR-guided directed evolution.' 
_citation.year                      2022 
_citation.database_id_CSD           ? 
_citation.pdbx_database_id_DOI      10.1038/s41586-022-05278-9 
_citation.pdbx_database_id_PubMed   36198791 
_citation.pdbx_database_id_patent   ? 
_citation.unpublished_flag          ? 
# 
loop_
_citation_author.citation_id 
_citation_author.name 
_citation_author.ordinal 
_citation_author.identifier_ORCID 
primary 'Bhattacharya, S.'  1  ?                   
primary 'Margheritis, E.G.' 2  ?                   
primary 'Takahashi, K.'     3  0000-0003-2028-244X 
primary 'Kulesha, A.'       4  0000-0003-3844-1242 
primary 
;D'Souza, A.
;
5  ?                   
primary 'Kim, I.'           6  ?                   
primary 'Yoon, J.H.'        7  ?                   
primary 'Tame, J.R.H.'      8  0000-0002-9341-7280 
primary 'Volkov, A.N.'      9  0000-0002-0103-059X 
primary 'Makhlynets, O.V.'  10 0000-0002-2763-7891 
primary 'Korendovych, I.V.' 11 0000-0001-8144-783X 
# 
loop_
_entity.id 
_entity.type 
_entity.src_method 
_entity.pdbx_description 
_entity.formula_weight 
_entity.pdbx_number_of_molecules 
_entity.pdbx_ec 
_entity.pdbx_mutation 
_entity.pdbx_fragment 
_entity.details 
1 polymer     man AlleyCat10    8561.241 2   ? ? ? ? 
2 non-polymer syn 'CALCIUM ION' 40.078   6   ? ? ? ? 
3 water       nat water         18.015   131 ? ? ? ? 
# 
_entity_poly.entity_id                      1 
_entity_poly.type                           'polypeptide(L)' 
_entity_poly.nstd_linkage                   no 
_entity_poly.nstd_monomer                   no 
_entity_poly.pdbx_seq_one_letter_code       MKDTDSEEELREQFRVEDKDGNGYISAAELRIVMTNRGEPLTDEEVDELHRETDIDGDGQVNYEEFVQRMRAK 
_entity_poly.pdbx_seq_one_letter_code_can   MKDTDSEEELREQFRVEDKDGNGYISAAELRIVMTNRGEPLTDEEVDELHRETDIDGDGQVNYEEFVQRMRAK 
_entity_poly.pdbx_strand_id                 A,B 
_entity_poly.pdbx_target_identifier         ? 
# 
loop_
_pdbx_entity_nonpoly.entity_id 
_pdbx_entity_nonpoly.name 
_pdbx_entity_nonpoly.comp_id 
2 'CALCIUM ION' CA  
3 water         HOH 
# 
loop_
_entity_poly_seq.entity_id 
_entity_poly_seq.num 
_entity_poly_seq.mon_id 
_entity_poly_seq.hetero 
1 1  MET n 
1 2  LYS n 
1 3  ASP n 
1 4  THR n 
1 5  ASP n 
1 6  SER n 
1 7  GLU n 
1 8  GLU n 
1 9  GLU n 
1 10 LEU n 
1 11 ARG n 
1 12 GLU n 
1 13 GLN n 
1 14 PHE n 
1 15 ARG n 
1 16 VAL n 
1 17 GLU n 
1 18 ASP n 
1 19 LYS n 
1 20 ASP n 
1 21 GLY n 
1 22 ASN n 
1 23 GLY n 
1 24 TYR n 
1 25 ILE n 
1 26 SER n 
1 27 ALA n 
1 28 ALA n 
1 29 GLU n 
1 30 LEU n 
1 31 ARG n 
1 32 ILE n 
1 33 VAL n 
1 34 MET n 
1 35 THR n 
1 36 ASN n 
1 37 ARG n 
1 38 GLY n 
1 39 GLU n 
1 40 PRO n 
1 41 LEU n 
1 42 THR n 
1 43 ASP n 
1 44 GLU n 
1 45 GLU n 
1 46 VAL n 
1 47 ASP n 
1 48 GLU n 
1 49 LEU n 
1 50 HIS n 
1 51 ARG n 
1 52 GLU n 
1 53 THR n 
1 54 ASP n 
1 55 ILE n 
1 56 ASP n 
1 57 GLY n 
1 58 ASP n 
1 59 GLY n 
1 60 GLN n 
1 61 VAL n 
1 62 ASN n 
1 63 TYR n 
1 64 GLU n 
1 65 GLU n 
1 66 PHE n 
1 67 VAL n 
1 68 GLN n 
1 69 ARG n 
1 70 MET n 
1 71 ARG n 
1 72 ALA n 
1 73 LYS n 
# 
_entity_src_gen.entity_id                          1 
_entity_src_gen.pdbx_src_id                        1 
_entity_src_gen.pdbx_alt_source_flag               sample 
_entity_src_gen.pdbx_seq_type                      'Biological sequence' 
_entity_src_gen.pdbx_beg_seq_num                   1 
_entity_src_gen.pdbx_end_seq_num                   73 
_entity_src_gen.gene_src_common_name               ? 
_entity_src_gen.gene_src_genus                     ? 
_entity_src_gen.pdbx_gene_src_gene                 ? 
_entity_src_gen.gene_src_species                   ? 
_entity_src_gen.gene_src_strain                    ? 
_entity_src_gen.gene_src_tissue                    ? 
_entity_src_gen.gene_src_tissue_fraction           ? 
_entity_src_gen.gene_src_details                   ? 
_entity_src_gen.pdbx_gene_src_fragment             ? 
_entity_src_gen.pdbx_gene_src_scientific_name      'Homo sapiens' 
_entity_src_gen.pdbx_gene_src_ncbi_taxonomy_id     9606 
_entity_src_gen.pdbx_gene_src_variant              ? 
_entity_src_gen.pdbx_gene_src_cell_line            ? 
_entity_src_gen.pdbx_gene_src_atcc                 ? 
_entity_src_gen.pdbx_gene_src_organ                ? 
_entity_src_gen.pdbx_gene_src_organelle            ? 
_entity_src_gen.pdbx_gene_src_cell                 ? 
_entity_src_gen.pdbx_gene_src_cellular_location    ? 
_entity_src_gen.host_org_common_name               ? 
_entity_src_gen.pdbx_host_org_scientific_name      'Escherichia coli' 
_entity_src_gen.pdbx_host_org_ncbi_taxonomy_id     562 
_entity_src_gen.host_org_genus                     ? 
_entity_src_gen.pdbx_host_org_gene                 ? 
_entity_src_gen.pdbx_host_org_organ                ? 
_entity_src_gen.host_org_species                   ? 
_entity_src_gen.pdbx_host_org_tissue               ? 
_entity_src_gen.pdbx_host_org_tissue_fraction      ? 
_entity_src_gen.pdbx_host_org_strain               ? 
_entity_src_gen.pdbx_host_org_variant              ? 
_entity_src_gen.pdbx_host_org_cell_line            ? 
_entity_src_gen.pdbx_host_org_atcc                 ? 
_entity_src_gen.pdbx_host_org_culture_collection   ? 
_entity_src_gen.pdbx_host_org_cell                 ? 
_entity_src_gen.pdbx_host_org_organelle            ? 
_entity_src_gen.pdbx_host_org_cellular_location    ? 
_entity_src_gen.pdbx_host_org_vector_type          ? 
_entity_src_gen.pdbx_host_org_vector               ? 
_entity_src_gen.host_org_details                   ? 
_entity_src_gen.expression_system_id               ? 
_entity_src_gen.plasmid_name                       ? 
_entity_src_gen.plasmid_details                    ? 
_entity_src_gen.pdbx_description                   ? 
# 
loop_
_chem_comp.id 
_chem_comp.type 
_chem_comp.mon_nstd_flag 
_chem_comp.name 
_chem_comp.pdbx_synonyms 
_chem_comp.formula 
_chem_comp.formula_weight 
ALA 'L-peptide linking' y ALANINE         ? 'C3 H7 N O2'     89.093  
ARG 'L-peptide linking' y ARGININE        ? 'C6 H15 N4 O2 1' 175.209 
ASN 'L-peptide linking' y ASPARAGINE      ? 'C4 H8 N2 O3'    132.118 
ASP 'L-peptide linking' y 'ASPARTIC ACID' ? 'C4 H7 N O4'     133.103 
CA  non-polymer         . 'CALCIUM ION'   ? 'Ca 2'           40.078  
GLN 'L-peptide linking' y GLUTAMINE       ? 'C5 H10 N2 O3'   146.144 
GLU 'L-peptide linking' y 'GLUTAMIC ACID' ? 'C5 H9 N O4'     147.129 
GLY 'peptide linking'   y GLYCINE         ? 'C2 H5 N O2'     75.067  
HIS 'L-peptide linking' y HISTIDINE       ? 'C6 H10 N3 O2 1' 156.162 
HOH non-polymer         . WATER           ? 'H2 O'           18.015  
ILE 'L-peptide linking' y ISOLEUCINE      ? 'C6 H13 N O2'    131.173 
LEU 'L-peptide linking' y LEUCINE         ? 'C6 H13 N O2'    131.173 
LYS 'L-peptide linking' y LYSINE          ? 'C6 H15 N2 O2 1' 147.195 
MET 'L-peptide linking' y METHIONINE      ? 'C5 H11 N O2 S'  149.211 
PHE 'L-peptide linking' y PHENYLALANINE   ? 'C9 H11 N O2'    165.189 
PRO 'L-peptide linking' y PROLINE         ? 'C5 H9 N O2'     115.130 
SER 'L-peptide linking' y SERINE          ? 'C3 H7 N O3'     105.093 
THR 'L-peptide linking' y THREONINE       ? 'C4 H9 N O3'     119.119 
TYR 'L-peptide linking' y TYROSINE        ? 'C9 H11 N O3'    181.189 
VAL 'L-peptide linking' y VALINE          ? 'C5 H11 N O2'    117.146 
# 
loop_
_pdbx_poly_seq_scheme.asym_id 
_pdbx_poly_seq_scheme.entity_id 
_pdbx_poly_seq_scheme.seq_id 
_pdbx_poly_seq_scheme.mon_id 
_pdbx_poly_seq_scheme.ndb_seq_num 
_pdbx_poly_seq_scheme.pdb_seq_num 
_pdbx_poly_seq_scheme.auth_seq_num 
_pdbx_poly_seq_scheme.pdb_mon_id 
_pdbx_poly_seq_scheme.auth_mon_id 
_pdbx_poly_seq_scheme.pdb_strand_id 
_pdbx_poly_seq_scheme.pdb_ins_code 
_pdbx_poly_seq_scheme.hetero 
A 1 1  MET 1  1  ?  ?   ?   A . n 
A 1 2  LYS 2  2  ?  ?   ?   A . n 
A 1 3  ASP 3  3  ?  ?   ?   A . n 
A 1 4  THR 4  4  ?  ?   ?   A . n 
A 1 5  ASP 5  5  ?  ?   ?   A . n 
A 1 6  SER 6  6  ?  ?   ?   A . n 
A 1 7  GLU 7  7  7  GLU GLU A . n 
A 1 8  GLU 8  8  8  GLU GLU A . n 
A 1 9  GLU 9  9  9  GLU GLU A . n 
A 1 10 LEU 10 10 10 LEU LEU A . n 
A 1 11 ARG 11 11 11 ARG ARG A . n 
A 1 12 GLU 12 12 12 GLU GLU A . n 
A 1 13 GLN 13 13 13 GLN GLN A . n 
A 1 14 PHE 14 14 14 PHE PHE A . n 
A 1 15 ARG 15 15 15 ARG ARG A . n 
A 1 16 VAL 16 16 16 VAL VAL A . n 
A 1 17 GLU 17 17 17 GLU GLU A . n 
A 1 18 ASP 18 18 18 ASP ASP A . n 
A 1 19 LYS 19 19 19 LYS LYS A . n 
A 1 20 ASP 20 20 20 ASP ASP A . n 
A 1 21 GLY 21 21 21 GLY GLY A . n 
A 1 22 ASN 22 22 22 ASN ASN A . n 
A 1 23 GLY 23 23 23 GLY GLY A . n 
A 1 24 TYR 24 24 24 TYR TYR A . n 
A 1 25 ILE 25 25 25 ILE ILE A . n 
A 1 26 SER 26 26 26 SER SER A . n 
A 1 27 ALA 27 27 27 ALA ALA A . n 
A 1 28 ALA 28 28 28 ALA ALA A . n 
A 1 29 GLU 29 29 29 GLU GLU A . n 
A 1 30 LEU 30 30 30 LEU LEU A . n 
A 1 31 ARG 31 31 31 ARG ARG A . n 
A 1 32 ILE 32 32 32 ILE ILE A . n 
A 1 33 VAL 33 33 33 VAL VAL A . n 
A 1 34 MET 34 34 34 MET MET A . n 
A 1 35 THR 35 35 35 THR THR A . n 
A 1 36 ASN 36 36 36 ASN ASN A . n 
A 1 37 ARG 37 37 37 ARG ARG A . n 
A 1 38 GLY 38 38 38 GLY GLY A . n 
A 1 39 GLU 39 39 39 GLU GLU A . n 
A 1 40 PRO 40 40 40 PRO PRO A . n 
A 1 41 LEU 41 41 41 LEU LEU A . n 
A 1 42 THR 42 42 42 THR THR A . n 
A 1 43 ASP 43 43 43 ASP ASP A . n 
A 1 44 GLU 44 44 44 GLU GLU A . n 
A 1 45 GLU 45 45 45 GLU GLU A . n 
A 1 46 VAL 46 46 46 VAL VAL A . n 
A 1 47 ASP 47 47 47 ASP ASP A . n 
A 1 48 GLU 48 48 48 GLU GLU A . n 
A 1 49 LEU 49 49 49 LEU LEU A . n 
A 1 50 HIS 50 50 50 HIS HIS A . n 
A 1 51 ARG 51 51 51 ARG ARG A . n 
A 1 52 GLU 52 52 52 GLU GLU A . n 
A 1 53 THR 53 53 53 THR THR A . n 
A 1 54 ASP 54 54 54 ASP ASP A . n 
A 1 55 ILE 55 55 55 ILE ILE A . n 
A 1 56 ASP 56 56 56 ASP ASP A . n 
A 1 57 GLY 57 57 57 GLY GLY A . n 
A 1 58 ASP 58 58 58 ASP ASP A . n 
A 1 59 GLY 59 59 59 GLY GLY A . n 
A 1 60 GLN 60 60 60 GLN GLN A . n 
A 1 61 VAL 61 61 61 VAL VAL A . n 
A 1 62 ASN 62 62 62 ASN ASN A . n 
A 1 63 TYR 63 63 63 TYR TYR A . n 
A 1 64 GLU 64 64 64 GLU GLU A . n 
A 1 65 GLU 65 65 65 GLU GLU A . n 
A 1 66 PHE 66 66 66 PHE PHE A . n 
A 1 67 VAL 67 67 67 VAL VAL A . n 
A 1 68 GLN 68 68 68 GLN GLN A . n 
A 1 69 ARG 69 69 69 ARG ARG A . n 
A 1 70 MET 70 70 70 MET MET A . n 
A 1 71 ARG 71 71 71 ARG ARG A . n 
A 1 72 ALA 72 72 72 ALA ALA A . n 
A 1 73 LYS 73 73 ?  ?   ?   A . n 
B 1 1  MET 1  1  ?  ?   ?   B . n 
B 1 2  LYS 2  2  ?  ?   ?   B . n 
B 1 3  ASP 3  3  ?  ?   ?   B . n 
B 1 4  THR 4  4  ?  ?   ?   B . n 
B 1 5  ASP 5  5  ?  ?   ?   B . n 
B 1 6  SER 6  6  ?  ?   ?   B . n 
B 1 7  GLU 7  7  7  GLU GLU B . n 
B 1 8  GLU 8  8  8  GLU GLU B . n 
B 1 9  GLU 9  9  9  GLU GLU B . n 
B 1 10 LEU 10 10 10 LEU LEU B . n 
B 1 11 ARG 11 11 11 ARG ARG B . n 
B 1 12 GLU 12 12 12 GLU GLU B . n 
B 1 13 GLN 13 13 13 GLN GLN B . n 
B 1 14 PHE 14 14 14 PHE PHE B . n 
B 1 15 ARG 15 15 15 ARG ARG B . n 
B 1 16 VAL 16 16 16 VAL VAL B . n 
B 1 17 GLU 17 17 17 GLU GLU B . n 
B 1 18 ASP 18 18 18 ASP ASP B . n 
B 1 19 LYS 19 19 19 LYS LYS B . n 
B 1 20 ASP 20 20 20 ASP ASP B . n 
B 1 21 GLY 21 21 21 GLY GLY B . n 
B 1 22 ASN 22 22 22 ASN ASN B . n 
B 1 23 GLY 23 23 23 GLY GLY B . n 
B 1 24 TYR 24 24 24 TYR TYR B . n 
B 1 25 ILE 25 25 25 ILE ILE B . n 
B 1 26 SER 26 26 26 SER SER B . n 
B 1 27 ALA 27 27 27 ALA ALA B . n 
B 1 28 ALA 28 28 28 ALA ALA B . n 
B 1 29 GLU 29 29 29 GLU GLU B . n 
B 1 30 LEU 30 30 30 LEU LEU B . n 
B 1 31 ARG 31 31 31 ARG ARG B . n 
B 1 32 ILE 32 32 32 ILE ILE B . n 
B 1 33 VAL 33 33 33 VAL VAL B . n 
B 1 34 MET 34 34 34 MET MET B . n 
B 1 35 THR 35 35 35 THR THR B . n 
B 1 36 ASN 36 36 36 ASN ASN B . n 
B 1 37 ARG 37 37 37 ARG ARG B . n 
B 1 38 GLY 38 38 38 GLY GLY B . n 
B 1 39 GLU 39 39 39 GLU GLU B . n 
B 1 40 PRO 40 40 40 PRO PRO B . n 
B 1 41 LEU 41 41 41 LEU LEU B . n 
B 1 42 THR 42 42 42 THR THR B . n 
B 1 43 ASP 43 43 43 ASP ASP B . n 
B 1 44 GLU 44 44 44 GLU GLU B . n 
B 1 45 GLU 45 45 45 GLU GLU B . n 
B 1 46 VAL 46 46 46 VAL VAL B . n 
B 1 47 ASP 47 47 47 ASP ASP B . n 
B 1 48 GLU 48 48 48 GLU GLU B . n 
B 1 49 LEU 49 49 49 LEU LEU B . n 
B 1 50 HIS 50 50 50 HIS HIS B . n 
B 1 51 ARG 51 51 51 ARG ARG B . n 
B 1 52 GLU 52 52 52 GLU GLU B . n 
B 1 53 THR 53 53 53 THR THR B . n 
B 1 54 ASP 54 54 54 ASP ASP B . n 
B 1 55 ILE 55 55 55 ILE ILE B . n 
B 1 56 ASP 56 56 56 ASP ASP B . n 
B 1 57 GLY 57 57 57 GLY GLY B . n 
B 1 58 ASP 58 58 58 ASP ASP B . n 
B 1 59 GLY 59 59 59 GLY GLY B . n 
B 1 60 GLN 60 60 60 GLN GLN B . n 
B 1 61 VAL 61 61 61 VAL VAL B . n 
B 1 62 ASN 62 62 62 ASN ASN B . n 
B 1 63 TYR 63 63 63 TYR TYR B . n 
B 1 64 GLU 64 64 64 GLU GLU B . n 
B 1 65 GLU 65 65 65 GLU GLU B . n 
B 1 66 PHE 66 66 66 PHE PHE B . n 
B 1 67 VAL 67 67 67 VAL VAL B . n 
B 1 68 GLN 68 68 68 GLN GLN B . n 
B 1 69 ARG 69 69 69 ARG ARG B . n 
B 1 70 MET 70 70 70 MET MET B . n 
B 1 71 ARG 71 71 71 ARG ARG B . n 
B 1 72 ALA 72 72 72 ALA ALA B . n 
B 1 73 LYS 73 73 ?  ?   ?   B . n 
# 
loop_
_pdbx_nonpoly_scheme.asym_id 
_pdbx_nonpoly_scheme.entity_id 
_pdbx_nonpoly_scheme.mon_id 
_pdbx_nonpoly_scheme.ndb_seq_num 
_pdbx_nonpoly_scheme.pdb_seq_num 
_pdbx_nonpoly_scheme.auth_seq_num 
_pdbx_nonpoly_scheme.pdb_mon_id 
_pdbx_nonpoly_scheme.auth_mon_id 
_pdbx_nonpoly_scheme.pdb_strand_id 
_pdbx_nonpoly_scheme.pdb_ins_code 
C 2 CA  1  101 1   CA  CA  A . 
D 2 CA  1  102 2   CA  CA  A . 
E 2 CA  1  103 7   CA  CA  A . 
F 2 CA  1  101 4   CA  CA  B . 
G 2 CA  1  102 5   CA  CA  B . 
H 2 CA  1  103 6   CA  CA  B . 
I 3 HOH 1  201 122 HOH HOH A . 
I 3 HOH 2  202 91  HOH HOH A . 
I 3 HOH 3  203 39  HOH HOH A . 
I 3 HOH 4  204 155 HOH HOH A . 
I 3 HOH 5  205 117 HOH HOH A . 
I 3 HOH 6  206 3   HOH HOH A . 
I 3 HOH 7  207 121 HOH HOH A . 
I 3 HOH 8  208 48  HOH HOH A . 
I 3 HOH 9  209 12  HOH HOH A . 
I 3 HOH 10 210 80  HOH HOH A . 
I 3 HOH 11 211 18  HOH HOH A . 
I 3 HOH 12 212 40  HOH HOH A . 
I 3 HOH 13 213 41  HOH HOH A . 
I 3 HOH 14 214 46  HOH HOH A . 
I 3 HOH 15 215 44  HOH HOH A . 
I 3 HOH 16 216 16  HOH HOH A . 
I 3 HOH 17 217 34  HOH HOH A . 
I 3 HOH 18 218 70  HOH HOH A . 
I 3 HOH 19 219 71  HOH HOH A . 
I 3 HOH 20 220 33  HOH HOH A . 
I 3 HOH 21 221 35  HOH HOH A . 
I 3 HOH 22 222 50  HOH HOH A . 
I 3 HOH 23 223 53  HOH HOH A . 
I 3 HOH 24 224 84  HOH HOH A . 
I 3 HOH 25 225 114 HOH HOH A . 
I 3 HOH 26 226 95  HOH HOH A . 
I 3 HOH 27 227 13  HOH HOH A . 
I 3 HOH 28 228 137 HOH HOH A . 
I 3 HOH 29 229 23  HOH HOH A . 
I 3 HOH 30 230 62  HOH HOH A . 
I 3 HOH 31 231 110 HOH HOH A . 
I 3 HOH 32 232 79  HOH HOH A . 
I 3 HOH 33 233 22  HOH HOH A . 
I 3 HOH 34 234 14  HOH HOH A . 
I 3 HOH 35 235 113 HOH HOH A . 
I 3 HOH 36 236 17  HOH HOH A . 
I 3 HOH 37 237 64  HOH HOH A . 
I 3 HOH 38 238 81  HOH HOH A . 
I 3 HOH 39 239 103 HOH HOH A . 
I 3 HOH 40 240 29  HOH HOH A . 
I 3 HOH 41 241 52  HOH HOH A . 
I 3 HOH 42 242 67  HOH HOH A . 
I 3 HOH 43 243 31  HOH HOH A . 
I 3 HOH 44 244 58  HOH HOH A . 
I 3 HOH 45 245 38  HOH HOH A . 
I 3 HOH 46 246 6   HOH HOH A . 
I 3 HOH 47 247 112 HOH HOH A . 
I 3 HOH 48 248 90  HOH HOH A . 
I 3 HOH 49 249 60  HOH HOH A . 
I 3 HOH 50 250 69  HOH HOH A . 
I 3 HOH 51 251 42  HOH HOH A . 
I 3 HOH 52 252 86  HOH HOH A . 
I 3 HOH 53 253 161 HOH HOH A . 
I 3 HOH 54 254 109 HOH HOH A . 
I 3 HOH 55 255 124 HOH HOH A . 
I 3 HOH 56 256 130 HOH HOH A . 
I 3 HOH 57 257 20  HOH HOH A . 
I 3 HOH 58 258 128 HOH HOH A . 
I 3 HOH 59 259 127 HOH HOH A . 
I 3 HOH 60 260 105 HOH HOH A . 
I 3 HOH 61 261 36  HOH HOH A . 
I 3 HOH 62 262 131 HOH HOH A . 
I 3 HOH 63 263 146 HOH HOH A . 
I 3 HOH 64 264 74  HOH HOH A . 
I 3 HOH 65 265 126 HOH HOH A . 
J 3 HOH 1  201 51  HOH HOH B . 
J 3 HOH 2  202 21  HOH HOH B . 
J 3 HOH 3  203 49  HOH HOH B . 
J 3 HOH 4  204 10  HOH HOH B . 
J 3 HOH 5  205 61  HOH HOH B . 
J 3 HOH 6  206 132 HOH HOH B . 
J 3 HOH 7  207 65  HOH HOH B . 
J 3 HOH 8  208 4   HOH HOH B . 
J 3 HOH 9  209 68  HOH HOH B . 
J 3 HOH 10 210 115 HOH HOH B . 
J 3 HOH 11 211 7   HOH HOH B . 
J 3 HOH 12 212 85  HOH HOH B . 
J 3 HOH 13 213 100 HOH HOH B . 
J 3 HOH 14 214 66  HOH HOH B . 
J 3 HOH 15 215 78  HOH HOH B . 
J 3 HOH 16 216 15  HOH HOH B . 
J 3 HOH 17 217 25  HOH HOH B . 
J 3 HOH 18 218 19  HOH HOH B . 
J 3 HOH 19 219 8   HOH HOH B . 
J 3 HOH 20 220 158 HOH HOH B . 
J 3 HOH 21 221 54  HOH HOH B . 
J 3 HOH 22 222 89  HOH HOH B . 
J 3 HOH 23 223 118 HOH HOH B . 
J 3 HOH 24 224 9   HOH HOH B . 
J 3 HOH 25 225 2   HOH HOH B . 
J 3 HOH 26 226 1   HOH HOH B . 
J 3 HOH 27 227 32  HOH HOH B . 
J 3 HOH 28 228 5   HOH HOH B . 
J 3 HOH 29 229 11  HOH HOH B . 
J 3 HOH 30 230 43  HOH HOH B . 
J 3 HOH 31 231 37  HOH HOH B . 
J 3 HOH 32 232 45  HOH HOH B . 
J 3 HOH 33 233 76  HOH HOH B . 
J 3 HOH 34 234 55  HOH HOH B . 
J 3 HOH 35 235 153 HOH HOH B . 
J 3 HOH 36 236 107 HOH HOH B . 
J 3 HOH 37 237 24  HOH HOH B . 
J 3 HOH 38 238 56  HOH HOH B . 
J 3 HOH 39 239 92  HOH HOH B . 
J 3 HOH 40 240 119 HOH HOH B . 
J 3 HOH 41 241 73  HOH HOH B . 
J 3 HOH 42 242 77  HOH HOH B . 
J 3 HOH 43 243 59  HOH HOH B . 
J 3 HOH 44 244 123 HOH HOH B . 
J 3 HOH 45 245 96  HOH HOH B . 
J 3 HOH 46 246 154 HOH HOH B . 
J 3 HOH 47 247 111 HOH HOH B . 
J 3 HOH 48 248 57  HOH HOH B . 
J 3 HOH 49 249 27  HOH HOH B . 
J 3 HOH 50 250 28  HOH HOH B . 
J 3 HOH 51 251 47  HOH HOH B . 
J 3 HOH 52 252 72  HOH HOH B . 
J 3 HOH 53 253 99  HOH HOH B . 
J 3 HOH 54 254 98  HOH HOH B . 
J 3 HOH 55 255 162 HOH HOH B . 
J 3 HOH 56 256 75  HOH HOH B . 
J 3 HOH 57 257 139 HOH HOH B . 
J 3 HOH 58 258 156 HOH HOH B . 
J 3 HOH 59 259 63  HOH HOH B . 
J 3 HOH 60 260 147 HOH HOH B . 
J 3 HOH 61 261 157 HOH HOH B . 
J 3 HOH 62 262 93  HOH HOH B . 
J 3 HOH 63 263 30  HOH HOH B . 
J 3 HOH 64 264 83  HOH HOH B . 
J 3 HOH 65 265 26  HOH HOH B . 
J 3 HOH 66 266 125 HOH HOH B . 
# 
loop_
_software.citation_id 
_software.classification 
_software.compiler_name 
_software.compiler_version 
_software.contact_author 
_software.contact_author_email 
_software.date 
_software.description 
_software.dependencies 
_software.hardware 
_software.language 
_software.location 
_software.mods 
_software.name 
_software.os 
_software.os_version 
_software.type 
_software.version 
_software.pdbx_ordinal 
? refinement       ? ? ? ? ? ? ? ? ? ? ? PHENIX      ? ? ? 1.19_4092 1 
? 'data reduction' ? ? ? ? ? ? ? ? ? ? ? CrysalisPro ? ? ? .         2 
? 'data scaling'   ? ? ? ? ? ? ? ? ? ? ? Aimless     ? ? ? .         3 
? phasing          ? ? ? ? ? ? ? ? ? ? ? MOLREP      ? ? ? .         4 
# 
_cell.angle_alpha                  90.000 
_cell.angle_alpha_esd              ? 
_cell.angle_beta                   90.000 
_cell.angle_beta_esd               ? 
_cell.angle_gamma                  90.000 
_cell.angle_gamma_esd              ? 
_cell.entry_id                     7VUT 
_cell.details                      ? 
_cell.formula_units_Z              ? 
_cell.length_a                     27.313 
_cell.length_a_esd                 ? 
_cell.length_b                     50.499 
_cell.length_b_esd                 ? 
_cell.length_c                     88.246 
_cell.length_c_esd                 ? 
_cell.volume                       121714.399 
_cell.volume_esd                   ? 
_cell.Z_PDB                        8 
_cell.reciprocal_angle_alpha       ? 
_cell.reciprocal_angle_beta        ? 
_cell.reciprocal_angle_gamma       ? 
_cell.reciprocal_angle_alpha_esd   ? 
_cell.reciprocal_angle_beta_esd    ? 
_cell.reciprocal_angle_gamma_esd   ? 
_cell.reciprocal_length_a          ? 
_cell.reciprocal_length_b          ? 
_cell.reciprocal_length_c          ? 
_cell.reciprocal_length_a_esd      ? 
_cell.reciprocal_length_b_esd      ? 
_cell.reciprocal_length_c_esd      ? 
_cell.pdbx_unique_axis             ? 
# 
_symmetry.entry_id                         7VUT 
_symmetry.cell_setting                     ? 
_symmetry.Int_Tables_number                19 
_symmetry.space_group_name_Hall            'P 2ac 2ab' 
_symmetry.space_group_name_H-M             'P 21 21 21' 
_symmetry.pdbx_full_space_group_name_H-M   ? 
# 
_exptl.absorpt_coefficient_mu     ? 
_exptl.absorpt_correction_T_max   ? 
_exptl.absorpt_correction_T_min   ? 
_exptl.absorpt_correction_type    ? 
_exptl.absorpt_process_details    ? 
_exptl.entry_id                   7VUT 
_exptl.crystals_number            1 
_exptl.details                    ? 
_exptl.method                     'X-RAY DIFFRACTION' 
_exptl.method_details             ? 
# 
_exptl_crystal.colour                      ? 
_exptl_crystal.density_diffrn              ? 
_exptl_crystal.density_Matthews            1.78 
_exptl_crystal.density_method              ? 
_exptl_crystal.density_percent_sol         30.79 
_exptl_crystal.description                 ? 
_exptl_crystal.F_000                       ? 
_exptl_crystal.id                          1 
_exptl_crystal.preparation                 ? 
_exptl_crystal.size_max                    ? 
_exptl_crystal.size_mid                    ? 
_exptl_crystal.size_min                    ? 
_exptl_crystal.size_rad                    ? 
_exptl_crystal.colour_lustre               ? 
_exptl_crystal.colour_modifier             ? 
_exptl_crystal.colour_primary              ? 
_exptl_crystal.density_meas                ? 
_exptl_crystal.density_meas_esd            ? 
_exptl_crystal.density_meas_gt             ? 
_exptl_crystal.density_meas_lt             ? 
_exptl_crystal.density_meas_temp           ? 
_exptl_crystal.density_meas_temp_esd       ? 
_exptl_crystal.density_meas_temp_gt        ? 
_exptl_crystal.density_meas_temp_lt        ? 
_exptl_crystal.pdbx_crystal_image_url      ? 
_exptl_crystal.pdbx_crystal_image_format   ? 
_exptl_crystal.pdbx_mosaicity              ? 
_exptl_crystal.pdbx_mosaicity_esd          ? 
# 
_exptl_crystal_grow.apparatus       ? 
_exptl_crystal_grow.atmosphere      ? 
_exptl_crystal_grow.crystal_id      1 
_exptl_crystal_grow.details         ? 
_exptl_crystal_grow.method          'VAPOR DIFFUSION, HANGING DROP' 
_exptl_crystal_grow.method_ref      ? 
_exptl_crystal_grow.pH              7 
_exptl_crystal_grow.pressure        ? 
_exptl_crystal_grow.pressure_esd    ? 
_exptl_crystal_grow.seeding         ? 
_exptl_crystal_grow.seeding_ref     ? 
_exptl_crystal_grow.temp            293 
_exptl_crystal_grow.temp_details    ? 
_exptl_crystal_grow.temp_esd        ? 
_exptl_crystal_grow.time            ? 
_exptl_crystal_grow.pdbx_details    'MPD, HEPES, calcium chloride, sodium chloride' 
_exptl_crystal_grow.pdbx_pH_range   ? 
# 
_diffrn.ambient_environment              ? 
_diffrn.ambient_temp                     120 
_diffrn.ambient_temp_details             ? 
_diffrn.ambient_temp_esd                 ? 
_diffrn.crystal_id                       1 
_diffrn.crystal_support                  ? 
_diffrn.crystal_treatment                ? 
_diffrn.details                          ? 
_diffrn.id                               1 
_diffrn.ambient_pressure                 ? 
_diffrn.ambient_pressure_esd             ? 
_diffrn.ambient_pressure_gt              ? 
_diffrn.ambient_pressure_lt              ? 
_diffrn.ambient_temp_gt                  ? 
_diffrn.ambient_temp_lt                  ? 
_diffrn.pdbx_serial_crystal_experiment   N 
# 
_diffrn_detector.details                      ? 
_diffrn_detector.detector                     PIXEL 
_diffrn_detector.diffrn_id                    1 
_diffrn_detector.type                         'DECTRIS PILATUS 200K' 
_diffrn_detector.area_resol_mean              ? 
_diffrn_detector.dtime                        ? 
_diffrn_detector.pdbx_frames_total            ? 
_diffrn_detector.pdbx_collection_time_total   ? 
_diffrn_detector.pdbx_collection_date         2020-05-01 
_diffrn_detector.pdbx_frequency               ? 
# 
_diffrn_radiation.collimation                      ? 
_diffrn_radiation.diffrn_id                        1 
_diffrn_radiation.filter_edge                      ? 
_diffrn_radiation.inhomogeneity                    ? 
_diffrn_radiation.monochromator                    ? 
_diffrn_radiation.polarisn_norm                    ? 
_diffrn_radiation.polarisn_ratio                   ? 
_diffrn_radiation.probe                            ? 
_diffrn_radiation.type                             ? 
_diffrn_radiation.xray_symbol                      ? 
_diffrn_radiation.wavelength_id                    1 
_diffrn_radiation.pdbx_monochromatic_or_laue_m_l   M 
_diffrn_radiation.pdbx_wavelength_list             ? 
_diffrn_radiation.pdbx_wavelength                  ? 
_diffrn_radiation.pdbx_diffrn_protocol             'SINGLE WAVELENGTH' 
_diffrn_radiation.pdbx_analyzer                    ? 
_diffrn_radiation.pdbx_scattering_type             x-ray 
# 
_diffrn_radiation_wavelength.id           1 
_diffrn_radiation_wavelength.wavelength   1.5406 
_diffrn_radiation_wavelength.wt           1.0 
# 
_diffrn_source.current                     ? 
_diffrn_source.details                     ? 
_diffrn_source.diffrn_id                   1 
_diffrn_source.power                       ? 
_diffrn_source.size                        ? 
_diffrn_source.source                      'ROTATING ANODE' 
_diffrn_source.target                      ? 
_diffrn_source.type                        'RIGAKU MICROMAX-007' 
_diffrn_source.voltage                     ? 
_diffrn_source.take-off_angle              ? 
_diffrn_source.pdbx_wavelength_list        1.5406 
_diffrn_source.pdbx_wavelength             ? 
_diffrn_source.pdbx_synchrotron_beamline   ? 
_diffrn_source.pdbx_synchrotron_site       ? 
# 
_reflns.B_iso_Wilson_estimate                          8.59 
_reflns.entry_id                                       7VUT 
_reflns.data_reduction_details                         ? 
_reflns.data_reduction_method                          ? 
_reflns.d_resolution_high                              1.7 
_reflns.d_resolution_low                               12.5 
_reflns.details                                        ? 
_reflns.limit_h_max                                    ? 
_reflns.limit_h_min                                    ? 
_reflns.limit_k_max                                    ? 
_reflns.limit_k_min                                    ? 
_reflns.limit_l_max                                    ? 
_reflns.limit_l_min                                    ? 
_reflns.number_all                                     ? 
_reflns.number_obs                                     13978 
_reflns.observed_criterion                             ? 
_reflns.observed_criterion_F_max                       ? 
_reflns.observed_criterion_F_min                       ? 
_reflns.observed_criterion_I_max                       ? 
_reflns.observed_criterion_I_min                       ? 
_reflns.observed_criterion_sigma_F                     ? 
_reflns.observed_criterion_sigma_I                     ? 
_reflns.percent_possible_obs                           99.3 
_reflns.R_free_details                                 ? 
_reflns.Rmerge_F_all                                   ? 
_reflns.Rmerge_F_obs                                   ? 
_reflns.Friedel_coverage                               ? 
_reflns.number_gt                                      ? 
_reflns.threshold_expression                           ? 
_reflns.pdbx_redundancy                                4.5 
_reflns.pdbx_Rmerge_I_obs                              0.081 
_reflns.pdbx_Rmerge_I_all                              ? 
_reflns.pdbx_Rsym_value                                ? 
_reflns.pdbx_netI_over_av_sigmaI                       ? 
_reflns.pdbx_netI_over_sigmaI                          10.0 
_reflns.pdbx_res_netI_over_av_sigmaI_2                 ? 
_reflns.pdbx_res_netI_over_sigmaI_2                    ? 
_reflns.pdbx_chi_squared                               ? 
_reflns.pdbx_scaling_rejects                           ? 
_reflns.pdbx_d_res_high_opt                            ? 
_reflns.pdbx_d_res_low_opt                             ? 
_reflns.pdbx_d_res_opt_method                          ? 
_reflns.phase_calculation_details                      ? 
_reflns.pdbx_Rrim_I_all                                ? 
_reflns.pdbx_Rpim_I_all                                0.058 
_reflns.pdbx_d_opt                                     ? 
_reflns.pdbx_number_measured_all                       ? 
_reflns.pdbx_diffrn_id                                 1 
_reflns.pdbx_ordinal                                   1 
_reflns.pdbx_CC_half                                   ? 
_reflns.pdbx_CC_star                                   ? 
_reflns.pdbx_R_split                                   ? 
_reflns.pdbx_aniso_diffraction_limit_axis_1_ortho[1]   ? 
_reflns.pdbx_aniso_diffraction_limit_axis_1_ortho[2]   ? 
_reflns.pdbx_aniso_diffraction_limit_axis_1_ortho[3]   ? 
_reflns.pdbx_aniso_diffraction_limit_axis_2_ortho[1]   ? 
_reflns.pdbx_aniso_diffraction_limit_axis_2_ortho[2]   ? 
_reflns.pdbx_aniso_diffraction_limit_axis_2_ortho[3]   ? 
_reflns.pdbx_aniso_diffraction_limit_axis_3_ortho[1]   ? 
_reflns.pdbx_aniso_diffraction_limit_axis_3_ortho[2]   ? 
_reflns.pdbx_aniso_diffraction_limit_axis_3_ortho[3]   ? 
_reflns.pdbx_aniso_diffraction_limit_1                 ? 
_reflns.pdbx_aniso_diffraction_limit_2                 ? 
_reflns.pdbx_aniso_diffraction_limit_3                 ? 
_reflns.pdbx_aniso_B_tensor_eigenvector_1_ortho[1]     ? 
_reflns.pdbx_aniso_B_tensor_eigenvector_1_ortho[2]     ? 
_reflns.pdbx_aniso_B_tensor_eigenvector_1_ortho[3]     ? 
_reflns.pdbx_aniso_B_tensor_eigenvector_2_ortho[1]     ? 
_reflns.pdbx_aniso_B_tensor_eigenvector_2_ortho[2]     ? 
_reflns.pdbx_aniso_B_tensor_eigenvector_2_ortho[3]     ? 
_reflns.pdbx_aniso_B_tensor_eigenvector_3_ortho[1]     ? 
_reflns.pdbx_aniso_B_tensor_eigenvector_3_ortho[2]     ? 
_reflns.pdbx_aniso_B_tensor_eigenvector_3_ortho[3]     ? 
_reflns.pdbx_aniso_B_tensor_eigenvalue_1               ? 
_reflns.pdbx_aniso_B_tensor_eigenvalue_2               ? 
_reflns.pdbx_aniso_B_tensor_eigenvalue_3               ? 
_reflns.pdbx_orthogonalization_convention              ? 
_reflns.pdbx_percent_possible_ellipsoidal              ? 
_reflns.pdbx_percent_possible_spherical                ? 
_reflns.pdbx_percent_possible_ellipsoidal_anomalous    ? 
_reflns.pdbx_percent_possible_spherical_anomalous      ? 
_reflns.pdbx_redundancy_anomalous                      ? 
_reflns.pdbx_CC_half_anomalous                         ? 
_reflns.pdbx_absDiff_over_sigma_anomalous              ? 
_reflns.pdbx_percent_possible_anomalous                ? 
_reflns.pdbx_observed_signal_threshold                 ? 
_reflns.pdbx_signal_type                               ? 
_reflns.pdbx_signal_details                            ? 
_reflns.pdbx_signal_software_id                        ? 
# 
_reflns_shell.d_res_high                                    1.7 
_reflns_shell.d_res_low                                     1.73 
_reflns_shell.meanI_over_sigI_all                           ? 
_reflns_shell.meanI_over_sigI_obs                           2.4 
_reflns_shell.number_measured_all                           ? 
_reflns_shell.number_measured_obs                           ? 
_reflns_shell.number_possible                               ? 
_reflns_shell.number_unique_all                             ? 
_reflns_shell.number_unique_obs                             701 
_reflns_shell.percent_possible_all                          ? 
_reflns_shell.percent_possible_obs                          ? 
_reflns_shell.Rmerge_F_all                                  ? 
_reflns_shell.Rmerge_F_obs                                  ? 
_reflns_shell.Rmerge_I_all                                  ? 
_reflns_shell.Rmerge_I_obs                                  0.207 
_reflns_shell.meanI_over_sigI_gt                            ? 
_reflns_shell.meanI_over_uI_all                             ? 
_reflns_shell.meanI_over_uI_gt                              ? 
_reflns_shell.number_measured_gt                            ? 
_reflns_shell.number_unique_gt                              ? 
_reflns_shell.percent_possible_gt                           ? 
_reflns_shell.Rmerge_F_gt                                   ? 
_reflns_shell.Rmerge_I_gt                                   ? 
_reflns_shell.pdbx_redundancy                               2.3 
_reflns_shell.pdbx_Rsym_value                               ? 
_reflns_shell.pdbx_chi_squared                              ? 
_reflns_shell.pdbx_netI_over_sigmaI_all                     ? 
_reflns_shell.pdbx_netI_over_sigmaI_obs                     ? 
_reflns_shell.pdbx_Rrim_I_all                               ? 
_reflns_shell.pdbx_Rpim_I_all                               0.162 
_reflns_shell.pdbx_rejects                                  ? 
_reflns_shell.pdbx_ordinal                                  1 
_reflns_shell.pdbx_diffrn_id                                1 
_reflns_shell.pdbx_CC_half                                  ? 
_reflns_shell.pdbx_CC_star                                  ? 
_reflns_shell.pdbx_R_split                                  ? 
_reflns_shell.pdbx_percent_possible_ellipsoidal             ? 
_reflns_shell.pdbx_percent_possible_spherical               ? 
_reflns_shell.pdbx_percent_possible_ellipsoidal_anomalous   ? 
_reflns_shell.pdbx_percent_possible_spherical_anomalous     ? 
_reflns_shell.pdbx_redundancy_anomalous                     ? 
_reflns_shell.pdbx_CC_half_anomalous                        ? 
_reflns_shell.pdbx_absDiff_over_sigma_anomalous             ? 
_reflns_shell.pdbx_percent_possible_anomalous               ? 
# 
_refine.aniso_B[1][1]                            ? 
_refine.aniso_B[1][2]                            ? 
_refine.aniso_B[1][3]                            ? 
_refine.aniso_B[2][2]                            ? 
_refine.aniso_B[2][3]                            ? 
_refine.aniso_B[3][3]                            ? 
_refine.B_iso_max                                ? 
_refine.B_iso_mean                               12.28 
_refine.B_iso_min                                ? 
_refine.correlation_coeff_Fo_to_Fc               ? 
_refine.correlation_coeff_Fo_to_Fc_free          ? 
_refine.details                                  ? 
_refine.diff_density_max                         ? 
_refine.diff_density_max_esd                     ? 
_refine.diff_density_min                         ? 
_refine.diff_density_min_esd                     ? 
_refine.diff_density_rms                         ? 
_refine.diff_density_rms_esd                     ? 
_refine.entry_id                                 7VUT 
_refine.pdbx_refine_id                           'X-RAY DIFFRACTION' 
_refine.ls_abs_structure_details                 ? 
_refine.ls_abs_structure_Flack                   ? 
_refine.ls_abs_structure_Flack_esd               ? 
_refine.ls_abs_structure_Rogers                  ? 
_refine.ls_abs_structure_Rogers_esd              ? 
_refine.ls_d_res_high                            1.70 
_refine.ls_d_res_low                             12.50 
_refine.ls_extinction_coef                       ? 
_refine.ls_extinction_coef_esd                   ? 
_refine.ls_extinction_expression                 ? 
_refine.ls_extinction_method                     ? 
_refine.ls_goodness_of_fit_all                   ? 
_refine.ls_goodness_of_fit_all_esd               ? 
_refine.ls_goodness_of_fit_obs                   ? 
_refine.ls_goodness_of_fit_obs_esd               ? 
_refine.ls_hydrogen_treatment                    ? 
_refine.ls_matrix_type                           ? 
_refine.ls_number_constraints                    ? 
_refine.ls_number_parameters                     ? 
_refine.ls_number_reflns_all                     ? 
_refine.ls_number_reflns_obs                     13938 
_refine.ls_number_reflns_R_free                  663 
_refine.ls_number_reflns_R_work                  13275 
_refine.ls_number_restraints                     ? 
_refine.ls_percent_reflns_obs                    99.47 
_refine.ls_percent_reflns_R_free                 4.76 
_refine.ls_R_factor_all                          ? 
_refine.ls_R_factor_obs                          0.1996 
_refine.ls_R_factor_R_free                       0.2452 
_refine.ls_R_factor_R_free_error                 ? 
_refine.ls_R_factor_R_free_error_details         ? 
_refine.ls_R_factor_R_work                       0.1972 
_refine.ls_R_Fsqd_factor_obs                     ? 
_refine.ls_R_I_factor_obs                        ? 
_refine.ls_redundancy_reflns_all                 ? 
_refine.ls_redundancy_reflns_obs                 ? 
_refine.ls_restrained_S_all                      ? 
_refine.ls_restrained_S_obs                      ? 
_refine.ls_shift_over_esd_max                    ? 
_refine.ls_shift_over_esd_mean                   ? 
_refine.ls_structure_factor_coef                 ? 
_refine.ls_weighting_details                     ? 
_refine.ls_weighting_scheme                      ? 
_refine.ls_wR_factor_all                         ? 
_refine.ls_wR_factor_obs                         ? 
_refine.ls_wR_factor_R_free                      ? 
_refine.ls_wR_factor_R_work                      ? 
_refine.occupancy_max                            ? 
_refine.occupancy_min                            ? 
_refine.solvent_model_details                    'FLAT BULK SOLVENT MODEL' 
_refine.solvent_model_param_bsol                 ? 
_refine.solvent_model_param_ksol                 ? 
_refine.pdbx_R_complete                          ? 
_refine.ls_R_factor_gt                           ? 
_refine.ls_goodness_of_fit_gt                    ? 
_refine.ls_goodness_of_fit_ref                   ? 
_refine.ls_shift_over_su_max                     ? 
_refine.ls_shift_over_su_max_lt                  ? 
_refine.ls_shift_over_su_mean                    ? 
_refine.ls_shift_over_su_mean_lt                 ? 
_refine.pdbx_ls_sigma_I                          ? 
_refine.pdbx_ls_sigma_F                          1.40 
_refine.pdbx_ls_sigma_Fsqd                       ? 
_refine.pdbx_data_cutoff_high_absF               ? 
_refine.pdbx_data_cutoff_high_rms_absF           ? 
_refine.pdbx_data_cutoff_low_absF                ? 
_refine.pdbx_isotropic_thermal_model             ? 
_refine.pdbx_ls_cross_valid_method               'FREE R-VALUE' 
_refine.pdbx_method_to_determine_struct          'MOLECULAR REPLACEMENT' 
_refine.pdbx_starting_model                      ? 
_refine.pdbx_stereochemistry_target_values       'GeoStd + Monomer Library + CDL v1.2' 
_refine.pdbx_R_Free_selection_details            ? 
_refine.pdbx_stereochem_target_val_spec_case     ? 
_refine.pdbx_overall_ESU_R                       ? 
_refine.pdbx_overall_ESU_R_Free                  ? 
_refine.pdbx_solvent_vdw_probe_radii             1.1100 
_refine.pdbx_solvent_ion_probe_radii             ? 
_refine.pdbx_solvent_shrinkage_radii             0.9000 
_refine.pdbx_real_space_R                        ? 
_refine.pdbx_density_correlation                 ? 
_refine.pdbx_pd_number_of_powder_patterns        ? 
_refine.pdbx_pd_number_of_points                 ? 
_refine.pdbx_pd_meas_number_of_points            ? 
_refine.pdbx_pd_proc_ls_prof_R_factor            ? 
_refine.pdbx_pd_proc_ls_prof_wR_factor           ? 
_refine.pdbx_pd_Marquardt_correlation_coeff      ? 
_refine.pdbx_pd_Fsqrd_R_factor                   ? 
_refine.pdbx_pd_ls_matrix_band_width             ? 
_refine.pdbx_overall_phase_error                 21.1271 
_refine.pdbx_overall_SU_R_free_Cruickshank_DPI   ? 
_refine.pdbx_overall_SU_R_free_Blow_DPI          ? 
_refine.pdbx_overall_SU_R_Blow_DPI               ? 
_refine.pdbx_TLS_residual_ADP_flag               ? 
_refine.pdbx_diffrn_id                           1 
_refine.overall_SU_B                             ? 
_refine.overall_SU_ML                            0.1867 
_refine.overall_SU_R_Cruickshank_DPI             ? 
_refine.overall_SU_R_free                        ? 
_refine.overall_FOM_free_R_set                   ? 
_refine.overall_FOM_work_R_set                   ? 
_refine.pdbx_average_fsc_overall                 ? 
_refine.pdbx_average_fsc_work                    ? 
_refine.pdbx_average_fsc_free                    ? 
# 
_refine_hist.pdbx_refine_id                   'X-RAY DIFFRACTION' 
_refine_hist.cycle_id                         LAST 
_refine_hist.details                          ? 
_refine_hist.d_res_high                       1.70 
_refine_hist.d_res_low                        12.50 
_refine_hist.number_atoms_solvent             131 
_refine_hist.number_atoms_total               1221 
_refine_hist.number_reflns_all                ? 
_refine_hist.number_reflns_obs                ? 
_refine_hist.number_reflns_R_free             ? 
_refine_hist.number_reflns_R_work             ? 
_refine_hist.R_factor_all                     ? 
_refine_hist.R_factor_obs                     ? 
_refine_hist.R_factor_R_free                  ? 
_refine_hist.R_factor_R_work                  ? 
_refine_hist.pdbx_number_residues_total       ? 
_refine_hist.pdbx_B_iso_mean_ligand           ? 
_refine_hist.pdbx_B_iso_mean_solvent          ? 
_refine_hist.pdbx_number_atoms_protein        1084 
_refine_hist.pdbx_number_atoms_nucleic_acid   0 
_refine_hist.pdbx_number_atoms_ligand         6 
_refine_hist.pdbx_number_atoms_lipid          ? 
_refine_hist.pdbx_number_atoms_carb           ? 
_refine_hist.pdbx_pseudo_atom_details         ? 
# 
loop_
_refine_ls_restr.pdbx_refine_id 
_refine_ls_restr.criterion 
_refine_ls_restr.dev_ideal 
_refine_ls_restr.dev_ideal_target 
_refine_ls_restr.number 
_refine_ls_restr.rejects 
_refine_ls_restr.type 
_refine_ls_restr.weight 
_refine_ls_restr.pdbx_restraint_function 
'X-RAY DIFFRACTION' ? 0.0055  ? 1094 ? f_bond_d           ? ? 
'X-RAY DIFFRACTION' ? 0.7405  ? 1468 ? f_angle_d          ? ? 
'X-RAY DIFFRACTION' ? 0.0486  ? 152  ? f_chiral_restr     ? ? 
'X-RAY DIFFRACTION' ? 0.0055  ? 208  ? f_plane_restr      ? ? 
'X-RAY DIFFRACTION' ? 14.1232 ? 432  ? f_dihedral_angle_d ? ? 
# 
loop_
_refine_ls_shell.pdbx_refine_id 
_refine_ls_shell.d_res_high 
_refine_ls_shell.d_res_low 
_refine_ls_shell.number_reflns_all 
_refine_ls_shell.number_reflns_obs 
_refine_ls_shell.number_reflns_R_free 
_refine_ls_shell.number_reflns_R_work 
_refine_ls_shell.percent_reflns_obs 
_refine_ls_shell.percent_reflns_R_free 
_refine_ls_shell.R_factor_all 
_refine_ls_shell.R_factor_obs 
_refine_ls_shell.R_factor_R_free 
_refine_ls_shell.R_factor_R_free_error 
_refine_ls_shell.R_factor_R_work 
_refine_ls_shell.redundancy_reflns_all 
_refine_ls_shell.redundancy_reflns_obs 
_refine_ls_shell.wR_factor_all 
_refine_ls_shell.wR_factor_obs 
_refine_ls_shell.wR_factor_R_free 
_refine_ls_shell.wR_factor_R_work 
_refine_ls_shell.pdbx_R_complete 
_refine_ls_shell.pdbx_total_number_of_bins_used 
_refine_ls_shell.pdbx_phase_error 
_refine_ls_shell.pdbx_fsc_work 
_refine_ls_shell.pdbx_fsc_free 
'X-RAY DIFFRACTION' 1.70 1.83  . . 121 2558 97.92 . . . 0.2686 . 0.2202 . . . . . . . . . . . 
'X-RAY DIFFRACTION' 1.83 2.01  . . 143 2601 99.67 . . . 0.2609 . 0.2006 . . . . . . . . . . . 
'X-RAY DIFFRACTION' 2.01 2.30  . . 128 2654 99.96 . . . 0.2478 . 0.1920 . . . . . . . . . . . 
'X-RAY DIFFRACTION' 2.30 2.90  . . 130 2660 99.96 . . . 0.2543 . 0.1973 . . . . . . . . . . . 
'X-RAY DIFFRACTION' 2.90 12.50 . . 141 2802 99.80 . . . 0.2233 . 0.1917 . . . . . . . . . . . 
# 
_struct.entry_id                     7VUT 
_struct.title                        'Crystal structure of AlleyCat10' 
_struct.pdbx_model_details           ? 
_struct.pdbx_formula_weight          ? 
_struct.pdbx_formula_weight_method   ? 
_struct.pdbx_model_type_details      ? 
_struct.pdbx_CASP_flag               N 
# 
_struct_keywords.entry_id        7VUT 
_struct_keywords.text            'Artificial, enzyme, calmodulin, BIOSYNTHETIC PROTEIN' 
_struct_keywords.pdbx_keywords   'BIOSYNTHETIC PROTEIN' 
# 
loop_
_struct_asym.id 
_struct_asym.pdbx_blank_PDB_chainid_flag 
_struct_asym.pdbx_modified 
_struct_asym.entity_id 
_struct_asym.details 
A N N 1 ? 
B N N 1 ? 
C N N 2 ? 
D N N 2 ? 
E N N 2 ? 
F N N 2 ? 
G N N 2 ? 
H N N 2 ? 
I N N 3 ? 
J N N 3 ? 
# 
_struct_ref.id                         1 
_struct_ref.db_name                    PDB 
_struct_ref.db_code                    7VUT 
_struct_ref.pdbx_db_accession          7VUT 
_struct_ref.pdbx_db_isoform            ? 
_struct_ref.entity_id                  1 
_struct_ref.pdbx_seq_one_letter_code   ? 
_struct_ref.pdbx_align_begin           1 
# 
loop_
_struct_ref_seq.align_id 
_struct_ref_seq.ref_id 
_struct_ref_seq.pdbx_PDB_id_code 
_struct_ref_seq.pdbx_strand_id 
_struct_ref_seq.seq_align_beg 
_struct_ref_seq.pdbx_seq_align_beg_ins_code 
_struct_ref_seq.seq_align_end 
_struct_ref_seq.pdbx_seq_align_end_ins_code 
_struct_ref_seq.pdbx_db_accession 
_struct_ref_seq.db_align_beg 
_struct_ref_seq.pdbx_db_align_beg_ins_code 
_struct_ref_seq.db_align_end 
_struct_ref_seq.pdbx_db_align_end_ins_code 
_struct_ref_seq.pdbx_auth_seq_align_beg 
_struct_ref_seq.pdbx_auth_seq_align_end 
1 1 7VUT A 1 ? 73 ? 7VUT 1 ? 73 ? 1 73 
2 1 7VUT B 1 ? 73 ? 7VUT 1 ? 73 ? 1 73 
# 
_pdbx_struct_assembly.id                   1 
_pdbx_struct_assembly.details              software_defined_assembly 
_pdbx_struct_assembly.method_details       PISA 
_pdbx_struct_assembly.oligomeric_details   dimeric 
_pdbx_struct_assembly.oligomeric_count     2 
# 
loop_
_pdbx_struct_assembly_prop.biol_id 
_pdbx_struct_assembly_prop.type 
_pdbx_struct_assembly_prop.value 
_pdbx_struct_assembly_prop.details 
1 'ABSA (A^2)' 1450 ? 
1 MORE         -63  ? 
1 'SSA (A^2)'  8140 ? 
# 
_pdbx_struct_assembly_gen.assembly_id       1 
_pdbx_struct_assembly_gen.oper_expression   1 
_pdbx_struct_assembly_gen.asym_id_list      A,B,C,D,E,F,G,H,I,J 
# 
_pdbx_struct_assembly_auth_evidence.id                     1 
_pdbx_struct_assembly_auth_evidence.assembly_id            1 
_pdbx_struct_assembly_auth_evidence.experimental_support   'equilibrium centrifugation' 
_pdbx_struct_assembly_auth_evidence.details                ? 
# 
_pdbx_struct_oper_list.id                   1 
_pdbx_struct_oper_list.type                 'identity operation' 
_pdbx_struct_oper_list.name                 1_555 
_pdbx_struct_oper_list.symmetry_operation   x,y,z 
_pdbx_struct_oper_list.matrix[1][1]         1.0000000000 
_pdbx_struct_oper_list.matrix[1][2]         0.0000000000 
_pdbx_struct_oper_list.matrix[1][3]         0.0000000000 
_pdbx_struct_oper_list.vector[1]            0.0000000000 
_pdbx_struct_oper_list.matrix[2][1]         0.0000000000 
_pdbx_struct_oper_list.matrix[2][2]         1.0000000000 
_pdbx_struct_oper_list.matrix[2][3]         0.0000000000 
_pdbx_struct_oper_list.vector[2]            0.0000000000 
_pdbx_struct_oper_list.matrix[3][1]         0.0000000000 
_pdbx_struct_oper_list.matrix[3][2]         0.0000000000 
_pdbx_struct_oper_list.matrix[3][3]         1.0000000000 
_pdbx_struct_oper_list.vector[3]            0.0000000000 
# 
loop_
_struct_conf.conf_type_id 
_struct_conf.id 
_struct_conf.pdbx_PDB_helix_id 
_struct_conf.beg_label_comp_id 
_struct_conf.beg_label_asym_id 
_struct_conf.beg_label_seq_id 
_struct_conf.pdbx_beg_PDB_ins_code 
_struct_conf.end_label_comp_id 
_struct_conf.end_label_asym_id 
_struct_conf.end_label_seq_id 
_struct_conf.pdbx_end_PDB_ins_code 
_struct_conf.beg_auth_comp_id 
_struct_conf.beg_auth_asym_id 
_struct_conf.beg_auth_seq_id 
_struct_conf.end_auth_comp_id 
_struct_conf.end_auth_asym_id 
_struct_conf.end_auth_seq_id 
_struct_conf.pdbx_PDB_helix_class 
_struct_conf.details 
_struct_conf.pdbx_PDB_helix_length 
HELX_P HELX_P1 AA1 GLU A 7  ? ASP A 18 ? GLU A 7  ASP A 18 1 ? 12 
HELX_P HELX_P2 AA2 SER A 26 ? ARG A 37 ? SER A 26 ARG A 37 1 ? 12 
HELX_P HELX_P3 AA3 THR A 42 ? ASP A 54 ? THR A 42 ASP A 54 1 ? 13 
HELX_P HELX_P4 AA4 ASN A 62 ? ALA A 72 ? ASN A 62 ALA A 72 1 ? 11 
HELX_P HELX_P5 AA5 GLU B 8  ? ASP B 18 ? GLU B 8  ASP B 18 1 ? 11 
HELX_P HELX_P6 AA6 SER B 26 ? ASN B 36 ? SER B 26 ASN B 36 1 ? 11 
HELX_P HELX_P7 AA7 THR B 42 ? ASP B 54 ? THR B 42 ASP B 54 1 ? 13 
HELX_P HELX_P8 AA8 ASN B 62 ? ARG B 71 ? ASN B 62 ARG B 71 1 ? 10 
# 
_struct_conf_type.id          HELX_P 
_struct_conf_type.criteria    ? 
_struct_conf_type.reference   ? 
# 
loop_
_struct_conn.id 
_struct_conn.conn_type_id 
_struct_conn.pdbx_leaving_atom_flag 
_struct_conn.pdbx_PDB_id 
_struct_conn.ptnr1_label_asym_id 
_struct_conn.ptnr1_label_comp_id 
_struct_conn.ptnr1_label_seq_id 
_struct_conn.ptnr1_label_atom_id 
_struct_conn.pdbx_ptnr1_label_alt_id 
_struct_conn.pdbx_ptnr1_PDB_ins_code 
_struct_conn.pdbx_ptnr1_standard_comp_id 
_struct_conn.ptnr1_symmetry 
_struct_conn.ptnr2_label_asym_id 
_struct_conn.ptnr2_label_comp_id 
_struct_conn.ptnr2_label_seq_id 
_struct_conn.ptnr2_label_atom_id 
_struct_conn.pdbx_ptnr2_label_alt_id 
_struct_conn.pdbx_ptnr2_PDB_ins_code 
_struct_conn.ptnr1_auth_asym_id 
_struct_conn.ptnr1_auth_comp_id 
_struct_conn.ptnr1_auth_seq_id 
_struct_conn.ptnr2_auth_asym_id 
_struct_conn.ptnr2_auth_comp_id 
_struct_conn.ptnr2_auth_seq_id 
_struct_conn.ptnr2_symmetry 
_struct_conn.pdbx_ptnr3_label_atom_id 
_struct_conn.pdbx_ptnr3_label_seq_id 
_struct_conn.pdbx_ptnr3_label_comp_id 
_struct_conn.pdbx_ptnr3_label_asym_id 
_struct_conn.pdbx_ptnr3_label_alt_id 
_struct_conn.pdbx_ptnr3_PDB_ins_code 
_struct_conn.details 
_struct_conn.pdbx_dist_value 
_struct_conn.pdbx_value_order 
_struct_conn.pdbx_role 
metalc1  metalc ? ? A GLU 12 OE1 ? ? ? 1_555 E CA . CA ? ? A GLU 12  A CA 103 1_655 ? ? ? ? ? ? ? 2.491 ? ? 
metalc2  metalc ? ? A GLU 12 OE2 ? ? ? 1_555 E CA . CA ? ? A GLU 12  A CA 103 1_655 ? ? ? ? ? ? ? 2.825 ? ? 
metalc3  metalc ? ? A ASP 18 OD1 ? ? ? 1_555 C CA . CA ? ? A ASP 18  A CA 101 1_555 ? ? ? ? ? ? ? 2.399 ? ? 
metalc4  metalc ? ? A ASP 20 OD1 ? ? ? 1_555 C CA . CA ? ? A ASP 20  A CA 101 1_555 ? ? ? ? ? ? ? 2.320 ? ? 
metalc5  metalc ? ? A ASN 22 OD1 ? ? ? 1_555 C CA . CA ? ? A ASN 22  A CA 101 1_555 ? ? ? ? ? ? ? 2.495 ? ? 
metalc6  metalc ? ? A TYR 24 O   ? ? ? 1_555 C CA . CA ? ? A TYR 24  A CA 101 1_555 ? ? ? ? ? ? ? 2.265 ? ? 
metalc7  metalc ? ? A GLU 29 OE1 ? ? ? 1_555 C CA . CA ? ? A GLU 29  A CA 101 1_555 ? ? ? ? ? ? ? 2.401 ? ? 
metalc8  metalc ? ? A GLU 29 OE2 ? ? ? 1_555 C CA . CA ? ? A GLU 29  A CA 101 1_555 ? ? ? ? ? ? ? 2.471 ? ? 
metalc9  metalc ? ? A GLU 52 OE1 ? ? ? 1_555 E CA . CA ? ? A GLU 52  A CA 103 1_555 ? ? ? ? ? ? ? 2.270 ? ? 
metalc10 metalc ? ? A ASP 54 OD1 ? ? ? 1_555 D CA . CA ? ? A ASP 54  A CA 102 1_555 ? ? ? ? ? ? ? 2.286 ? ? 
metalc11 metalc ? ? A ASP 56 OD1 ? ? ? 1_555 D CA . CA ? ? A ASP 56  A CA 102 1_555 ? ? ? ? ? ? ? 2.323 ? ? 
metalc12 metalc ? ? A ASP 58 OD1 ? ? ? 1_555 D CA . CA ? ? A ASP 58  A CA 102 1_555 ? ? ? ? ? ? ? 2.447 ? ? 
metalc13 metalc ? ? A GLN 60 O   ? ? ? 1_555 D CA . CA ? ? A GLN 60  A CA 102 1_555 ? ? ? ? ? ? ? 2.330 ? ? 
metalc14 metalc ? ? A GLU 64 OE1 ? ? ? 1_555 H CA . CA ? ? A GLU 64  B CA 103 4_556 ? ? ? ? ? ? ? 2.535 ? ? 
metalc15 metalc ? ? A GLU 64 OE2 ? ? ? 1_555 H CA . CA ? ? A GLU 64  B CA 103 4_556 ? ? ? ? ? ? ? 2.607 ? ? 
metalc16 metalc ? ? A GLU 65 OE1 ? ? ? 1_555 D CA . CA ? ? A GLU 65  A CA 102 1_555 ? ? ? ? ? ? ? 2.402 ? ? 
metalc17 metalc ? ? A GLU 65 OE2 ? ? ? 1_555 D CA . CA ? ? A GLU 65  A CA 102 1_555 ? ? ? ? ? ? ? 2.422 ? ? 
metalc18 metalc ? ? I HOH .  O   ? ? ? 4_456 H CA . CA ? ? A HOH 251 B CA 103 1_555 ? ? ? ? ? ? ? 2.473 ? ? 
metalc19 metalc ? ? B ARG 15 O   ? ? ? 1_555 H CA . CA ? ? B ARG 15  B CA 103 1_555 ? ? ? ? ? ? ? 2.363 ? ? 
metalc20 metalc ? ? B ASP 18 OD1 ? ? ? 1_555 F CA . CA ? ? B ASP 18  B CA 101 1_555 ? ? ? ? ? ? ? 2.377 ? ? 
metalc21 metalc ? ? B ASP 18 O   ? ? ? 1_555 H CA . CA ? ? B ASP 18  B CA 103 1_555 ? ? ? ? ? ? ? 2.309 ? ? 
metalc22 metalc ? ? B ASP 20 OD1 ? ? ? 1_555 F CA . CA ? ? B ASP 20  B CA 101 1_555 ? ? ? ? ? ? ? 2.342 ? ? 
metalc23 metalc ? ? B ASN 22 OD1 ? ? ? 1_555 F CA . CA ? ? B ASN 22  B CA 101 1_555 ? ? ? ? ? ? ? 2.434 ? ? 
metalc24 metalc ? ? B TYR 24 O   ? ? ? 1_555 F CA . CA ? ? B TYR 24  B CA 101 1_555 ? ? ? ? ? ? ? 2.315 ? ? 
metalc25 metalc ? ? B GLU 29 OE1 ? ? ? 1_555 F CA . CA ? ? B GLU 29  B CA 101 1_555 ? ? ? ? ? ? ? 2.424 ? ? 
metalc26 metalc ? ? B GLU 29 OE2 ? ? ? 1_555 F CA . CA ? ? B GLU 29  B CA 101 1_555 ? ? ? ? ? ? ? 2.569 ? ? 
metalc27 metalc ? ? B ASP 54 OD1 ? ? ? 1_555 G CA . CA ? ? B ASP 54  B CA 102 1_555 ? ? ? ? ? ? ? 2.273 ? ? 
metalc28 metalc ? ? B ASP 56 OD1 ? ? ? 1_555 G CA . CA ? ? B ASP 56  B CA 102 1_555 ? ? ? ? ? ? ? 2.403 ? ? 
metalc29 metalc ? ? B ASP 58 OD1 ? ? ? 1_555 G CA . CA ? ? B ASP 58  B CA 102 1_555 ? ? ? ? ? ? ? 2.403 ? ? 
metalc30 metalc ? ? B GLN 60 O   ? ? ? 1_555 G CA . CA ? ? B GLN 60  B CA 102 1_555 ? ? ? ? ? ? ? 2.321 ? ? 
metalc31 metalc ? ? B GLU 65 OE1 ? ? ? 1_555 G CA . CA ? ? B GLU 65  B CA 102 1_555 ? ? ? ? ? ? ? 2.477 ? ? 
metalc32 metalc ? ? B GLU 65 OE2 ? ? ? 1_555 G CA . CA ? ? B GLU 65  B CA 102 1_555 ? ? ? ? ? ? ? 2.342 ? ? 
# 
_struct_conn_type.id          metalc 
_struct_conn_type.criteria    ? 
_struct_conn_type.reference   ? 
# 
loop_
_pdbx_struct_conn_angle.id 
_pdbx_struct_conn_angle.ptnr1_label_atom_id 
_pdbx_struct_conn_angle.ptnr1_label_alt_id 
_pdbx_struct_conn_angle.ptnr1_label_asym_id 
_pdbx_struct_conn_angle.ptnr1_label_comp_id 
_pdbx_struct_conn_angle.ptnr1_label_seq_id 
_pdbx_struct_conn_angle.ptnr1_auth_atom_id 
_pdbx_struct_conn_angle.ptnr1_auth_asym_id 
_pdbx_struct_conn_angle.ptnr1_auth_comp_id 
_pdbx_struct_conn_angle.ptnr1_auth_seq_id 
_pdbx_struct_conn_angle.ptnr1_PDB_ins_code 
_pdbx_struct_conn_angle.ptnr1_symmetry 
_pdbx_struct_conn_angle.ptnr2_label_atom_id 
_pdbx_struct_conn_angle.ptnr2_label_alt_id 
_pdbx_struct_conn_angle.ptnr2_label_asym_id 
_pdbx_struct_conn_angle.ptnr2_label_comp_id 
_pdbx_struct_conn_angle.ptnr2_label_seq_id 
_pdbx_struct_conn_angle.ptnr2_auth_atom_id 
_pdbx_struct_conn_angle.ptnr2_auth_asym_id 
_pdbx_struct_conn_angle.ptnr2_auth_comp_id 
_pdbx_struct_conn_angle.ptnr2_auth_seq_id 
_pdbx_struct_conn_angle.ptnr2_PDB_ins_code 
_pdbx_struct_conn_angle.ptnr2_symmetry 
_pdbx_struct_conn_angle.ptnr3_label_atom_id 
_pdbx_struct_conn_angle.ptnr3_label_alt_id 
_pdbx_struct_conn_angle.ptnr3_label_asym_id 
_pdbx_struct_conn_angle.ptnr3_label_comp_id 
_pdbx_struct_conn_angle.ptnr3_label_seq_id 
_pdbx_struct_conn_angle.ptnr3_auth_atom_id 
_pdbx_struct_conn_angle.ptnr3_auth_asym_id 
_pdbx_struct_conn_angle.ptnr3_auth_comp_id 
_pdbx_struct_conn_angle.ptnr3_auth_seq_id 
_pdbx_struct_conn_angle.ptnr3_PDB_ins_code 
_pdbx_struct_conn_angle.ptnr3_symmetry 
_pdbx_struct_conn_angle.value 
_pdbx_struct_conn_angle.value_esd 
1  OE1 ? A GLU 12 ? A GLU 12  ? 1_555 CA ? E CA . ? A CA 103 ? 1_655 OE2 ? A GLU 12 ? A GLU 12  ? 1_555 48.2  ? 
2  OE1 ? A GLU 12 ? A GLU 12  ? 1_555 CA ? E CA . ? A CA 103 ? 1_655 OE1 ? A GLU 52 ? A GLU 52  ? 1_555 91.9  ? 
3  OE2 ? A GLU 12 ? A GLU 12  ? 1_555 CA ? E CA . ? A CA 103 ? 1_655 OE1 ? A GLU 52 ? A GLU 52  ? 1_555 89.8  ? 
4  OD1 ? A ASP 18 ? A ASP 18  ? 1_555 CA ? C CA . ? A CA 101 ? 1_555 OD1 ? A ASP 20 ? A ASP 20  ? 1_555 89.2  ? 
5  OD1 ? A ASP 18 ? A ASP 18  ? 1_555 CA ? C CA . ? A CA 101 ? 1_555 OD1 ? A ASN 22 ? A ASN 22  ? 1_555 79.5  ? 
6  OD1 ? A ASP 20 ? A ASP 20  ? 1_555 CA ? C CA . ? A CA 101 ? 1_555 OD1 ? A ASN 22 ? A ASN 22  ? 1_555 81.9  ? 
7  OD1 ? A ASP 18 ? A ASP 18  ? 1_555 CA ? C CA . ? A CA 101 ? 1_555 O   ? A TYR 24 ? A TYR 24  ? 1_555 74.3  ? 
8  OD1 ? A ASP 20 ? A ASP 20  ? 1_555 CA ? C CA . ? A CA 101 ? 1_555 O   ? A TYR 24 ? A TYR 24  ? 1_555 155.5 ? 
9  OD1 ? A ASN 22 ? A ASN 22  ? 1_555 CA ? C CA . ? A CA 101 ? 1_555 O   ? A TYR 24 ? A TYR 24  ? 1_555 77.5  ? 
10 OD1 ? A ASP 18 ? A ASP 18  ? 1_555 CA ? C CA . ? A CA 101 ? 1_555 OE1 ? A GLU 29 ? A GLU 29  ? 1_555 113.6 ? 
11 OD1 ? A ASP 20 ? A ASP 20  ? 1_555 CA ? C CA . ? A CA 101 ? 1_555 OE1 ? A GLU 29 ? A GLU 29  ? 1_555 121.1 ? 
12 OD1 ? A ASN 22 ? A ASN 22  ? 1_555 CA ? C CA . ? A CA 101 ? 1_555 OE1 ? A GLU 29 ? A GLU 29  ? 1_555 152.1 ? 
13 O   ? A TYR 24 ? A TYR 24  ? 1_555 CA ? C CA . ? A CA 101 ? 1_555 OE1 ? A GLU 29 ? A GLU 29  ? 1_555 82.6  ? 
14 OD1 ? A ASP 18 ? A ASP 18  ? 1_555 CA ? C CA . ? A CA 101 ? 1_555 OE2 ? A GLU 29 ? A GLU 29  ? 1_555 89.9  ? 
15 OD1 ? A ASP 20 ? A ASP 20  ? 1_555 CA ? C CA . ? A CA 101 ? 1_555 OE2 ? A GLU 29 ? A GLU 29  ? 1_555 75.1  ? 
16 OD1 ? A ASN 22 ? A ASN 22  ? 1_555 CA ? C CA . ? A CA 101 ? 1_555 OE2 ? A GLU 29 ? A GLU 29  ? 1_555 154.8 ? 
17 O   ? A TYR 24 ? A TYR 24  ? 1_555 CA ? C CA . ? A CA 101 ? 1_555 OE2 ? A GLU 29 ? A GLU 29  ? 1_555 121.8 ? 
18 OE1 ? A GLU 29 ? A GLU 29  ? 1_555 CA ? C CA . ? A CA 101 ? 1_555 OE2 ? A GLU 29 ? A GLU 29  ? 1_555 53.0  ? 
19 OD1 ? A ASP 54 ? A ASP 54  ? 1_555 CA ? D CA . ? A CA 102 ? 1_555 OD1 ? A ASP 56 ? A ASP 56  ? 1_555 89.2  ? 
20 OD1 ? A ASP 54 ? A ASP 54  ? 1_555 CA ? D CA . ? A CA 102 ? 1_555 OD1 ? A ASP 58 ? A ASP 58  ? 1_555 84.0  ? 
21 OD1 ? A ASP 56 ? A ASP 56  ? 1_555 CA ? D CA . ? A CA 102 ? 1_555 OD1 ? A ASP 58 ? A ASP 58  ? 1_555 80.5  ? 
22 OD1 ? A ASP 54 ? A ASP 54  ? 1_555 CA ? D CA . ? A CA 102 ? 1_555 O   ? A GLN 60 ? A GLN 60  ? 1_555 91.8  ? 
23 OD1 ? A ASP 56 ? A ASP 56  ? 1_555 CA ? D CA . ? A CA 102 ? 1_555 O   ? A GLN 60 ? A GLN 60  ? 1_555 152.8 ? 
24 OD1 ? A ASP 58 ? A ASP 58  ? 1_555 CA ? D CA . ? A CA 102 ? 1_555 O   ? A GLN 60 ? A GLN 60  ? 1_555 72.6  ? 
25 OD1 ? A ASP 54 ? A ASP 54  ? 1_555 CA ? D CA . ? A CA 102 ? 1_555 OE1 ? A GLU 65 ? A GLU 65  ? 1_555 101.2 ? 
26 OD1 ? A ASP 56 ? A ASP 56  ? 1_555 CA ? D CA . ? A CA 102 ? 1_555 OE1 ? A GLU 65 ? A GLU 65  ? 1_555 129.7 ? 
27 OD1 ? A ASP 58 ? A ASP 58  ? 1_555 CA ? D CA . ? A CA 102 ? 1_555 OE1 ? A GLU 65 ? A GLU 65  ? 1_555 149.0 ? 
28 O   ? A GLN 60 ? A GLN 60  ? 1_555 CA ? D CA . ? A CA 102 ? 1_555 OE1 ? A GLU 65 ? A GLU 65  ? 1_555 76.7  ? 
29 OD1 ? A ASP 54 ? A ASP 54  ? 1_555 CA ? D CA . ? A CA 102 ? 1_555 OE2 ? A GLU 65 ? A GLU 65  ? 1_555 96.2  ? 
30 OD1 ? A ASP 56 ? A ASP 56  ? 1_555 CA ? D CA . ? A CA 102 ? 1_555 OE2 ? A GLU 65 ? A GLU 65  ? 1_555 76.0  ? 
31 OD1 ? A ASP 58 ? A ASP 58  ? 1_555 CA ? D CA . ? A CA 102 ? 1_555 OE2 ? A GLU 65 ? A GLU 65  ? 1_555 156.5 ? 
32 O   ? A GLN 60 ? A GLN 60  ? 1_555 CA ? D CA . ? A CA 102 ? 1_555 OE2 ? A GLU 65 ? A GLU 65  ? 1_555 130.8 ? 
33 OE1 ? A GLU 65 ? A GLU 65  ? 1_555 CA ? D CA . ? A CA 102 ? 1_555 OE2 ? A GLU 65 ? A GLU 65  ? 1_555 54.1  ? 
34 OE1 ? A GLU 64 ? A GLU 64  ? 1_555 CA ? H CA . ? B CA 103 ? 4_556 OE2 ? A GLU 64 ? A GLU 64  ? 1_555 50.6  ? 
35 OE1 ? A GLU 64 ? A GLU 64  ? 1_555 CA ? H CA . ? B CA 103 ? 4_556 O   ? I HOH .  ? A HOH 251 ? 4_456 136.0 ? 
36 OE2 ? A GLU 64 ? A GLU 64  ? 1_555 CA ? H CA . ? B CA 103 ? 4_556 O   ? I HOH .  ? A HOH 251 ? 4_456 103.3 ? 
37 OE1 ? A GLU 64 ? A GLU 64  ? 1_555 CA ? H CA . ? B CA 103 ? 4_556 O   ? B ARG 15 ? B ARG 15  ? 1_555 128.9 ? 
38 OE2 ? A GLU 64 ? A GLU 64  ? 1_555 CA ? H CA . ? B CA 103 ? 4_556 O   ? B ARG 15 ? B ARG 15  ? 1_555 100.7 ? 
39 O   ? I HOH .  ? A HOH 251 ? 4_456 CA ? H CA . ? B CA 103 ? 4_556 O   ? B ARG 15 ? B ARG 15  ? 1_555 7.8   ? 
40 OE1 ? A GLU 64 ? A GLU 64  ? 1_555 CA ? H CA . ? B CA 103 ? 4_556 O   ? B ASP 18 ? B ASP 18  ? 1_555 129.3 ? 
41 OE2 ? A GLU 64 ? A GLU 64  ? 1_555 CA ? H CA . ? B CA 103 ? 4_556 O   ? B ASP 18 ? B ASP 18  ? 1_555 99.9  ? 
42 O   ? I HOH .  ? A HOH 251 ? 4_456 CA ? H CA . ? B CA 103 ? 4_556 O   ? B ASP 18 ? B ASP 18  ? 1_555 6.9   ? 
43 O   ? B ARG 15 ? B ARG 15  ? 1_555 CA ? H CA . ? B CA 103 ? 4_556 O   ? B ASP 18 ? B ASP 18  ? 1_555 1.6   ? 
44 OD1 ? B ASP 18 ? B ASP 18  ? 1_555 CA ? F CA . ? B CA 101 ? 1_555 OD1 ? B ASP 20 ? B ASP 20  ? 1_555 79.6  ? 
45 OD1 ? B ASP 18 ? B ASP 18  ? 1_555 CA ? F CA . ? B CA 101 ? 1_555 OD1 ? B ASN 22 ? B ASN 22  ? 1_555 87.7  ? 
46 OD1 ? B ASP 20 ? B ASP 20  ? 1_555 CA ? F CA . ? B CA 101 ? 1_555 OD1 ? B ASN 22 ? B ASN 22  ? 1_555 78.9  ? 
47 OD1 ? B ASP 18 ? B ASP 18  ? 1_555 CA ? F CA . ? B CA 101 ? 1_555 O   ? B TYR 24 ? B TYR 24  ? 1_555 87.6  ? 
48 OD1 ? B ASP 20 ? B ASP 20  ? 1_555 CA ? F CA . ? B CA 101 ? 1_555 O   ? B TYR 24 ? B TYR 24  ? 1_555 155.1 ? 
49 OD1 ? B ASN 22 ? B ASN 22  ? 1_555 CA ? F CA . ? B CA 101 ? 1_555 O   ? B TYR 24 ? B TYR 24  ? 1_555 79.3  ? 
50 OD1 ? B ASP 18 ? B ASP 18  ? 1_555 CA ? F CA . ? B CA 101 ? 1_555 OE1 ? B GLU 29 ? B GLU 29  ? 1_555 117.7 ? 
51 OD1 ? B ASP 20 ? B ASP 20  ? 1_555 CA ? F CA . ? B CA 101 ? 1_555 OE1 ? B GLU 29 ? B GLU 29  ? 1_555 127.5 ? 
52 OD1 ? B ASN 22 ? B ASN 22  ? 1_555 CA ? F CA . ? B CA 101 ? 1_555 OE1 ? B GLU 29 ? B GLU 29  ? 1_555 144.3 ? 
53 O   ? B TYR 24 ? B TYR 24  ? 1_555 CA ? F CA . ? B CA 101 ? 1_555 OE1 ? B GLU 29 ? B GLU 29  ? 1_555 77.4  ? 
54 OD1 ? B ASP 18 ? B ASP 18  ? 1_555 CA ? F CA . ? B CA 101 ? 1_555 OE2 ? B GLU 29 ? B GLU 29  ? 1_555 88.2  ? 
55 OD1 ? B ASP 20 ? B ASP 20  ? 1_555 CA ? F CA . ? B CA 101 ? 1_555 OE2 ? B GLU 29 ? B GLU 29  ? 1_555 82.2  ? 
56 OD1 ? B ASN 22 ? B ASN 22  ? 1_555 CA ? F CA . ? B CA 101 ? 1_555 OE2 ? B GLU 29 ? B GLU 29  ? 1_555 161.1 ? 
57 O   ? B TYR 24 ? B TYR 24  ? 1_555 CA ? F CA . ? B CA 101 ? 1_555 OE2 ? B GLU 29 ? B GLU 29  ? 1_555 119.0 ? 
58 OE1 ? B GLU 29 ? B GLU 29  ? 1_555 CA ? F CA . ? B CA 101 ? 1_555 OE2 ? B GLU 29 ? B GLU 29  ? 1_555 52.1  ? 
59 OD1 ? B ASP 54 ? B ASP 54  ? 1_555 CA ? G CA . ? B CA 102 ? 1_555 OD1 ? B ASP 56 ? B ASP 56  ? 1_555 84.5  ? 
60 OD1 ? B ASP 54 ? B ASP 54  ? 1_555 CA ? G CA . ? B CA 102 ? 1_555 OD1 ? B ASP 58 ? B ASP 58  ? 1_555 84.8  ? 
61 OD1 ? B ASP 56 ? B ASP 56  ? 1_555 CA ? G CA . ? B CA 102 ? 1_555 OD1 ? B ASP 58 ? B ASP 58  ? 1_555 76.9  ? 
62 OD1 ? B ASP 54 ? B ASP 54  ? 1_555 CA ? G CA . ? B CA 102 ? 1_555 O   ? B GLN 60 ? B GLN 60  ? 1_555 78.7  ? 
63 OD1 ? B ASP 56 ? B ASP 56  ? 1_555 CA ? G CA . ? B CA 102 ? 1_555 O   ? B GLN 60 ? B GLN 60  ? 1_555 152.3 ? 
64 OD1 ? B ASP 58 ? B ASP 58  ? 1_555 CA ? G CA . ? B CA 102 ? 1_555 O   ? B GLN 60 ? B GLN 60  ? 1_555 79.7  ? 
65 OD1 ? B ASP 54 ? B ASP 54  ? 1_555 CA ? G CA . ? B CA 102 ? 1_555 OE1 ? B GLU 65 ? B GLU 65  ? 1_555 104.7 ? 
66 OD1 ? B ASP 56 ? B ASP 56  ? 1_555 CA ? G CA . ? B CA 102 ? 1_555 OE1 ? B GLU 65 ? B GLU 65  ? 1_555 130.3 ? 
67 OD1 ? B ASP 58 ? B ASP 58  ? 1_555 CA ? G CA . ? B CA 102 ? 1_555 OE1 ? B GLU 65 ? B GLU 65  ? 1_555 151.3 ? 
68 O   ? B GLN 60 ? B GLN 60  ? 1_555 CA ? G CA . ? B CA 102 ? 1_555 OE1 ? B GLU 65 ? B GLU 65  ? 1_555 75.8  ? 
69 OD1 ? B ASP 54 ? B ASP 54  ? 1_555 CA ? G CA . ? B CA 102 ? 1_555 OE2 ? B GLU 65 ? B GLU 65  ? 1_555 94.0  ? 
70 OD1 ? B ASP 56 ? B ASP 56  ? 1_555 CA ? G CA . ? B CA 102 ? 1_555 OE2 ? B GLU 65 ? B GLU 65  ? 1_555 77.1  ? 
71 OD1 ? B ASP 58 ? B ASP 58  ? 1_555 CA ? G CA . ? B CA 102 ? 1_555 OE2 ? B GLU 65 ? B GLU 65  ? 1_555 153.9 ? 
72 O   ? B GLN 60 ? B GLN 60  ? 1_555 CA ? G CA . ? B CA 102 ? 1_555 OE2 ? B GLU 65 ? B GLU 65  ? 1_555 125.6 ? 
73 OE1 ? B GLU 65 ? B GLU 65  ? 1_555 CA ? G CA . ? B CA 102 ? 1_555 OE2 ? B GLU 65 ? B GLU 65  ? 1_555 53.9  ? 
# 
_pdbx_validate_close_contact.id               1 
_pdbx_validate_close_contact.PDB_model_num    1 
_pdbx_validate_close_contact.auth_atom_id_1   O 
_pdbx_validate_close_contact.auth_asym_id_1   B 
_pdbx_validate_close_contact.auth_comp_id_1   HOH 
_pdbx_validate_close_contact.auth_seq_id_1    249 
_pdbx_validate_close_contact.PDB_ins_code_1   ? 
_pdbx_validate_close_contact.label_alt_id_1   ? 
_pdbx_validate_close_contact.auth_atom_id_2   O 
_pdbx_validate_close_contact.auth_asym_id_2   B 
_pdbx_validate_close_contact.auth_comp_id_2   HOH 
_pdbx_validate_close_contact.auth_seq_id_2    260 
_pdbx_validate_close_contact.PDB_ins_code_2   ? 
_pdbx_validate_close_contact.label_alt_id_2   ? 
_pdbx_validate_close_contact.dist             2.19 
# 
_pdbx_validate_symm_contact.id                1 
_pdbx_validate_symm_contact.PDB_model_num     1 
_pdbx_validate_symm_contact.auth_atom_id_1    O 
_pdbx_validate_symm_contact.auth_asym_id_1    A 
_pdbx_validate_symm_contact.auth_comp_id_1    HOH 
_pdbx_validate_symm_contact.auth_seq_id_1     248 
_pdbx_validate_symm_contact.PDB_ins_code_1    ? 
_pdbx_validate_symm_contact.label_alt_id_1    ? 
_pdbx_validate_symm_contact.site_symmetry_1   1_555 
_pdbx_validate_symm_contact.auth_atom_id_2    O 
_pdbx_validate_symm_contact.auth_asym_id_2    B 
_pdbx_validate_symm_contact.auth_comp_id_2    HOH 
_pdbx_validate_symm_contact.auth_seq_id_2     235 
_pdbx_validate_symm_contact.PDB_ins_code_2    ? 
_pdbx_validate_symm_contact.label_alt_id_2    ? 
_pdbx_validate_symm_contact.site_symmetry_2   3_545 
_pdbx_validate_symm_contact.dist              2.17 
# 
loop_
_space_group_symop.id 
_space_group_symop.operation_xyz 
1 x,y,z           
2 x+1/2,-y+1/2,-z 
3 -x,y+1/2,-z+1/2 
4 -x+1/2,-y,z+1/2 
# 
_pdbx_entry_details.entry_id                 7VUT 
_pdbx_entry_details.has_ligand_of_interest   Y 
_pdbx_entry_details.compound_details         ? 
_pdbx_entry_details.source_details           ? 
_pdbx_entry_details.nonpolymer_details       ? 
_pdbx_entry_details.sequence_details         ? 
# 
loop_
_pdbx_unobs_or_zero_occ_residues.id 
_pdbx_unobs_or_zero_occ_residues.PDB_model_num 
_pdbx_unobs_or_zero_occ_residues.polymer_flag 
_pdbx_unobs_or_zero_occ_residues.occupancy_flag 
_pdbx_unobs_or_zero_occ_residues.auth_asym_id 
_pdbx_unobs_or_zero_occ_residues.auth_comp_id 
_pdbx_unobs_or_zero_occ_residues.auth_seq_id 
_pdbx_unobs_or_zero_occ_residues.PDB_ins_code 
_pdbx_unobs_or_zero_occ_residues.label_asym_id 
_pdbx_unobs_or_zero_occ_residues.label_comp_id 
_pdbx_unobs_or_zero_occ_residues.label_seq_id 
1  1 Y 1 A MET 1  ? A MET 1  
2  1 Y 1 A LYS 2  ? A LYS 2  
3  1 Y 1 A ASP 3  ? A ASP 3  
4  1 Y 1 A THR 4  ? A THR 4  
5  1 Y 1 A ASP 5  ? A ASP 5  
6  1 Y 1 A SER 6  ? A SER 6  
7  1 Y 1 A LYS 73 ? A LYS 73 
8  1 Y 1 B MET 1  ? B MET 1  
9  1 Y 1 B LYS 2  ? B LYS 2  
10 1 Y 1 B ASP 3  ? B ASP 3  
11 1 Y 1 B THR 4  ? B THR 4  
12 1 Y 1 B ASP 5  ? B ASP 5  
13 1 Y 1 B SER 6  ? B SER 6  
14 1 Y 1 B LYS 73 ? B LYS 73 
# 
loop_
_chem_comp_atom.comp_id 
_chem_comp_atom.atom_id 
_chem_comp_atom.type_symbol 
_chem_comp_atom.pdbx_aromatic_flag 
_chem_comp_atom.pdbx_stereo_config 
_chem_comp_atom.pdbx_ordinal 
ALA N    N  N N 1   
ALA CA   C  N S 2   
ALA C    C  N N 3   
ALA O    O  N N 4   
ALA CB   C  N N 5   
ALA OXT  O  N N 6   
ALA H    H  N N 7   
ALA H2   H  N N 8   
ALA HA   H  N N 9   
ALA HB1  H  N N 10  
ALA HB2  H  N N 11  
ALA HB3  H  N N 12  
ALA HXT  H  N N 13  
ARG N    N  N N 14  
ARG CA   C  N S 15  
ARG C    C  N N 16  
ARG O    O  N N 17  
ARG CB   C  N N 18  
ARG CG   C  N N 19  
ARG CD   C  N N 20  
ARG NE   N  N N 21  
ARG CZ   C  N N 22  
ARG NH1  N  N N 23  
ARG NH2  N  N N 24  
ARG OXT  O  N N 25  
ARG H    H  N N 26  
ARG H2   H  N N 27  
ARG HA   H  N N 28  
ARG HB2  H  N N 29  
ARG HB3  H  N N 30  
ARG HG2  H  N N 31  
ARG HG3  H  N N 32  
ARG HD2  H  N N 33  
ARG HD3  H  N N 34  
ARG HE   H  N N 35  
ARG HH11 H  N N 36  
ARG HH12 H  N N 37  
ARG HH21 H  N N 38  
ARG HH22 H  N N 39  
ARG HXT  H  N N 40  
ASN N    N  N N 41  
ASN CA   C  N S 42  
ASN C    C  N N 43  
ASN O    O  N N 44  
ASN CB   C  N N 45  
ASN CG   C  N N 46  
ASN OD1  O  N N 47  
ASN ND2  N  N N 48  
ASN OXT  O  N N 49  
ASN H    H  N N 50  
ASN H2   H  N N 51  
ASN HA   H  N N 52  
ASN HB2  H  N N 53  
ASN HB3  H  N N 54  
ASN HD21 H  N N 55  
ASN HD22 H  N N 56  
ASN HXT  H  N N 57  
ASP N    N  N N 58  
ASP CA   C  N S 59  
ASP C    C  N N 60  
ASP O    O  N N 61  
ASP CB   C  N N 62  
ASP CG   C  N N 63  
ASP OD1  O  N N 64  
ASP OD2  O  N N 65  
ASP OXT  O  N N 66  
ASP H    H  N N 67  
ASP H2   H  N N 68  
ASP HA   H  N N 69  
ASP HB2  H  N N 70  
ASP HB3  H  N N 71  
ASP HD2  H  N N 72  
ASP HXT  H  N N 73  
CA  CA   CA N N 74  
GLN N    N  N N 75  
GLN CA   C  N S 76  
GLN C    C  N N 77  
GLN O    O  N N 78  
GLN CB   C  N N 79  
GLN CG   C  N N 80  
GLN CD   C  N N 81  
GLN OE1  O  N N 82  
GLN NE2  N  N N 83  
GLN OXT  O  N N 84  
GLN H    H  N N 85  
GLN H2   H  N N 86  
GLN HA   H  N N 87  
GLN HB2  H  N N 88  
GLN HB3  H  N N 89  
GLN HG2  H  N N 90  
GLN HG3  H  N N 91  
GLN HE21 H  N N 92  
GLN HE22 H  N N 93  
GLN HXT  H  N N 94  
GLU N    N  N N 95  
GLU CA   C  N S 96  
GLU C    C  N N 97  
GLU O    O  N N 98  
GLU CB   C  N N 99  
GLU CG   C  N N 100 
GLU CD   C  N N 101 
GLU OE1  O  N N 102 
GLU OE2  O  N N 103 
GLU OXT  O  N N 104 
GLU H    H  N N 105 
GLU H2   H  N N 106 
GLU HA   H  N N 107 
GLU HB2  H  N N 108 
GLU HB3  H  N N 109 
GLU HG2  H  N N 110 
GLU HG3  H  N N 111 
GLU HE2  H  N N 112 
GLU HXT  H  N N 113 
GLY N    N  N N 114 
GLY CA   C  N N 115 
GLY C    C  N N 116 
GLY O    O  N N 117 
GLY OXT  O  N N 118 
GLY H    H  N N 119 
GLY H2   H  N N 120 
GLY HA2  H  N N 121 
GLY HA3  H  N N 122 
GLY HXT  H  N N 123 
HIS N    N  N N 124 
HIS CA   C  N S 125 
HIS C    C  N N 126 
HIS O    O  N N 127 
HIS CB   C  N N 128 
HIS CG   C  Y N 129 
HIS ND1  N  Y N 130 
HIS CD2  C  Y N 131 
HIS CE1  C  Y N 132 
HIS NE2  N  Y N 133 
HIS OXT  O  N N 134 
HIS H    H  N N 135 
HIS H2   H  N N 136 
HIS HA   H  N N 137 
HIS HB2  H  N N 138 
HIS HB3  H  N N 139 
HIS HD1  H  N N 140 
HIS HD2  H  N N 141 
HIS HE1  H  N N 142 
HIS HE2  H  N N 143 
HIS HXT  H  N N 144 
HOH O    O  N N 145 
HOH H1   H  N N 146 
HOH H2   H  N N 147 
ILE N    N  N N 148 
ILE CA   C  N S 149 
ILE C    C  N N 150 
ILE O    O  N N 151 
ILE CB   C  N S 152 
ILE CG1  C  N N 153 
ILE CG2  C  N N 154 
ILE CD1  C  N N 155 
ILE OXT  O  N N 156 
ILE H    H  N N 157 
ILE H2   H  N N 158 
ILE HA   H  N N 159 
ILE HB   H  N N 160 
ILE HG12 H  N N 161 
ILE HG13 H  N N 162 
ILE HG21 H  N N 163 
ILE HG22 H  N N 164 
ILE HG23 H  N N 165 
ILE HD11 H  N N 166 
ILE HD12 H  N N 167 
ILE HD13 H  N N 168 
ILE HXT  H  N N 169 
LEU N    N  N N 170 
LEU CA   C  N S 171 
LEU C    C  N N 172 
LEU O    O  N N 173 
LEU CB   C  N N 174 
LEU CG   C  N N 175 
LEU CD1  C  N N 176 
LEU CD2  C  N N 177 
LEU OXT  O  N N 178 
LEU H    H  N N 179 
LEU H2   H  N N 180 
LEU HA   H  N N 181 
LEU HB2  H  N N 182 
LEU HB3  H  N N 183 
LEU HG   H  N N 184 
LEU HD11 H  N N 185 
LEU HD12 H  N N 186 
LEU HD13 H  N N 187 
LEU HD21 H  N N 188 
LEU HD22 H  N N 189 
LEU HD23 H  N N 190 
LEU HXT  H  N N 191 
LYS N    N  N N 192 
LYS CA   C  N S 193 
LYS C    C  N N 194 
LYS O    O  N N 195 
LYS CB   C  N N 196 
LYS CG   C  N N 197 
LYS CD   C  N N 198 
LYS CE   C  N N 199 
LYS NZ   N  N N 200 
LYS OXT  O  N N 201 
LYS H    H  N N 202 
LYS H2   H  N N 203 
LYS HA   H  N N 204 
LYS HB2  H  N N 205 
LYS HB3  H  N N 206 
LYS HG2  H  N N 207 
LYS HG3  H  N N 208 
LYS HD2  H  N N 209 
LYS HD3  H  N N 210 
LYS HE2  H  N N 211 
LYS HE3  H  N N 212 
LYS HZ1  H  N N 213 
LYS HZ2  H  N N 214 
LYS HZ3  H  N N 215 
LYS HXT  H  N N 216 
MET N    N  N N 217 
MET CA   C  N S 218 
MET C    C  N N 219 
MET O    O  N N 220 
MET CB   C  N N 221 
MET CG   C  N N 222 
MET SD   S  N N 223 
MET CE   C  N N 224 
MET OXT  O  N N 225 
MET H    H  N N 226 
MET H2   H  N N 227 
MET HA   H  N N 228 
MET HB2  H  N N 229 
MET HB3  H  N N 230 
MET HG2  H  N N 231 
MET HG3  H  N N 232 
MET HE1  H  N N 233 
MET HE2  H  N N 234 
MET HE3  H  N N 235 
MET HXT  H  N N 236 
PHE N    N  N N 237 
PHE CA   C  N S 238 
PHE C    C  N N 239 
PHE O    O  N N 240 
PHE CB   C  N N 241 
PHE CG   C  Y N 242 
PHE CD1  C  Y N 243 
PHE CD2  C  Y N 244 
PHE CE1  C  Y N 245 
PHE CE2  C  Y N 246 
PHE CZ   C  Y N 247 
PHE OXT  O  N N 248 
PHE H    H  N N 249 
PHE H2   H  N N 250 
PHE HA   H  N N 251 
PHE HB2  H  N N 252 
PHE HB3  H  N N 253 
PHE HD1  H  N N 254 
PHE HD2  H  N N 255 
PHE HE1  H  N N 256 
PHE HE2  H  N N 257 
PHE HZ   H  N N 258 
PHE HXT  H  N N 259 
PRO N    N  N N 260 
PRO CA   C  N S 261 
PRO C    C  N N 262 
PRO O    O  N N 263 
PRO CB   C  N N 264 
PRO CG   C  N N 265 
PRO CD   C  N N 266 
PRO OXT  O  N N 267 
PRO H    H  N N 268 
PRO HA   H  N N 269 
PRO HB2  H  N N 270 
PRO HB3  H  N N 271 
PRO HG2  H  N N 272 
PRO HG3  H  N N 273 
PRO HD2  H  N N 274 
PRO HD3  H  N N 275 
PRO HXT  H  N N 276 
SER N    N  N N 277 
SER CA   C  N S 278 
SER C    C  N N 279 
SER O    O  N N 280 
SER CB   C  N N 281 
SER OG   O  N N 282 
SER OXT  O  N N 283 
SER H    H  N N 284 
SER H2   H  N N 285 
SER HA   H  N N 286 
SER HB2  H  N N 287 
SER HB3  H  N N 288 
SER HG   H  N N 289 
SER HXT  H  N N 290 
THR N    N  N N 291 
THR CA   C  N S 292 
THR C    C  N N 293 
THR O    O  N N 294 
THR CB   C  N R 295 
THR OG1  O  N N 296 
THR CG2  C  N N 297 
THR OXT  O  N N 298 
THR H    H  N N 299 
THR H2   H  N N 300 
THR HA   H  N N 301 
THR HB   H  N N 302 
THR HG1  H  N N 303 
THR HG21 H  N N 304 
THR HG22 H  N N 305 
THR HG23 H  N N 306 
THR HXT  H  N N 307 
TYR N    N  N N 308 
TYR CA   C  N S 309 
TYR C    C  N N 310 
TYR O    O  N N 311 
TYR CB   C  N N 312 
TYR CG   C  Y N 313 
TYR CD1  C  Y N 314 
TYR CD2  C  Y N 315 
TYR CE1  C  Y N 316 
TYR CE2  C  Y N 317 
TYR CZ   C  Y N 318 
TYR OH   O  N N 319 
TYR OXT  O  N N 320 
TYR H    H  N N 321 
TYR H2   H  N N 322 
TYR HA   H  N N 323 
TYR HB2  H  N N 324 
TYR HB3  H  N N 325 
TYR HD1  H  N N 326 
TYR HD2  H  N N 327 
TYR HE1  H  N N 328 
TYR HE2  H  N N 329 
TYR HH   H  N N 330 
TYR HXT  H  N N 331 
VAL N    N  N N 332 
VAL CA   C  N S 333 
VAL C    C  N N 334 
VAL O    O  N N 335 
VAL CB   C  N N 336 
VAL CG1  C  N N 337 
VAL CG2  C  N N 338 
VAL OXT  O  N N 339 
VAL H    H  N N 340 
VAL H2   H  N N 341 
VAL HA   H  N N 342 
VAL HB   H  N N 343 
VAL HG11 H  N N 344 
VAL HG12 H  N N 345 
VAL HG13 H  N N 346 
VAL HG21 H  N N 347 
VAL HG22 H  N N 348 
VAL HG23 H  N N 349 
VAL HXT  H  N N 350 
# 
loop_
_chem_comp_bond.comp_id 
_chem_comp_bond.atom_id_1 
_chem_comp_bond.atom_id_2 
_chem_comp_bond.value_order 
_chem_comp_bond.pdbx_aromatic_flag 
_chem_comp_bond.pdbx_stereo_config 
_chem_comp_bond.pdbx_ordinal 
ALA N   CA   sing N N 1   
ALA N   H    sing N N 2   
ALA N   H2   sing N N 3   
ALA CA  C    sing N N 4   
ALA CA  CB   sing N N 5   
ALA CA  HA   sing N N 6   
ALA C   O    doub N N 7   
ALA C   OXT  sing N N 8   
ALA CB  HB1  sing N N 9   
ALA CB  HB2  sing N N 10  
ALA CB  HB3  sing N N 11  
ALA OXT HXT  sing N N 12  
ARG N   CA   sing N N 13  
ARG N   H    sing N N 14  
ARG N   H2   sing N N 15  
ARG CA  C    sing N N 16  
ARG CA  CB   sing N N 17  
ARG CA  HA   sing N N 18  
ARG C   O    doub N N 19  
ARG C   OXT  sing N N 20  
ARG CB  CG   sing N N 21  
ARG CB  HB2  sing N N 22  
ARG CB  HB3  sing N N 23  
ARG CG  CD   sing N N 24  
ARG CG  HG2  sing N N 25  
ARG CG  HG3  sing N N 26  
ARG CD  NE   sing N N 27  
ARG CD  HD2  sing N N 28  
ARG CD  HD3  sing N N 29  
ARG NE  CZ   sing N N 30  
ARG NE  HE   sing N N 31  
ARG CZ  NH1  sing N N 32  
ARG CZ  NH2  doub N N 33  
ARG NH1 HH11 sing N N 34  
ARG NH1 HH12 sing N N 35  
ARG NH2 HH21 sing N N 36  
ARG NH2 HH22 sing N N 37  
ARG OXT HXT  sing N N 38  
ASN N   CA   sing N N 39  
ASN N   H    sing N N 40  
ASN N   H2   sing N N 41  
ASN CA  C    sing N N 42  
ASN CA  CB   sing N N 43  
ASN CA  HA   sing N N 44  
ASN C   O    doub N N 45  
ASN C   OXT  sing N N 46  
ASN CB  CG   sing N N 47  
ASN CB  HB2  sing N N 48  
ASN CB  HB3  sing N N 49  
ASN CG  OD1  doub N N 50  
ASN CG  ND2  sing N N 51  
ASN ND2 HD21 sing N N 52  
ASN ND2 HD22 sing N N 53  
ASN OXT HXT  sing N N 54  
ASP N   CA   sing N N 55  
ASP N   H    sing N N 56  
ASP N   H2   sing N N 57  
ASP CA  C    sing N N 58  
ASP CA  CB   sing N N 59  
ASP CA  HA   sing N N 60  
ASP C   O    doub N N 61  
ASP C   OXT  sing N N 62  
ASP CB  CG   sing N N 63  
ASP CB  HB2  sing N N 64  
ASP CB  HB3  sing N N 65  
ASP CG  OD1  doub N N 66  
ASP CG  OD2  sing N N 67  
ASP OD2 HD2  sing N N 68  
ASP OXT HXT  sing N N 69  
GLN N   CA   sing N N 70  
GLN N   H    sing N N 71  
GLN N   H2   sing N N 72  
GLN CA  C    sing N N 73  
GLN CA  CB   sing N N 74  
GLN CA  HA   sing N N 75  
GLN C   O    doub N N 76  
GLN C   OXT  sing N N 77  
GLN CB  CG   sing N N 78  
GLN CB  HB2  sing N N 79  
GLN CB  HB3  sing N N 80  
GLN CG  CD   sing N N 81  
GLN CG  HG2  sing N N 82  
GLN CG  HG3  sing N N 83  
GLN CD  OE1  doub N N 84  
GLN CD  NE2  sing N N 85  
GLN NE2 HE21 sing N N 86  
GLN NE2 HE22 sing N N 87  
GLN OXT HXT  sing N N 88  
GLU N   CA   sing N N 89  
GLU N   H    sing N N 90  
GLU N   H2   sing N N 91  
GLU CA  C    sing N N 92  
GLU CA  CB   sing N N 93  
GLU CA  HA   sing N N 94  
GLU C   O    doub N N 95  
GLU C   OXT  sing N N 96  
GLU CB  CG   sing N N 97  
GLU CB  HB2  sing N N 98  
GLU CB  HB3  sing N N 99  
GLU CG  CD   sing N N 100 
GLU CG  HG2  sing N N 101 
GLU CG  HG3  sing N N 102 
GLU CD  OE1  doub N N 103 
GLU CD  OE2  sing N N 104 
GLU OE2 HE2  sing N N 105 
GLU OXT HXT  sing N N 106 
GLY N   CA   sing N N 107 
GLY N   H    sing N N 108 
GLY N   H2   sing N N 109 
GLY CA  C    sing N N 110 
GLY CA  HA2  sing N N 111 
GLY CA  HA3  sing N N 112 
GLY C   O    doub N N 113 
GLY C   OXT  sing N N 114 
GLY OXT HXT  sing N N 115 
HIS N   CA   sing N N 116 
HIS N   H    sing N N 117 
HIS N   H2   sing N N 118 
HIS CA  C    sing N N 119 
HIS CA  CB   sing N N 120 
HIS CA  HA   sing N N 121 
HIS C   O    doub N N 122 
HIS C   OXT  sing N N 123 
HIS CB  CG   sing N N 124 
HIS CB  HB2  sing N N 125 
HIS CB  HB3  sing N N 126 
HIS CG  ND1  sing Y N 127 
HIS CG  CD2  doub Y N 128 
HIS ND1 CE1  doub Y N 129 
HIS ND1 HD1  sing N N 130 
HIS CD2 NE2  sing Y N 131 
HIS CD2 HD2  sing N N 132 
HIS CE1 NE2  sing Y N 133 
HIS CE1 HE1  sing N N 134 
HIS NE2 HE2  sing N N 135 
HIS OXT HXT  sing N N 136 
HOH O   H1   sing N N 137 
HOH O   H2   sing N N 138 
ILE N   CA   sing N N 139 
ILE N   H    sing N N 140 
ILE N   H2   sing N N 141 
ILE CA  C    sing N N 142 
ILE CA  CB   sing N N 143 
ILE CA  HA   sing N N 144 
ILE C   O    doub N N 145 
ILE C   OXT  sing N N 146 
ILE CB  CG1  sing N N 147 
ILE CB  CG2  sing N N 148 
ILE CB  HB   sing N N 149 
ILE CG1 CD1  sing N N 150 
ILE CG1 HG12 sing N N 151 
ILE CG1 HG13 sing N N 152 
ILE CG2 HG21 sing N N 153 
ILE CG2 HG22 sing N N 154 
ILE CG2 HG23 sing N N 155 
ILE CD1 HD11 sing N N 156 
ILE CD1 HD12 sing N N 157 
ILE CD1 HD13 sing N N 158 
ILE OXT HXT  sing N N 159 
LEU N   CA   sing N N 160 
LEU N   H    sing N N 161 
LEU N   H2   sing N N 162 
LEU CA  C    sing N N 163 
LEU CA  CB   sing N N 164 
LEU CA  HA   sing N N 165 
LEU C   O    doub N N 166 
LEU C   OXT  sing N N 167 
LEU CB  CG   sing N N 168 
LEU CB  HB2  sing N N 169 
LEU CB  HB3  sing N N 170 
LEU CG  CD1  sing N N 171 
LEU CG  CD2  sing N N 172 
LEU CG  HG   sing N N 173 
LEU CD1 HD11 sing N N 174 
LEU CD1 HD12 sing N N 175 
LEU CD1 HD13 sing N N 176 
LEU CD2 HD21 sing N N 177 
LEU CD2 HD22 sing N N 178 
LEU CD2 HD23 sing N N 179 
LEU OXT HXT  sing N N 180 
LYS N   CA   sing N N 181 
LYS N   H    sing N N 182 
LYS N   H2   sing N N 183 
LYS CA  C    sing N N 184 
LYS CA  CB   sing N N 185 
LYS CA  HA   sing N N 186 
LYS C   O    doub N N 187 
LYS C   OXT  sing N N 188 
LYS CB  CG   sing N N 189 
LYS CB  HB2  sing N N 190 
LYS CB  HB3  sing N N 191 
LYS CG  CD   sing N N 192 
LYS CG  HG2  sing N N 193 
LYS CG  HG3  sing N N 194 
LYS CD  CE   sing N N 195 
LYS CD  HD2  sing N N 196 
LYS CD  HD3  sing N N 197 
LYS CE  NZ   sing N N 198 
LYS CE  HE2  sing N N 199 
LYS CE  HE3  sing N N 200 
LYS NZ  HZ1  sing N N 201 
LYS NZ  HZ2  sing N N 202 
LYS NZ  HZ3  sing N N 203 
LYS OXT HXT  sing N N 204 
MET N   CA   sing N N 205 
MET N   H    sing N N 206 
MET N   H2   sing N N 207 
MET CA  C    sing N N 208 
MET CA  CB   sing N N 209 
MET CA  HA   sing N N 210 
MET C   O    doub N N 211 
MET C   OXT  sing N N 212 
MET CB  CG   sing N N 213 
MET CB  HB2  sing N N 214 
MET CB  HB3  sing N N 215 
MET CG  SD   sing N N 216 
MET CG  HG2  sing N N 217 
MET CG  HG3  sing N N 218 
MET SD  CE   sing N N 219 
MET CE  HE1  sing N N 220 
MET CE  HE2  sing N N 221 
MET CE  HE3  sing N N 222 
MET OXT HXT  sing N N 223 
PHE N   CA   sing N N 224 
PHE N   H    sing N N 225 
PHE N   H2   sing N N 226 
PHE CA  C    sing N N 227 
PHE CA  CB   sing N N 228 
PHE CA  HA   sing N N 229 
PHE C   O    doub N N 230 
PHE C   OXT  sing N N 231 
PHE CB  CG   sing N N 232 
PHE CB  HB2  sing N N 233 
PHE CB  HB3  sing N N 234 
PHE CG  CD1  doub Y N 235 
PHE CG  CD2  sing Y N 236 
PHE CD1 CE1  sing Y N 237 
PHE CD1 HD1  sing N N 238 
PHE CD2 CE2  doub Y N 239 
PHE CD2 HD2  sing N N 240 
PHE CE1 CZ   doub Y N 241 
PHE CE1 HE1  sing N N 242 
PHE CE2 CZ   sing Y N 243 
PHE CE2 HE2  sing N N 244 
PHE CZ  HZ   sing N N 245 
PHE OXT HXT  sing N N 246 
PRO N   CA   sing N N 247 
PRO N   CD   sing N N 248 
PRO N   H    sing N N 249 
PRO CA  C    sing N N 250 
PRO CA  CB   sing N N 251 
PRO CA  HA   sing N N 252 
PRO C   O    doub N N 253 
PRO C   OXT  sing N N 254 
PRO CB  CG   sing N N 255 
PRO CB  HB2  sing N N 256 
PRO CB  HB3  sing N N 257 
PRO CG  CD   sing N N 258 
PRO CG  HG2  sing N N 259 
PRO CG  HG3  sing N N 260 
PRO CD  HD2  sing N N 261 
PRO CD  HD3  sing N N 262 
PRO OXT HXT  sing N N 263 
SER N   CA   sing N N 264 
SER N   H    sing N N 265 
SER N   H2   sing N N 266 
SER CA  C    sing N N 267 
SER CA  CB   sing N N 268 
SER CA  HA   sing N N 269 
SER C   O    doub N N 270 
SER C   OXT  sing N N 271 
SER CB  OG   sing N N 272 
SER CB  HB2  sing N N 273 
SER CB  HB3  sing N N 274 
SER OG  HG   sing N N 275 
SER OXT HXT  sing N N 276 
THR N   CA   sing N N 277 
THR N   H    sing N N 278 
THR N   H2   sing N N 279 
THR CA  C    sing N N 280 
THR CA  CB   sing N N 281 
THR CA  HA   sing N N 282 
THR C   O    doub N N 283 
THR C   OXT  sing N N 284 
THR CB  OG1  sing N N 285 
THR CB  CG2  sing N N 286 
THR CB  HB   sing N N 287 
THR OG1 HG1  sing N N 288 
THR CG2 HG21 sing N N 289 
THR CG2 HG22 sing N N 290 
THR CG2 HG23 sing N N 291 
THR OXT HXT  sing N N 292 
TYR N   CA   sing N N 293 
TYR N   H    sing N N 294 
TYR N   H2   sing N N 295 
TYR CA  C    sing N N 296 
TYR CA  CB   sing N N 297 
TYR CA  HA   sing N N 298 
TYR C   O    doub N N 299 
TYR C   OXT  sing N N 300 
TYR CB  CG   sing N N 301 
TYR CB  HB2  sing N N 302 
TYR CB  HB3  sing N N 303 
TYR CG  CD1  doub Y N 304 
TYR CG  CD2  sing Y N 305 
TYR CD1 CE1  sing Y N 306 
TYR CD1 HD1  sing N N 307 
TYR CD2 CE2  doub Y N 308 
TYR CD2 HD2  sing N N 309 
TYR CE1 CZ   doub Y N 310 
TYR CE1 HE1  sing N N 311 
TYR CE2 CZ   sing Y N 312 
TYR CE2 HE2  sing N N 313 
TYR CZ  OH   sing N N 314 
TYR OH  HH   sing N N 315 
TYR OXT HXT  sing N N 316 
VAL N   CA   sing N N 317 
VAL N   H    sing N N 318 
VAL N   H2   sing N N 319 
VAL CA  C    sing N N 320 
VAL CA  CB   sing N N 321 
VAL CA  HA   sing N N 322 
VAL C   O    doub N N 323 
VAL C   OXT  sing N N 324 
VAL CB  CG1  sing N N 325 
VAL CB  CG2  sing N N 326 
VAL CB  HB   sing N N 327 
VAL CG1 HG11 sing N N 328 
VAL CG1 HG12 sing N N 329 
VAL CG1 HG13 sing N N 330 
VAL CG2 HG21 sing N N 331 
VAL CG2 HG22 sing N N 332 
VAL CG2 HG23 sing N N 333 
VAL OXT HXT  sing N N 334 
# 
_pdbx_audit_support.funding_organization   
'National Institutes of Health/National Institute of General Medical Sciences (NIH/NIGMS)' 
_pdbx_audit_support.country                'United States' 
_pdbx_audit_support.grant_number           GM119634 
_pdbx_audit_support.ordinal                1 
# 
_pdbx_entity_instance_feature.ordinal        1 
_pdbx_entity_instance_feature.comp_id        CA 
_pdbx_entity_instance_feature.asym_id        ? 
_pdbx_entity_instance_feature.seq_num        ? 
_pdbx_entity_instance_feature.auth_comp_id   CA 
_pdbx_entity_instance_feature.auth_asym_id   ? 
_pdbx_entity_instance_feature.auth_seq_num   ? 
_pdbx_entity_instance_feature.feature_type   'SUBJECT OF INVESTIGATION' 
_pdbx_entity_instance_feature.details        ? 
# 
_space_group.name_H-M_alt     'P 21 21 21' 
_space_group.name_Hall        'P 2ac 2ab' 
_space_group.IT_number        19 
_space_group.crystal_system   orthorhombic 
_space_group.id               1 
# 
_atom_sites.entry_id                    7VUT 
_atom_sites.Cartn_transf_matrix[1][1]   ? 
_atom_sites.Cartn_transf_matrix[1][2]   ? 
_atom_sites.Cartn_transf_matrix[1][3]   ? 
_atom_sites.Cartn_transf_matrix[2][1]   ? 
_atom_sites.Cartn_transf_matrix[2][2]   ? 
_atom_sites.Cartn_transf_matrix[2][3]   ? 
_atom_sites.Cartn_transf_matrix[3][1]   ? 
_atom_sites.Cartn_transf_matrix[3][2]   ? 
_atom_sites.Cartn_transf_matrix[3][3]   ? 
_atom_sites.Cartn_transf_vector[1]      ? 
_atom_sites.Cartn_transf_vector[2]      ? 
_atom_sites.Cartn_transf_vector[3]      ? 
_atom_sites.fract_transf_matrix[1][1]   0.03536206 
_atom_sites.fract_transf_matrix[1][2]   0.00757913 
_atom_sites.fract_transf_matrix[1][3]   -0.00570909 
_atom_sites.fract_transf_matrix[2][1]   -0.00363762 
_atom_sites.fract_transf_matrix[2][2]   0.01923235 
_atom_sites.fract_transf_matrix[2][3]   0.00300060 
_atom_sites.fract_transf_matrix[3][1]   0.00207163 
_atom_sites.fract_transf_matrix[3][2]   -0.00133387 
_atom_sites.fract_transf_matrix[3][3]   0.01106089 
_atom_sites.fract_transf_vector[1]      0.101269 
_atom_sites.fract_transf_vector[2]      0.340129 
_atom_sites.fract_transf_vector[3]      0.366864 
_atom_sites.solution_primary            ? 
_atom_sites.solution_secondary          ? 
_atom_sites.solution_hydrogens          ? 
_atom_sites.special_details             ? 
# 
loop_
_atom_type.symbol 
_atom_type.scat_dispersion_real 
_atom_type.scat_dispersion_imag 
_atom_type.scat_Cromer_Mann_a1 
_atom_type.scat_Cromer_Mann_a2 
_atom_type.scat_Cromer_Mann_a3 
_atom_type.scat_Cromer_Mann_a4 
_atom_type.scat_Cromer_Mann_b1 
_atom_type.scat_Cromer_Mann_b2 
_atom_type.scat_Cromer_Mann_b3 
_atom_type.scat_Cromer_Mann_b4 
_atom_type.scat_Cromer_Mann_c 
_atom_type.scat_source 
_atom_type.scat_dispersion_source 
C  ? ? 3.54356  2.42580 ? ? 25.62398 1.50364  ? ? 0.0 
;2-Gaussian fit: Grosse-Kunstleve RW, Sauter NK, Adams PD: Newsletter of the IUCr Commission on Crystallographic Computing 2004, 3, 22-31.
;
? 
CA ? ? 16.26893 3.65395 ? ? 3.58509  77.28589 ? ? 0.0 
;2-Gaussian fit: Grosse-Kunstleve RW, Sauter NK, Adams PD: Newsletter of the IUCr Commission on Crystallographic Computing 2004, 3, 22-31.
;
? 
N  ? ? 4.01032  2.96436 ? ? 19.97189 1.75589  ? ? 0.0 
;2-Gaussian fit: Grosse-Kunstleve RW, Sauter NK, Adams PD: Newsletter of the IUCr Commission on Crystallographic Computing 2004, 3, 22-31.
;
? 
O  ? ? 4.49882  3.47563 ? ? 15.80542 1.70748  ? ? 0.0 
;2-Gaussian fit: Grosse-Kunstleve RW, Sauter NK, Adams PD: Newsletter of the IUCr Commission on Crystallographic Computing 2004, 3, 22-31.
;
? 
S  ? ? 9.55732  6.39887 ? ? 1.23737  29.19336 ? ? 0.0 
;2-Gaussian fit: Grosse-Kunstleve RW, Sauter NK, Adams PD: Newsletter of the IUCr Commission on Crystallographic Computing 2004, 3, 22-31.
;
? 
# 
loop_
_atom_site.group_PDB 
_atom_site.id 
_atom_site.type_symbol 
_atom_site.label_atom_id 
_atom_site.label_alt_id 
_atom_site.label_comp_id 
_atom_site.label_asym_id 
_atom_site.label_entity_id 
_atom_site.label_seq_id 
_atom_site.pdbx_PDB_ins_code 
_atom_site.Cartn_x 
_atom_site.Cartn_y 
_atom_site.Cartn_z 
_atom_site.occupancy 
_atom_site.B_iso_or_equiv 
_atom_site.pdbx_formal_charge 
_atom_site.auth_seq_id 
_atom_site.auth_comp_id 
_atom_site.auth_asym_id 
_atom_site.auth_atom_id 
_atom_site.pdbx_PDB_model_num 
ATOM   1    N  N   . GLU A 1 7  ? 18.98670  -15.52614 -2.35822  1.000 13.62594 ? 7   GLU A N   1 
ATOM   2    C  CA  . GLU A 1 7  ? 18.43202  -14.40309 -1.61210  1.000 8.22562  ? 7   GLU A CA  1 
ATOM   3    C  C   . GLU A 1 7  ? 18.95189  -13.07219 -2.12943  1.000 12.19044 ? 7   GLU A C   1 
ATOM   4    O  O   . GLU A 1 7  ? 18.22126  -12.07921 -2.12912  1.000 10.29496 ? 7   GLU A O   1 
ATOM   5    C  CB  . GLU A 1 7  ? 18.74142  -14.53809 -0.11650  1.000 15.38603 ? 7   GLU A CB  1 
ATOM   6    C  CG  . GLU A 1 7  ? 18.55607  -13.23275 0.64374   1.000 15.11388 ? 7   GLU A CG  1 
ATOM   7    C  CD  . GLU A 1 7  ? 17.87513  -13.39415 1.97443   1.000 11.69897 ? 7   GLU A CD  1 
ATOM   8    O  OE1 . GLU A 1 7  ? 17.25764  -14.45403 2.22327   1.000 12.88203 ? 7   GLU A OE1 1 
ATOM   9    O  OE2 . GLU A 1 7  ? 17.95127  -12.43892 2.77407   1.000 12.86023 ? 7   GLU A OE2 1 
ATOM   10   N  N   . GLU A 1 8  ? 20.22320  -13.06049 -2.55124  1.000 15.13986 ? 8   GLU A N   1 
ATOM   11   C  CA  . GLU A 1 8  ? 20.79887  -11.87657 -3.18610  1.000 14.84524 ? 8   GLU A CA  1 
ATOM   12   C  C   . GLU A 1 8  ? 19.92742  -11.39642 -4.33806  1.000 10.24706 ? 8   GLU A C   1 
ATOM   13   O  O   . GLU A 1 8  ? 19.59543  -10.20817 -4.43025  1.000 12.44279 ? 8   GLU A O   1 
ATOM   14   C  CB  . GLU A 1 8  ? 22.21114  -12.17733 -3.69134  1.000 18.63464 ? 8   GLU A CB  1 
ATOM   15   C  CG  . GLU A 1 8  ? 23.20677  -12.54488 -2.60901  1.000 26.03357 ? 8   GLU A CG  1 
ATOM   16   C  CD  . GLU A 1 8  ? 24.54464  -12.99771 -3.17695  1.000 28.30370 ? 8   GLU A CD  1 
ATOM   17   O  OE1 . GLU A 1 8  ? 24.66969  -13.08358 -4.41846  1.000 28.99958 ? 8   GLU A OE1 1 
ATOM   18   O  OE2 . GLU A 1 8  ? 25.47229  -13.26242 -2.38401  1.000 31.15662 ? 8   GLU A OE2 1 
ATOM   19   N  N   . GLU A 1 9  ? 19.54749  -12.31586 -5.23258  1.000 15.21977 ? 9   GLU A N   1 
ATOM   20   C  CA  . GLU A 1 9  ? 18.77026  -11.93207 -6.40572  1.000 11.42858 ? 9   GLU A CA  1 
ATOM   21   C  C   . GLU A 1 9  ? 17.36402  -11.49887 -6.01574  1.000 10.62455 ? 9   GLU A C   1 
ATOM   22   O  O   . GLU A 1 9  ? 16.83930  -10.52258 -6.56105  1.000 12.17005 ? 9   GLU A O   1 
ATOM   23   C  CB  . GLU A 1 9  ? 18.72175  -13.08651 -7.40639  1.000 21.12867 ? 9   GLU A CB  1 
ATOM   24   C  CG  . GLU A 1 9  ? 17.91529  -12.78014 -8.67014  1.000 28.09194 ? 9   GLU A CG  1 
ATOM   25   C  CD  . GLU A 1 9  ? 17.90957  -13.93442 -9.65984  1.000 49.58403 ? 9   GLU A CD  1 
ATOM   26   O  OE1 . GLU A 1 9  ? 18.79921  -14.80726 -9.55908  1.000 51.57941 ? 9   GLU A OE1 1 
ATOM   27   O  OE2 . GLU A 1 9  ? 17.01313  -13.97169 -10.53399 1.000 52.08361 ? 9   GLU A OE2 1 
ATOM   28   N  N   . LEU A 1 10 ? 16.74544  -12.20696 -5.06552  1.000 7.42685  ? 10  LEU A N   1 
ATOM   29   C  CA  . LEU A 1 10 ? 15.40758  -11.84120 -4.60460  1.000 7.56896  ? 10  LEU A CA  1 
ATOM   30   C  C   . LEU A 1 10 ? 15.39849  -10.45842 -3.96246  1.000 8.98545  ? 10  LEU A C   1 
ATOM   31   O  O   . LEU A 1 10 ? 14.48135  -9.66457  -4.20520  1.000 6.47595  ? 10  LEU A O   1 
ATOM   32   C  CB  . LEU A 1 10 ? 14.88264  -12.88846 -3.62196  1.000 6.84740  ? 10  LEU A CB  1 
ATOM   33   C  CG  . LEU A 1 10 ? 14.51702  -14.19677 -4.32028  1.000 8.09007  ? 10  LEU A CG  1 
ATOM   34   C  CD1 . LEU A 1 10 ? 14.35242  -15.32352 -3.31771  1.000 8.48330  ? 10  LEU A CD1 1 
ATOM   35   C  CD2 . LEU A 1 10 ? 13.25457  -14.00801 -5.16909  1.000 11.80726 ? 10  LEU A CD2 1 
ATOM   36   N  N   . ARG A 1 11 ? 16.41010  -10.15433 -3.13850  1.000 7.12023  ? 11  ARG A N   1 
ATOM   37   C  CA  . ARG A 1 11 ? 16.53297  -8.82039  -2.55057  1.000 6.37714  ? 11  ARG A CA  1 
ATOM   38   C  C   . ARG A 1 11 ? 16.74020  -7.76151  -3.62079  1.000 7.25306  ? 11  ARG A C   1 
ATOM   39   O  O   . ARG A 1 11 ? 16.14588  -6.67651  -3.55227  1.000 6.73252  ? 11  ARG A O   1 
ATOM   40   C  CB  . ARG A 1 11 ? 17.70020  -8.78555  -1.55713  1.000 6.29887  ? 11  ARG A CB  1 
ATOM   41   C  CG  . ARG A 1 11 ? 17.51745  -9.67234  -0.33744  1.000 9.22903  ? 11  ARG A CG  1 
ATOM   42   C  CD  . ARG A 1 11 ? 16.73604  -8.98310  0.75700   1.000 9.47328  ? 11  ARG A CD  1 
ATOM   43   N  NE  . ARG A 1 11 ? 16.70041  -9.81810  1.95078   1.000 13.28190 ? 11  ARG A NE  1 
ATOM   44   C  CZ  . ARG A 1 11 ? 15.86957  -9.64158  2.96603   1.000 6.22142  ? 11  ARG A CZ  1 
ATOM   45   N  NH1 . ARG A 1 11 ? 15.02583  -8.62121  3.00109   1.000 9.05152  ? 11  ARG A NH1 1 
ATOM   46   N  NH2 . ARG A 1 11 ? 15.87106  -10.52382 3.95865   1.000 7.25667  ? 11  ARG A NH2 1 
ATOM   47   N  N   . GLU A 1 12 ? 17.62377  -8.04283  -4.58685  1.000 8.28284  ? 12  GLU A N   1 
ATOM   48   C  CA  . GLU A 1 12 ? 17.86538  -7.11584  -5.68636  1.000 9.33672  ? 12  GLU A CA  1 
ATOM   49   C  C   . GLU A 1 12 ? 16.56688  -6.75313  -6.39005  1.000 8.21666  ? 12  GLU A C   1 
ATOM   50   O  O   . GLU A 1 12 ? 16.27857  -5.57042  -6.60505  1.000 6.25387  ? 12  GLU A O   1 
ATOM   51   C  CB  . GLU A 1 12 ? 18.85331  -7.72672  -6.67834  1.000 11.48612 ? 12  GLU A CB  1 
ATOM   52   C  CG  . GLU A 1 12 ? 19.05511  -6.90130  -7.94846  1.000 13.53036 ? 12  GLU A CG  1 
ATOM   53   C  CD  . GLU A 1 12 ? 19.75939  -7.68642  -9.03457  1.000 15.77118 ? 12  GLU A CD  1 
ATOM   54   O  OE1 . GLU A 1 12 ? 20.38776  -8.71783  -8.71456  1.000 16.06175 ? 12  GLU A OE1 1 
ATOM   55   O  OE2 . GLU A 1 12 ? 19.69974  -7.26861  -10.20992 1.000 19.32041 ? 12  GLU A OE2 1 
ATOM   56   N  N   . GLN A 1 13 ? 15.76256  -7.76605  -6.74911  1.000 6.89032  ? 13  GLN A N   1 
ATOM   57   C  CA  . GLN A 1 13 ? 14.51224  -7.50708  -7.45179  1.000 9.56937  ? 13  GLN A CA  1 
ATOM   58   C  C   . GLN A 1 13 ? 13.51602  -6.78291  -6.55306  1.000 6.40266  ? 13  GLN A C   1 
ATOM   59   O  O   . GLN A 1 13 ? 12.83150  -5.85444  -6.99893  1.000 5.02724  ? 13  GLN A O   1 
ATOM   60   C  CB  . GLN A 1 13 ? 13.92483  -8.82180  -7.96907  1.000 8.10984  ? 13  GLN A CB  1 
ATOM   61   C  CG  . GLN A 1 13 ? 12.64683  -8.66823  -8.77563  1.000 15.59474 ? 13  GLN A CG  1 
ATOM   62   C  CD  . GLN A 1 13 ? 12.84701  -7.84323  -10.03128 1.000 27.52692 ? 13  GLN A CD  1 
ATOM   63   O  OE1 . GLN A 1 13 ? 13.93701  -7.81709  -10.60105 1.000 19.45015 ? 13  GLN A OE1 1 
ATOM   64   N  NE2 . GLN A 1 13 ? 11.79309  -7.15591  -10.46490 1.000 21.41922 ? 13  GLN A NE2 1 
ATOM   65   N  N   . PHE A 1 14 ? 13.44841  -7.16072  -5.27444  1.000 6.69138  ? 14  PHE A N   1 
ATOM   66   C  CA  . PHE A 1 14 ? 12.51901  -6.47231  -4.38217  1.000 4.85766  ? 14  PHE A CA  1 
ATOM   67   C  C   . PHE A 1 14 ? 12.86941  -4.99141  -4.28766  1.000 6.21403  ? 14  PHE A C   1 
ATOM   68   O  O   . PHE A 1 14 ? 11.98601  -4.13303  -4.38519  1.000 7.67359  ? 14  PHE A O   1 
ATOM   69   C  CB  . PHE A 1 14 ? 12.51254  -7.11524  -2.99341  1.000 4.44679  ? 14  PHE A CB  1 
ATOM   70   C  CG  . PHE A 1 14 ? 11.46537  -6.54387  -2.07059  1.000 6.72356  ? 14  PHE A CG  1 
ATOM   71   C  CD1 . PHE A 1 14 ? 11.73796  -5.41972  -1.30385  1.000 6.11486  ? 14  PHE A CD1 1 
ATOM   72   C  CD2 . PHE A 1 14 ? 10.20516  -7.12072  -1.97404  1.000 4.51132  ? 14  PHE A CD2 1 
ATOM   73   C  CE1 . PHE A 1 14 ? 10.77469  -4.89166  -0.44886  1.000 8.64959  ? 14  PHE A CE1 1 
ATOM   74   C  CE2 . PHE A 1 14 ? 9.24581   -6.58439  -1.12791  1.000 4.89012  ? 14  PHE A CE2 1 
ATOM   75   C  CZ  . PHE A 1 14 ? 9.54009   -5.46416  -0.36946  1.000 4.58850  ? 14  PHE A CZ  1 
ATOM   76   N  N   . ARG A 1 15 ? 14.15964  -4.67048  -4.14412  1.000 3.50102  ? 15  ARG A N   1 
ATOM   77   C  CA  . ARG A 1 15 ? 14.54837  -3.26760  -4.03316  1.000 7.78887  ? 15  ARG A CA  1 
ATOM   78   C  C   . ARG A 1 15 ? 14.24002  -2.47982  -5.30704  1.000 6.79924  ? 15  ARG A C   1 
ATOM   79   O  O   . ARG A 1 15 ? 13.96317  -1.27681  -5.23470  1.000 9.83582  ? 15  ARG A O   1 
ATOM   80   C  CB  . ARG A 1 15 ? 16.03048  -3.15748  -3.67908  1.000 9.33814  ? 15  ARG A CB  1 
ATOM   81   C  CG  . ARG A 1 15 ? 16.37910  -3.65412  -2.27683  1.000 10.44200 ? 15  ARG A CG  1 
ATOM   82   C  CD  . ARG A 1 15 ? 17.82793  -3.36038  -1.95784  1.000 19.31477 ? 15  ARG A CD  1 
ATOM   83   N  NE  . ARG A 1 15 ? 18.73509  -3.95764  -2.93069  1.000 18.78081 ? 15  ARG A NE  1 
ATOM   84   C  CZ  . ARG A 1 15 ? 19.48784  -5.02519  -2.69771  1.000 18.64402 ? 15  ARG A CZ  1 
ATOM   85   N  NH1 . ARG A 1 15 ? 19.44972  -5.65797  -1.53288  1.000 21.89646 ? 15  ARG A NH1 1 
ATOM   86   N  NH2 . ARG A 1 15 ? 20.30480  -5.46490  -3.65541  1.000 12.41036 ? 15  ARG A NH2 1 
ATOM   87   N  N   . VAL A 1 16 ? 14.28906  -3.12167  -6.47765  1.000 5.27711  ? 16  VAL A N   1 
ATOM   88   C  CA  . VAL A 1 16 ? 13.95739  -2.40604  -7.71066  1.000 9.63210  ? 16  VAL A CA  1 
ATOM   89   C  C   . VAL A 1 16 ? 12.47811  -2.07668  -7.74739  1.000 9.10575  ? 16  VAL A C   1 
ATOM   90   O  O   . VAL A 1 16 ? 12.07700  -1.00020  -8.20143  1.000 7.80615  ? 16  VAL A O   1 
ATOM   91   C  CB  . VAL A 1 16 ? 14.36701  -3.21969  -8.95025  1.000 8.99249  ? 16  VAL A CB  1 
ATOM   92   C  CG1 . VAL A 1 16 ? 13.77920  -2.59824  -10.20987 1.000 18.54393 ? 16  VAL A CG1 1 
ATOM   93   C  CG2 . VAL A 1 16 ? 15.86228  -3.29454  -9.06082  1.000 11.60404 ? 16  VAL A CG2 1 
ATOM   94   N  N   . GLU A 1 17 ? 11.64431  -3.01203  -7.29099  1.000 7.65398  ? 17  GLU A N   1 
ATOM   95   C  CA  . GLU A 1 17 ? 10.20104  -2.82841  -7.33045  1.000 8.68046  ? 17  GLU A CA  1 
ATOM   96   C  C   . GLU A 1 17 ? 9.73548   -1.87810  -6.23437  1.000 4.99142  ? 17  GLU A C   1 
ATOM   97   O  O   . GLU A 1 17 ? 8.81204   -1.07773  -6.44593  1.000 7.10531  ? 17  GLU A O   1 
ATOM   98   C  CB  . GLU A 1 17 ? 9.51703   -4.18979  -7.21993  1.000 10.03424 ? 17  GLU A CB  1 
ATOM   99   C  CG  . GLU A 1 17 ? 9.91181   -5.15435  -8.32586  1.000 7.71060  ? 17  GLU A CG  1 
ATOM   100  C  CD  . GLU A 1 17 ? 8.98135   -6.33279  -8.45698  1.000 13.81375 ? 17  GLU A CD  1 
ATOM   101  O  OE1 . GLU A 1 17 ? 7.83733   -6.25757  -7.95054  1.000 13.00728 ? 17  GLU A OE1 1 
ATOM   102  O  OE2 . GLU A 1 17 ? 9.38013   -7.32947  -9.09730  1.000 15.92914 ? 17  GLU A OE2 1 
ATOM   103  N  N   . ASP A 1 18 ? 10.38386  -1.92869  -5.07101  1.000 7.13962  ? 18  ASP A N   1 
ATOM   104  C  CA  . ASP A 1 18 ? 10.06720  -1.04469  -3.95099  1.000 6.74989  ? 18  ASP A CA  1 
ATOM   105  C  C   . ASP A 1 18 ? 10.79492  0.28754   -4.14507  1.000 5.25784  ? 18  ASP A C   1 
ATOM   106  O  O   . ASP A 1 18 ? 11.71049  0.65656   -3.41218  1.000 5.50045  ? 18  ASP A O   1 
ATOM   107  C  CB  . ASP A 1 18 ? 10.43215  -1.71559  -2.62946  1.000 5.21237  ? 18  ASP A CB  1 
ATOM   108  C  CG  . ASP A 1 18 ? 10.20001  -0.80723  -1.42551  1.000 5.31923  ? 18  ASP A CG  1 
ATOM   109  O  OD1 . ASP A 1 18 ? 9.41934   0.15275   -1.55321  1.000 3.64823  ? 18  ASP A OD1 1 
ATOM   110  O  OD2 . ASP A 1 18 ? 10.80597  -1.04729  -0.37079  1.000 5.28104  ? 18  ASP A OD2 1 
ATOM   111  N  N   . LYS A 1 19 ? 10.31822  1.04152   -5.13712  1.000 7.54254  ? 19  LYS A N   1 
ATOM   112  C  CA  . LYS A 1 19 ? 10.96169  2.29633   -5.52319  1.000 10.28918 ? 19  LYS A CA  1 
ATOM   113  C  C   . LYS A 1 19 ? 10.94401  3.33088   -4.39895  1.000 10.62717 ? 19  LYS A C   1 
ATOM   114  O  O   . LYS A 1 19 ? 11.93071  4.04919   -4.18938  1.000 9.99035  ? 19  LYS A O   1 
ATOM   115  C  CB  . LYS A 1 19 ? 10.26990  2.85822   -6.76542  1.000 11.91830 ? 19  LYS A CB  1 
ATOM   116  C  CG  . LYS A 1 19 ? 10.35308  1.95263   -7.96833  1.000 14.32396 ? 19  LYS A CG  1 
ATOM   117  C  CD  . LYS A 1 19 ? 9.29298   2.30639   -9.01120  1.000 24.52064 ? 19  LYS A CD  1 
ATOM   118  C  CE  . LYS A 1 19 ? 8.02413   1.45149   -8.84284  1.000 16.38074 ? 19  LYS A CE  1 
ATOM   119  N  NZ  . LYS A 1 19 ? 8.24125   -0.02820  -8.93776  1.000 8.94788  ? 19  LYS A NZ  1 
ATOM   120  N  N   . ASP A 1 20 ? 9.83248   3.45810   -3.67786  1.000 9.78673  ? 20  ASP A N   1 
ATOM   121  C  CA  . ASP A 1 20 ? 9.83070   4.48467   -2.63974  1.000 5.16939  ? 20  ASP A CA  1 
ATOM   122  C  C   . ASP A 1 20 ? 10.44848  3.99938   -1.33409  1.000 4.98731  ? 20  ASP A C   1 
ATOM   123  O  O   . ASP A 1 20 ? 10.44690  4.74680   -0.35085  1.000 5.21904  ? 20  ASP A O   1 
ATOM   124  C  CB  . ASP A 1 20 ? 8.41036   5.04266   -2.41016  1.000 5.09874  ? 20  ASP A CB  1 
ATOM   125  C  CG  . ASP A 1 20 ? 7.38307   3.97783   -2.15042  1.000 8.89903  ? 20  ASP A CG  1 
ATOM   126  O  OD1 . ASP A 1 20 ? 7.71152   2.99176   -1.46870  1.000 5.30593  ? 20  ASP A OD1 1 
ATOM   127  O  OD2 . ASP A 1 20 ? 6.22546   4.15717   -2.60444  1.000 11.09290 ? 20  ASP A OD2 1 
ATOM   128  N  N   . GLY A 1 21 ? 10.96308  2.77421   -1.30936  1.000 5.32484  ? 21  GLY A N   1 
ATOM   129  C  CA  . GLY A 1 21 ? 11.82505  2.30319   -0.23475  1.000 6.73844  ? 21  GLY A CA  1 
ATOM   130  C  C   . GLY A 1 21 ? 11.19358  2.20668   1.13368   1.000 4.94844  ? 21  GLY A C   1 
ATOM   131  O  O   . GLY A 1 21 ? 11.88118  2.40422   2.14527   1.000 4.94174  ? 21  GLY A O   1 
ATOM   132  N  N   . ASN A 1 22 ? 9.90071   1.88648   1.19735   1.000 4.19405  ? 22  ASN A N   1 
ATOM   133  C  CA  . ASN A 1 22 ? 9.22570   1.74651   2.48012   1.000 5.90814  ? 22  ASN A CA  1 
ATOM   134  C  C   . ASN A 1 22 ? 9.12669   0.30401   2.94783   1.000 4.16304  ? 22  ASN A C   1 
ATOM   135  O  O   . ASN A 1 22 ? 8.44047   0.03924   3.94168   1.000 5.58378  ? 22  ASN A O   1 
ATOM   136  C  CB  . ASN A 1 22 ? 7.83098   2.36477   2.42328   1.000 2.58470  ? 22  ASN A CB  1 
ATOM   137  C  CG  . ASN A 1 22 ? 6.95387   1.71933   1.37589   1.000 3.72454  ? 22  ASN A CG  1 
ATOM   138  O  OD1 . ASN A 1 22 ? 7.35396   0.74696   0.72307   1.000 3.73195  ? 22  ASN A OD1 1 
ATOM   139  N  ND2 . ASN A 1 22 ? 5.73724   2.24428   1.21898   1.000 6.92855  ? 22  ASN A ND2 1 
ATOM   140  N  N   . GLY A 1 23 ? 9.79345   -0.62356  2.26285   1.000 5.42346  ? 23  GLY A N   1 
ATOM   141  C  CA  . GLY A 1 23 ? 9.74260   -2.03921  2.57022   1.000 5.38796  ? 23  GLY A CA  1 
ATOM   142  C  C   . GLY A 1 23 ? 8.53370   -2.77869  2.03676   1.000 3.65220  ? 23  GLY A C   1 
ATOM   143  O  O   . GLY A 1 23 ? 8.35249   -3.95644  2.37117   1.000 3.38059  ? 23  GLY A O   1 
ATOM   144  N  N   . TYR A 1 24 ? 7.68775   -2.12477  1.24207   1.000 2.68721  ? 24  TYR A N   1 
ATOM   145  C  CA  . TYR A 1 24 ? 6.53928   -2.76821  0.62505   1.000 2.88359  ? 24  TYR A CA  1 
ATOM   146  C  C   . TYR A 1 24 ? 6.52009   -2.43585  -0.85620  1.000 3.67882  ? 24  TYR A C   1 
ATOM   147  O  O   . TYR A 1 24 ? 7.11474   -1.44547  -1.28727  1.000 5.78299  ? 24  TYR A O   1 
ATOM   148  C  CB  . TYR A 1 24 ? 5.23330   -2.32203  1.26256   1.000 3.11377  ? 24  TYR A CB  1 
ATOM   149  C  CG  . TYR A 1 24 ? 5.16790   -2.61129  2.73264   1.000 3.39711  ? 24  TYR A CG  1 
ATOM   150  C  CD1 . TYR A 1 24 ? 5.64278   -1.69151  3.66215   1.000 4.18105  ? 24  TYR A CD1 1 
ATOM   151  C  CD2 . TYR A 1 24 ? 4.63942   -3.80923  3.19751   1.000 3.84690  ? 24  TYR A CD2 1 
ATOM   152  C  CE1 . TYR A 1 24 ? 5.57374   -1.94827  4.99515   1.000 3.62259  ? 24  TYR A CE1 1 
ATOM   153  C  CE2 . TYR A 1 24 ? 4.58085   -4.07915  4.55194   1.000 4.13097  ? 24  TYR A CE2 1 
ATOM   154  C  CZ  . TYR A 1 24 ? 5.04890   -3.13824  5.43635   1.000 4.19478  ? 24  TYR A CZ  1 
ATOM   155  O  OH  . TYR A 1 24 ? 4.98057   -3.38694  6.79146   1.000 6.08390  ? 24  TYR A OH  1 
ATOM   156  N  N   . ILE A 1 25 ? 5.82937   -3.27686  -1.62652  1.000 3.87763  ? 25  ILE A N   1 
ATOM   157  C  CA  . ILE A 1 25 ? 5.54559   -3.02642  -3.04008  1.000 4.32896  ? 25  ILE A CA  1 
ATOM   158  C  C   . ILE A 1 25 ? 4.05306   -2.76628  -3.15066  1.000 4.66854  ? 25  ILE A C   1 
ATOM   159  O  O   . ILE A 1 25 ? 3.24695   -3.64381  -2.81755  1.000 3.52270  ? 25  ILE A O   1 
ATOM   160  C  CB  . ILE A 1 25 ? 5.95166   -4.21011  -3.93501  1.000 4.11571  ? 25  ILE A CB  1 
ATOM   161  C  CG1 . ILE A 1 25 ? 7.43887   -4.54952  -3.77670  1.000 5.99928  ? 25  ILE A CG1 1 
ATOM   162  C  CG2 . ILE A 1 25 ? 5.66866   -3.89346  -5.39902  1.000 4.15783  ? 25  ILE A CG2 1 
ATOM   163  C  CD1 . ILE A 1 25 ? 7.80730   -5.89094  -4.35766  1.000 5.96525  ? 25  ILE A CD1 1 
ATOM   164  N  N   . SER A 1 26 ? 3.68206   -1.56750  -3.59984  1.000 4.03981  ? 26  SER A N   1 
ATOM   165  C  CA  . SER A 1 26 ? 2.27907   -1.22556  -3.78614  1.000 4.18844  ? 26  SER A CA  1 
ATOM   166  C  C   . SER A 1 26 ? 1.79988   -1.70219  -5.14987  1.000 5.22840  ? 26  SER A C   1 
ATOM   167  O  O   . SER A 1 26 ? 2.58988   -2.10486  -6.01176  1.000 4.83072  ? 26  SER A O   1 
ATOM   168  C  CB  . SER A 1 26 ? 2.06389   0.28880   -3.66821  1.000 4.14528  ? 26  SER A CB  1 
ATOM   169  O  OG  . SER A 1 26 ? 2.97485   1.00326   -4.51178  1.000 4.70372  ? 26  SER A OG  1 
ATOM   170  N  N   . ALA A 1 27 ? 0.48258   -1.61182  -5.35169  1.000 3.55084  ? 27  ALA A N   1 
ATOM   171  C  CA  . ALA A 1 27 ? -0.06143  -1.79537  -6.69290  1.000 5.27970  ? 27  ALA A CA  1 
ATOM   172  C  C   . ALA A 1 27 ? 0.48550   -0.74023  -7.64878  1.000 6.69808  ? 27  ALA A C   1 
ATOM   173  O  O   . ALA A 1 27 ? 0.75578   -1.02892  -8.82152  1.000 4.39227  ? 27  ALA A O   1 
ATOM   174  C  CB  . ALA A 1 27 ? -1.59108  -1.75895  -6.64220  1.000 6.74165  ? 27  ALA A CB  1 
ATOM   175  N  N   . ALA A 1 28 ? 0.65444   0.49544   -7.16868  1.000 6.51031  ? 28  ALA A N   1 
ATOM   176  C  CA  . ALA A 1 28 ? 1.22334   1.53684   -8.02157  1.000 4.67295  ? 28  ALA A CA  1 
ATOM   177  C  C   . ALA A 1 28 ? 2.63738   1.17299   -8.46676  1.000 7.98301  ? 28  ALA A C   1 
ATOM   178  O  O   . ALA A 1 28 ? 3.00376   1.36582   -9.63531  1.000 7.96295  ? 28  ALA A O   1 
ATOM   179  C  CB  . ALA A 1 28 ? 1.22185   2.87674   -7.28529  1.000 5.77025  ? 28  ALA A CB  1 
ATOM   180  N  N   . GLU A 1 29 ? 3.44431   0.63302   -7.54976  1.000 6.42979  ? 29  GLU A N   1 
ATOM   181  C  CA  . GLU A 1 29 ? 4.81311   0.26414   -7.89665  1.000 6.37257  ? 29  GLU A CA  1 
ATOM   182  C  C   . GLU A 1 29 ? 4.84015   -0.92398  -8.85431  1.000 6.53096  ? 29  GLU A C   1 
ATOM   183  O  O   . GLU A 1 29 ? 5.68767   -0.99121  -9.75358  1.000 7.37811  ? 29  GLU A O   1 
ATOM   184  C  CB  . GLU A 1 29 ? 5.59813   -0.03069  -6.61740  1.000 6.61235  ? 29  GLU A CB  1 
ATOM   185  C  CG  . GLU A 1 29 ? 5.99410   1.23569   -5.84075  1.000 4.99247  ? 29  GLU A CG  1 
ATOM   186  C  CD  . GLU A 1 29 ? 6.58174   0.93901   -4.46493  1.000 7.37331  ? 29  GLU A CD  1 
ATOM   187  O  OE1 . GLU A 1 29 ? 6.09246   0.01690   -3.79975  1.000 5.90429  ? 29  GLU A OE1 1 
ATOM   188  O  OE2 . GLU A 1 29 ? 7.54585   1.61580   -4.04058  1.000 7.90933  ? 29  GLU A OE2 1 
ATOM   189  N  N   . LEU A 1 30 ? 3.91946   -1.86685  -8.67675  1.000 4.26153  ? 30  LEU A N   1 
ATOM   190  C  CA  . LEU A 1 30 ? 3.84094   -3.01372  -9.57409  1.000 8.49675  ? 30  LEU A CA  1 
ATOM   191  C  C   . LEU A 1 30 ? 3.46674   -2.57530  -10.98205 1.000 7.45019  ? 30  LEU A C   1 
ATOM   192  O  O   . LEU A 1 30 ? 3.96675   -3.13005  -11.96462 1.000 8.65863  ? 30  LEU A O   1 
ATOM   193  C  CB  . LEU A 1 30 ? 2.83155   -4.02801  -9.03285  1.000 4.62212  ? 30  LEU A CB  1 
ATOM   194  C  CG  . LEU A 1 30 ? 2.77742   -5.36064  -9.77854  1.000 9.58098  ? 30  LEU A CG  1 
ATOM   195  C  CD1 . LEU A 1 30 ? 4.13863   -6.07186  -9.66906  1.000 10.01591 ? 30  LEU A CD1 1 
ATOM   196  C  CD2 . LEU A 1 30 ? 1.60416   -6.21520  -9.29441  1.000 10.32907 ? 30  LEU A CD2 1 
ATOM   197  N  N   . ARG A 1 31 ? 2.59509   -1.56937  -11.09893 1.000 8.99101  ? 31  ARG A N   1 
ATOM   198  C  CA  . ARG A 1 31 ? 2.25756   -1.03954  -12.41573 1.000 7.49446  ? 31  ARG A CA  1 
ATOM   199  C  C   . ARG A 1 31 ? 3.47749   -0.43968  -13.10803 1.000 9.83266  ? 31  ARG A C   1 
ATOM   200  O  O   . ARG A 1 31 ? 3.66423   -0.62765  -14.31623 1.000 9.18494  ? 31  ARG A O   1 
ATOM   201  C  CB  . ARG A 1 31 ? 1.14395   -0.00841  -12.29355 1.000 11.30803 ? 31  ARG A CB  1 
ATOM   202  C  CG  . ARG A 1 31 ? 0.41177   0.22657   -13.60704 1.000 22.11780 ? 31  ARG A CG  1 
ATOM   203  C  CD  . ARG A 1 31 ? -0.83608  1.05152   -13.39943 1.000 23.54364 ? 31  ARG A CD  1 
ATOM   204  N  NE  . ARG A 1 31 ? -1.84894  0.34085   -12.62855 1.000 30.28065 ? 31  ARG A NE  1 
ATOM   205  C  CZ  . ARG A 1 31 ? -2.98219  0.88528   -12.20795 1.000 28.03328 ? 31  ARG A CZ  1 
ATOM   206  N  NH1 . ARG A 1 31 ? -3.26938  2.15483   -12.44793 1.000 34.67168 ? 31  ARG A NH1 1 
ATOM   207  N  NH2 . ARG A 1 31 ? -3.84925  0.13809   -11.52899 1.000 27.97729 ? 31  ARG A NH2 1 
ATOM   208  N  N   . ILE A 1 32 ? 4.31991   0.28371   -12.36392 1.000 7.04475  ? 32  ILE A N   1 
ATOM   209  C  CA  . ILE A 1 32 ? 5.53940   0.83985   -12.95209 1.000 8.62170  ? 32  ILE A CA  1 
ATOM   210  C  C   . ILE A 1 32 ? 6.45842   -0.27765  -13.42777 1.000 11.67349 ? 32  ILE A C   1 
ATOM   211  O  O   . ILE A 1 32 ? 7.00995   -0.22229  -14.53345 1.000 12.49562 ? 32  ILE A O   1 
ATOM   212  C  CB  . ILE A 1 32 ? 6.25481   1.76528   -11.94923 1.000 9.87844  ? 32  ILE A CB  1 
ATOM   213  C  CG1 . ILE A 1 32 ? 5.40783   3.00907   -11.65722 1.000 10.71075 ? 32  ILE A CG1 1 
ATOM   214  C  CG2 . ILE A 1 32 ? 7.62804   2.17025   -12.47674 1.000 13.75729 ? 32  ILE A CG2 1 
ATOM   215  C  CD1 . ILE A 1 32 ? 5.81011   3.74994   -10.40643 1.000 12.48997 ? 32  ILE A CD1 1 
ATOM   216  N  N   . VAL A 1 33 ? 6.63066   -1.30888  -12.59912 1.000 7.50811  ? 33  VAL A N   1 
ATOM   217  C  CA  . VAL A 1 33 ? 7.45124   -2.46357  -12.96084 1.000 11.17979 ? 33  VAL A CA  1 
ATOM   218  C  C   . VAL A 1 33 ? 6.94783   -3.09557  -14.25446 1.000 13.58158 ? 33  VAL A C   1 
ATOM   219  O  O   . VAL A 1 33 ? 7.72663   -3.40922  -15.16145 1.000 13.06946 ? 33  VAL A O   1 
ATOM   220  C  CB  . VAL A 1 33 ? 7.45307   -3.48015  -11.80412 1.000 11.93878 ? 33  VAL A CB  1 
ATOM   221  C  CG1 . VAL A 1 33 ? 8.07754   -4.79797  -12.22885 1.000 16.19481 ? 33  VAL A CG1 1 
ATOM   222  C  CG2 . VAL A 1 33 ? 8.17051   -2.89096  -10.58642 1.000 10.97995 ? 33  VAL A CG2 1 
ATOM   223  N  N   . MET A 1 34 ? 5.63478   -3.30217  -14.35349 1.000 11.20052 ? 34  MET A N   1 
ATOM   224  C  CA  . MET A 1 34 ? 5.08417   -4.00795  -15.50657 1.000 11.98495 ? 34  MET A CA  1 
ATOM   225  C  C   . MET A 1 34 ? 5.08768   -3.13855  -16.75371 1.000 16.33954 ? 34  MET A C   1 
ATOM   226  O  O   . MET A 1 34 ? 5.19555   -3.66091  -17.86971 1.000 15.67278 ? 34  MET A O   1 
ATOM   227  C  CB  . MET A 1 34 ? 3.66919   -4.49174  -15.19713 1.000 14.86927 ? 34  MET A CB  1 
ATOM   228  C  CG  . MET A 1 34 ? 3.63181   -5.51640  -14.08358 1.000 15.58679 ? 34  MET A CG  1 
ATOM   229  S  SD  . MET A 1 34 ? 4.73349   -6.88574  -14.44119 1.000 22.40112 ? 34  MET A SD  1 
ATOM   230  C  CE  . MET A 1 34 ? 5.02149   -7.55618  -12.80859 1.000 28.28793 ? 34  MET A CE  1 
ATOM   231  N  N   . THR A 1 35 ? 4.95178   -1.82308  -16.58732 1.000 9.75704  ? 35  THR A N   1 
ATOM   232  C  CA  . THR A 1 35 ? 5.15038   -0.91100  -17.70802 1.000 14.79632 ? 35  THR A CA  1 
ATOM   233  C  C   . THR A 1 35 ? 6.58830   -0.97816  -18.21246 1.000 20.70950 ? 35  THR A C   1 
ATOM   234  O  O   . THR A 1 35 ? 6.83513   -0.98709  -19.42552 1.000 18.30297 ? 35  THR A O   1 
ATOM   235  C  CB  . THR A 1 35 ? 4.79278   0.51434   -17.28210 1.000 18.53542 ? 35  THR A CB  1 
ATOM   236  O  OG1 . THR A 1 35 ? 3.39235   0.59493   -16.98952 1.000 20.41150 ? 35  THR A OG1 1 
ATOM   237  C  CG2 . THR A 1 35 ? 5.12969   1.51236   -18.37860 1.000 23.14831 ? 35  THR A CG2 1 
ATOM   238  N  N   . ASN A 1 36 ? 7.55102   -1.04673  -17.29243 1.000 18.15442 ? 36  ASN A N   1 
ATOM   239  C  CA  . ASN A 1 36 ? 8.95221   -1.14343  -17.68264 1.000 16.62636 ? 36  ASN A CA  1 
ATOM   240  C  C   . ASN A 1 36 ? 9.27937   -2.46654  -18.36677 1.000 23.54042 ? 36  ASN A C   1 
ATOM   241  O  O   . ASN A 1 36 ? 10.24707  -2.53426  -19.13143 1.000 22.10457 ? 36  ASN A O   1 
ATOM   242  C  CB  . ASN A 1 36 ? 9.85414   -0.95137  -16.45758 1.000 17.48489 ? 36  ASN A CB  1 
ATOM   243  C  CG  . ASN A 1 36 ? 9.81710   0.46736   -15.92316 1.000 27.18102 ? 36  ASN A CG  1 
ATOM   244  O  OD1 . ASN A 1 36 ? 9.29912   1.37434   -16.57861 1.000 26.07775 ? 36  ASN A OD1 1 
ATOM   245  N  ND2 . ASN A 1 36 ? 10.37374  0.67032   -14.72999 1.000 27.75707 ? 36  ASN A ND2 1 
ATOM   246  N  N   . ARG A 1 37 ? 8.50037   -3.51794  -18.12579 1.000 17.82784 ? 37  ARG A N   1 
ATOM   247  C  CA  . ARG A 1 37 ? 8.75654   -4.81162  -18.74127 1.000 21.09791 ? 37  ARG A CA  1 
ATOM   248  C  C   . ARG A 1 37 ? 7.92199   -5.03865  -19.99497 1.000 18.72527 ? 37  ARG A C   1 
ATOM   249  O  O   . ARG A 1 37 ? 7.82088   -6.17625  -20.46451 1.000 29.96171 ? 37  ARG A O   1 
ATOM   250  C  CB  . ARG A 1 37 ? 8.51338   -5.93177  -17.73188 1.000 19.97240 ? 37  ARG A CB  1 
ATOM   251  C  CG  . ARG A 1 37 ? 9.59311   -6.04764  -16.67646 1.000 26.38695 ? 37  ARG A CG  1 
ATOM   252  C  CD  . ARG A 1 37 ? 9.10507   -6.89976  -15.51441 1.000 30.73523 ? 37  ARG A CD  1 
ATOM   253  N  NE  . ARG A 1 37 ? 10.18918  -7.28785  -14.62116 1.000 38.89412 ? 37  ARG A NE  1 
ATOM   254  C  CZ  . ARG A 1 37 ? 10.04816  -8.10344  -13.58541 1.000 31.29610 ? 37  ARG A CZ  1 
ATOM   255  N  NH1 . ARG A 1 37 ? 8.86891   -8.60628  -13.25622 1.000 32.90356 ? 37  ARG A NH1 1 
ATOM   256  N  NH2 . ARG A 1 37 ? 11.11940  -8.43403  -12.87047 1.000 34.11488 ? 37  ARG A NH2 1 
ATOM   257  N  N   . GLY A 1 38 ? 7.31821   -3.98768  -20.54301 1.000 20.44812 ? 38  GLY A N   1 
ATOM   258  C  CA  . GLY A 1 38 ? 6.58751   -4.07704  -21.79230 1.000 25.04103 ? 38  GLY A CA  1 
ATOM   259  C  C   . GLY A 1 38 ? 5.09794   -3.83633  -21.68785 1.000 23.77689 ? 38  GLY A C   1 
ATOM   260  O  O   . GLY A 1 38 ? 4.43123   -3.74416  -22.72879 1.000 30.56240 ? 38  GLY A O   1 
ATOM   261  N  N   . GLU A 1 39 ? 4.55356   -3.73387  -20.47235 1.000 16.87592 ? 39  GLU A N   1 
ATOM   262  C  CA  . GLU A 1 39 ? 3.12800   -3.54880  -20.21391 1.000 22.02645 ? 39  GLU A CA  1 
ATOM   263  C  C   . GLU A 1 39 ? 2.32396   -4.72464  -20.76121 1.000 19.63876 ? 39  GLU A C   1 
ATOM   264  O  O   . GLU A 1 39 ? 1.42546   -4.53261  -21.59132 1.000 22.50061 ? 39  GLU A O   1 
ATOM   265  C  CB  . GLU A 1 39 ? 2.63991   -2.22514  -20.80916 1.000 19.98191 ? 39  GLU A CB  1 
ATOM   266  C  CG  . GLU A 1 39 ? 1.32670   -1.71380  -20.23098 1.000 25.07193 ? 39  GLU A CG  1 
ATOM   267  C  CD  . GLU A 1 39 ? 1.19061   -0.21011  -20.35106 1.000 34.33883 ? 39  GLU A CD  1 
ATOM   268  O  OE1 . GLU A 1 39 ? 0.91271   0.28113   -21.46332 1.000 33.38707 ? 39  GLU A OE1 1 
ATOM   269  O  OE2 . GLU A 1 39 ? 1.37903   0.48322   -19.32773 1.000 39.62091 ? 39  GLU A OE2 1 
ATOM   270  N  N   . PRO A 1 40 ? 2.59817   -5.95265  -20.30841 1.000 16.46079 ? 40  PRO A N   1 
ATOM   271  C  CA  . PRO A 1 40 ? 1.83952   -7.10586  -20.80764 1.000 18.38639 ? 40  PRO A CA  1 
ATOM   272  C  C   . PRO A 1 40 ? 0.42004   -7.18902  -20.27015 1.000 16.70894 ? 40  PRO A C   1 
ATOM   273  O  O   . PRO A 1 40 ? -0.38599  -7.95721  -20.81425 1.000 13.05597 ? 40  PRO A O   1 
ATOM   274  C  CB  . PRO A 1 40 ? 2.67277   -8.29275  -20.31596 1.000 14.68839 ? 40  PRO A CB  1 
ATOM   275  C  CG  . PRO A 1 40 ? 3.22116   -7.81214  -19.01598 1.000 17.83807 ? 40  PRO A CG  1 
ATOM   276  C  CD  . PRO A 1 40 ? 3.54258   -6.34853  -19.24631 1.000 16.09372 ? 40  PRO A CD  1 
ATOM   277  N  N   . LEU A 1 41 ? 0.08833   -6.43088  -19.22744 1.000 13.31482 ? 41  LEU A N   1 
ATOM   278  C  CA  . LEU A 1 41 ? -1.16993  -6.59511  -18.51514 1.000 10.57738 ? 41  LEU A CA  1 
ATOM   279  C  C   . LEU A 1 41 ? -1.91635  -5.27177  -18.44543 1.000 11.20927 ? 41  LEU A C   1 
ATOM   280  O  O   . LEU A 1 41 ? -1.30841  -4.20381  -18.35410 1.000 13.02783 ? 41  LEU A O   1 
ATOM   281  C  CB  . LEU A 1 41 ? -0.93247  -7.13257  -17.09511 1.000 9.56050  ? 41  LEU A CB  1 
ATOM   282  C  CG  . LEU A 1 41 ? -0.34149  -8.53592  -16.94916 1.000 17.57599 ? 41  LEU A CG  1 
ATOM   283  C  CD1 . LEU A 1 41 ? -0.15692  -8.88494  -15.48273 1.000 11.30008 ? 41  LEU A CD1 1 
ATOM   284  C  CD2 . LEU A 1 41 ? -1.21996  -9.57685  -17.63041 1.000 13.91471 ? 41  LEU A CD2 1 
ATOM   285  N  N   . THR A 1 42 ? -3.24514  -5.34952  -18.48774 1.000 11.13968 ? 42  THR A N   1 
ATOM   286  C  CA  . THR A 1 42 ? -4.05536  -4.15961  -18.27499 1.000 11.29179 ? 42  THR A CA  1 
ATOM   287  C  C   . THR A 1 42 ? -3.88259  -3.65089  -16.84316 1.000 13.57641 ? 42  THR A C   1 
ATOM   288  O  O   . THR A 1 42 ? -3.35949  -4.33912  -15.96407 1.000 14.75982 ? 42  THR A O   1 
ATOM   289  C  CB  . THR A 1 42 ? -5.53813  -4.44038  -18.54157 1.000 14.40510 ? 42  THR A CB  1 
ATOM   290  O  OG1 . THR A 1 42 ? -6.05199  -5.32696  -17.54070 1.000 16.94078 ? 42  THR A OG1 1 
ATOM   291  C  CG2 . THR A 1 42 ? -5.74568  -5.06214  -19.93135 1.000 11.52382 ? 42  THR A CG2 1 
ATOM   292  N  N   . ASP A 1 43 ? -4.34336  -2.42276  -16.61378 1.000 15.47720 ? 43  ASP A N   1 
ATOM   293  C  CA  . ASP A 1 43 ? -4.29872  -1.85929  -15.26837 1.000 22.13362 ? 43  ASP A CA  1 
ATOM   294  C  C   . ASP A 1 43 ? -5.01589  -2.76158  -14.27212 1.000 19.31993 ? 43  ASP A C   1 
ATOM   295  O  O   . ASP A 1 43 ? -4.49794  -3.03630  -13.18201 1.000 16.24903 ? 43  ASP A O   1 
ATOM   296  C  CB  . ASP A 1 43 ? -4.90399  -0.45594  -15.26923 1.000 22.65648 ? 43  ASP A CB  1 
ATOM   297  C  CG  . ASP A 1 43 ? -4.08754  0.52271   -16.08627 1.000 24.97839 ? 43  ASP A CG  1 
ATOM   298  O  OD1 . ASP A 1 43 ? -2.84601  0.38582   -16.10640 1.000 25.50229 ? 43  ASP A OD1 1 
ATOM   299  O  OD2 . ASP A 1 43 ? -4.68145  1.42508   -16.71012 1.000 34.68687 ? 43  ASP A OD2 1 
ATOM   300  N  N   . GLU A 1 44 ? -6.19808  -3.26101  -14.64484 1.000 16.38625 ? 44  GLU A N   1 
ATOM   301  C  CA  . GLU A 1 44 ? -6.96591  -4.09836  -13.72916 1.000 15.63682 ? 44  GLU A CA  1 
ATOM   302  C  C   . GLU A 1 44 ? -6.25657  -5.41495  -13.45590 1.000 14.19575 ? 44  GLU A C   1 
ATOM   303  O  O   . GLU A 1 44 ? -6.30642  -5.92991  -12.33232 1.000 14.56267 ? 44  GLU A O   1 
ATOM   304  C  CB  . GLU A 1 44 ? -8.36554  -4.37087  -14.29170 1.000 16.64158 ? 44  GLU A CB  1 
ATOM   305  C  CG  . GLU A 1 44 ? -9.12746  -3.13712  -14.74555 1.000 31.61898 ? 44  GLU A CG  1 
ATOM   306  C  CD  . GLU A 1 44 ? -9.10227  -2.94797  -16.25409 1.000 32.50405 ? 44  GLU A CD  1 
ATOM   307  O  OE1 . GLU A 1 44 ? -7.99804  -2.83272  -16.83000 1.000 30.40961 ? 44  GLU A OE1 1 
ATOM   308  O  OE2 . GLU A 1 44 ? -10.19431 -2.91961  -16.86426 1.000 33.94926 ? 44  GLU A OE2 1 
ATOM   309  N  N   . GLU A 1 45 ? -5.60444  -5.98274  -14.47575 1.000 12.12501 ? 45  GLU A N   1 
ATOM   310  C  CA  . GLU A 1 45 ? -4.90592  -7.25333  -14.29931 1.000 11.26671 ? 45  GLU A CA  1 
ATOM   311  C  C   . GLU A 1 45 ? -3.71168  -7.10541  -13.36826 1.000 9.57940  ? 45  GLU A C   1 
ATOM   312  O  O   . GLU A 1 45 ? -3.40866  -8.01697  -12.59083 1.000 10.65399 ? 45  GLU A O   1 
ATOM   313  C  CB  . GLU A 1 45 ? -4.46263  -7.80010  -15.65502 1.000 11.83918 ? 45  GLU A CB  1 
ATOM   314  C  CG  . GLU A 1 45 ? -5.60099  -8.43538  -16.45313 1.000 8.52879  ? 45  GLU A CG  1 
ATOM   315  C  CD  . GLU A 1 45 ? -5.26970  -8.59338  -17.92320 1.000 11.18088 ? 45  GLU A CD  1 
ATOM   316  O  OE1 . GLU A 1 45 ? -4.10096  -8.34916  -18.31256 1.000 10.23282 ? 45  GLU A OE1 1 
ATOM   317  O  OE2 . GLU A 1 45 ? -6.19081  -8.95284  -18.69292 1.000 16.28758 ? 45  GLU A OE2 1 
ATOM   318  N  N   . VAL A 1 46 ? -3.00927  -5.97450  -13.44717 1.000 11.05296 ? 46  VAL A N   1 
ATOM   319  C  CA  . VAL A 1 46 ? -1.92515  -5.71070  -12.50518 1.000 13.42287 ? 46  VAL A CA  1 
ATOM   320  C  C   . VAL A 1 46 ? -2.46739  -5.67223  -11.07921 1.000 12.09261 ? 46  VAL A C   1 
ATOM   321  O  O   . VAL A 1 46 ? -1.88149  -6.25430  -10.15424 1.000 12.09651 ? 46  VAL A O   1 
ATOM   322  C  CB  . VAL A 1 46 ? -1.19715  -4.40382  -12.87712 1.000 11.93119 ? 46  VAL A CB  1 
ATOM   323  C  CG1 . VAL A 1 46 ? -0.13646  -4.05699  -11.83047 1.000 13.38300 ? 46  VAL A CG1 1 
ATOM   324  C  CG2 . VAL A 1 46 ? -0.56128  -4.51134  -14.26496 1.000 11.53928 ? 46  VAL A CG2 1 
ATOM   325  N  N   . ASP A 1 47 ? -3.60845  -4.99968  -10.88389 1.000 10.63799 ? 47  ASP A N   1 
ATOM   326  C  CA  . ASP A 1 47 ? -4.20218  -4.93802  -9.55064  1.000 10.44044 ? 47  ASP A CA  1 
ATOM   327  C  C   . ASP A 1 47 ? -4.61037  -6.32536  -9.06807  1.000 11.42371 ? 47  ASP A C   1 
ATOM   328  O  O   . ASP A 1 47 ? -4.44845  -6.65356  -7.88595  1.000 13.76965 ? 47  ASP A O   1 
ATOM   329  C  CB  . ASP A 1 47 ? -5.38800  -3.97546  -9.55046  1.000 21.80258 ? 47  ASP A CB  1 
ATOM   330  C  CG  . ASP A 1 47 ? -4.95555  -2.52162  -9.68761  1.000 18.29828 ? 47  ASP A CG  1 
ATOM   331  O  OD1 . ASP A 1 47 ? -3.73472  -2.25518  -9.64371  1.000 19.32886 ? 47  ASP A OD1 1 
ATOM   332  O  OD2 . ASP A 1 47 ? -5.83234  -1.64230  -9.84292  1.000 23.02305 ? 47  ASP A OD2 1 
ATOM   333  N  N   . GLU A 1 48 ? -5.10741  -7.16718  -9.97855  1.000 10.92475 ? 48  GLU A N   1 
ATOM   334  C  CA  . GLU A 1 48 ? -5.41792  -8.54981  -9.62868  1.000 11.30886 ? 48  GLU A CA  1 
ATOM   335  C  C   . GLU A 1 48 ? -4.15495  -9.32661  -9.26301  1.000 9.44138  ? 48  GLU A C   1 
ATOM   336  O  O   . GLU A 1 48 ? -4.15433  -10.11572 -8.31034  1.000 9.45104  ? 48  GLU A O   1 
ATOM   337  C  CB  . GLU A 1 48 ? -6.16115  -9.22294  -10.78738 1.000 11.48968 ? 48  GLU A CB  1 
ATOM   338  C  CG  . GLU A 1 48 ? -7.47935  -8.54064  -11.12381 1.000 17.50725 ? 48  GLU A CG  1 
ATOM   339  C  CD  . GLU A 1 48 ? -8.23829  -9.18199  -12.28218 1.000 24.94167 ? 48  GLU A CD  1 
ATOM   340  O  OE1 . GLU A 1 48 ? -7.79119  -9.09394  -13.45034 1.000 22.12026 ? 48  GLU A OE1 1 
ATOM   341  O  OE2 . GLU A 1 48 ? -9.30626  -9.76596  -12.01752 1.000 31.32021 ? 48  GLU A OE2 1 
ATOM   342  N  N   . LEU A 1 49 ? -3.06895  -9.11308  -10.00891 1.000 9.29106  ? 49  LEU A N   1 
ATOM   343  C  CA  . LEU A 1 49 ? -1.79628  -9.74582  -9.67308  1.000 8.06569  ? 49  LEU A CA  1 
ATOM   344  C  C   . LEU A 1 49 ? -1.31478  -9.30904  -8.29665  1.000 6.42329  ? 49  LEU A C   1 
ATOM   345  O  O   . LEU A 1 49 ? -0.84384  -10.13051 -7.50168  1.000 7.64465  ? 49  LEU A O   1 
ATOM   346  C  CB  . LEU A 1 49 ? -0.75158  -9.40669  -10.73397 1.000 10.85026 ? 49  LEU A CB  1 
ATOM   347  C  CG  . LEU A 1 49 ? 0.67329   -9.84356  -10.41117 1.000 5.02203  ? 49  LEU A CG  1 
ATOM   348  C  CD1 . LEU A 1 49 ? 0.73221   -11.33439 -10.11575 1.000 9.05053  ? 49  LEU A CD1 1 
ATOM   349  C  CD2 . LEU A 1 49 ? 1.58684   -9.49166  -11.58460 1.000 10.17764 ? 49  LEU A CD2 1 
ATOM   350  N  N   . HIS A 1 50 ? -1.43117  -8.01584  -7.99833  1.000 7.01270  ? 50  HIS A N   1 
ATOM   351  C  CA  . HIS A 1 50 ? -1.05324  -7.52393  -6.67863  1.000 6.73796  ? 50  HIS A CA  1 
ATOM   352  C  C   . HIS A 1 50 ? -1.90435  -8.16434  -5.58424  1.000 9.83605  ? 50  HIS A C   1 
ATOM   353  O  O   . HIS A 1 50 ? -1.38651  -8.55508  -4.53017  1.000 7.35289  ? 50  HIS A O   1 
ATOM   354  C  CB  . HIS A 1 50 ? -1.16425  -6.00193  -6.64493  1.000 9.59759  ? 50  HIS A CB  1 
ATOM   355  C  CG  . HIS A 1 50 ? -0.50909  -5.37851  -5.45129  1.000 7.05242  ? 50  HIS A CG  1 
ATOM   356  N  ND1 . HIS A 1 50 ? -1.15512  -5.24258  -4.24392  1.000 5.93978  ? 50  HIS A ND1 1 
ATOM   357  C  CD2 . HIS A 1 50 ? 0.73734   -4.87908  -5.27027  1.000 5.20589  ? 50  HIS A CD2 1 
ATOM   358  C  CE1 . HIS A 1 50 ? -0.34140  -4.67845  -3.36910  1.000 6.74593  ? 50  HIS A CE1 1 
ATOM   359  N  NE2 . HIS A 1 50 ? 0.81409   -4.44143  -3.96807  1.000 5.82010  ? 50  HIS A NE2 1 
ATOM   360  N  N   . ARG A 1 51 ? -3.21097  -8.30129  -5.81780  1.000 8.78557  ? 51  ARG A N   1 
ATOM   361  C  CA  . ARG A 1 51 ? -4.05252  -8.90564  -4.79452  1.000 6.80871  ? 51  ARG A CA  1 
ATOM   362  C  C   . ARG A 1 51 ? -3.71820  -10.37852 -4.60672  1.000 8.42259  ? 51  ARG A C   1 
ATOM   363  O  O   . ARG A 1 51 ? -3.79636  -10.88821 -3.48214  1.000 8.85022  ? 51  ARG A O   1 
ATOM   364  C  CB  . ARG A 1 51 ? -5.52962  -8.70032  -5.14301  1.000 10.62686 ? 51  ARG A CB  1 
ATOM   365  C  CG  . ARG A 1 51 ? -5.94847  -7.24551  -5.05964  1.000 9.26693  ? 51  ARG A CG  1 
ATOM   366  C  CD  . ARG A 1 51 ? -7.45874  -7.06579  -5.12326  1.000 14.03285 ? 51  ARG A CD  1 
ATOM   367  N  NE  . ARG A 1 51 ? -8.00375  -7.52438  -6.39312  1.000 17.65119 ? 51  ARG A NE  1 
ATOM   368  C  CZ  . ARG A 1 51 ? -8.29279  -6.73039  -7.41438  1.000 19.96093 ? 51  ARG A CZ  1 
ATOM   369  N  NH1 . ARG A 1 51 ? -8.09843  -5.42259  -7.35008  1.000 25.95921 ? 51  ARG A NH1 1 
ATOM   370  N  NH2 . ARG A 1 51 ? -8.80383  -7.26026  -8.52250  1.000 21.68388 ? 51  ARG A NH2 1 
ATOM   371  N  N   . GLU A 1 52 ? -3.30065  -11.06111 -5.68411  1.000 9.65636  ? 52  GLU A N   1 
ATOM   372  C  CA  . GLU A 1 52 ? -2.85657  -12.45052 -5.58854  1.000 10.21894 ? 52  GLU A CA  1 
ATOM   373  C  C   . GLU A 1 52 ? -1.58372  -12.57273 -4.75881  1.000 11.37230 ? 52  GLU A C   1 
ATOM   374  O  O   . GLU A 1 52 ? -1.41037  -13.54324 -4.01292  1.000 8.17770  ? 52  GLU A O   1 
ATOM   375  C  CB  . GLU A 1 52 ? -2.63710  -13.01876 -6.99467  1.000 9.89774  ? 52  GLU A CB  1 
ATOM   376  C  CG  . GLU A 1 52 ? -1.87185  -14.33042 -7.02943  1.000 12.04222 ? 52  GLU A CG  1 
ATOM   377  C  CD  . GLU A 1 52 ? -2.68015  -15.48809 -6.49178  1.000 15.08791 ? 52  GLU A CD  1 
ATOM   378  O  OE1 . GLU A 1 52 ? -3.91732  -15.41088 -6.57164  1.000 15.90405 ? 52  GLU A OE1 1 
ATOM   379  O  OE2 . GLU A 1 52 ? -2.08442  -16.46930 -5.99829  1.000 19.87124 ? 52  GLU A OE2 1 
ATOM   380  N  N   . THR A 1 53 ? -0.68708  -11.59332 -4.87423  1.000 6.30858  ? 53  THR A N   1 
ATOM   381  C  CA  . THR A 1 53 ? 0.57724   -11.61852 -4.14657  1.000 8.13937  ? 53  THR A CA  1 
ATOM   382  C  C   . THR A 1 53 ? 0.41712   -11.18094 -2.68950  1.000 9.81181  ? 53  THR A C   1 
ATOM   383  O  O   . THR A 1 53 ? 1.14826   -11.66345 -1.81329  1.000 7.20407  ? 53  THR A O   1 
ATOM   384  C  CB  . THR A 1 53 ? 1.59770   -10.72887 -4.87049  1.000 6.88032  ? 53  THR A CB  1 
ATOM   385  O  OG1 . THR A 1 53 ? 1.66588   -11.11074 -6.24932  1.000 8.59529  ? 53  THR A OG1 1 
ATOM   386  C  CG2 . THR A 1 53 ? 2.98792   -10.86969 -4.25706  1.000 5.29589  ? 53  THR A CG2 1 
ATOM   387  N  N   . ASP A 1 54 ? -0.53487  -10.29059 -2.40719  1.000 8.45260  ? 54  ASP A N   1 
ATOM   388  C  CA  . ASP A 1 54 ? -0.72680  -9.72025  -1.07140  1.000 7.38577  ? 54  ASP A CA  1 
ATOM   389  C  C   . ASP A 1 54 ? -1.47623  -10.70331 -0.16843  1.000 8.00132  ? 54  ASP A C   1 
ATOM   390  O  O   . ASP A 1 54 ? -2.69774  -10.64398 -0.01926  1.000 11.25598 ? 54  ASP A O   1 
ATOM   391  C  CB  . ASP A 1 54 ? -1.46551  -8.39539  -1.18247  1.000 7.48231  ? 54  ASP A CB  1 
ATOM   392  C  CG  . ASP A 1 54 ? -1.76919  -7.78259  0.16116   1.000 7.97635  ? 54  ASP A CG  1 
ATOM   393  O  OD1 . ASP A 1 54 ? -0.99941  -8.01688  1.12099   1.000 7.54147  ? 54  ASP A OD1 1 
ATOM   394  O  OD2 . ASP A 1 54 ? -2.79085  -7.08292  0.25571   1.000 6.21168  ? 54  ASP A OD2 1 
ATOM   395  N  N   . ILE A 1 55 ? -0.72518  -11.56963 0.51207   1.000 4.98984  ? 55  ILE A N   1 
ATOM   396  C  CA  . ILE A 1 55 ? -1.33269  -12.68973 1.23256   1.000 8.48811  ? 55  ILE A CA  1 
ATOM   397  C  C   . ILE A 1 55 ? -2.14942  -12.21164 2.43267   1.000 10.54531 ? 55  ILE A C   1 
ATOM   398  O  O   . ILE A 1 55 ? -3.27453  -12.67788 2.65053   1.000 12.41132 ? 55  ILE A O   1 
ATOM   399  C  CB  . ILE A 1 55 ? -0.25053  -13.70292 1.64450   1.000 9.61566  ? 55  ILE A CB  1 
ATOM   400  C  CG1 . ILE A 1 55 ? 0.41564   -14.25047 0.38062   1.000 12.96066 ? 55  ILE A CG1 1 
ATOM   401  C  CG2 . ILE A 1 55 ? -0.83847  -14.81259 2.52224   1.000 13.03403 ? 55  ILE A CG2 1 
ATOM   402  C  CD1 . ILE A 1 55 ? 1.03415   -15.58884 0.56194   1.000 17.78007 ? 55  ILE A CD1 1 
ATOM   403  N  N   . ASP A 1 56 ? -1.60151  -11.30356 3.24706   1.000 10.14671 ? 56  ASP A N   1 
ATOM   404  C  CA  . ASP A 1 56 ? -2.33032  -10.91860 4.45719   1.000 11.26515 ? 56  ASP A CA  1 
ATOM   405  C  C   . ASP A 1 56 ? -3.34651  -9.80866  4.22486   1.000 10.18052 ? 56  ASP A C   1 
ATOM   406  O  O   . ASP A 1 56 ? -4.04260  -9.41400  5.17251   1.000 10.06707 ? 56  ASP A O   1 
ATOM   407  C  CB  . ASP A 1 56 ? -1.36878  -10.52559 5.59071   1.000 7.05664  ? 56  ASP A CB  1 
ATOM   408  C  CG  . ASP A 1 56 ? -0.51030  -9.29772  5.28040   1.000 7.49984  ? 56  ASP A CG  1 
ATOM   409  O  OD1 . ASP A 1 56 ? -0.77417  -8.57187  4.30081   1.000 5.69146  ? 56  ASP A OD1 1 
ATOM   410  O  OD2 . ASP A 1 56 ? 0.45199   -9.06860  6.04740   1.000 8.38746  ? 56  ASP A OD2 1 
ATOM   411  N  N   . GLY A 1 57 ? -3.46189  -9.30521  3.00074   1.000 6.78881  ? 57  GLY A N   1 
ATOM   412  C  CA  . GLY A 1 57 ? -4.56921  -8.43294  2.67950   1.000 8.00030  ? 57  GLY A CA  1 
ATOM   413  C  C   . GLY A 1 57 ? -4.42499  -7.00076  3.12318   1.000 8.82123  ? 57  GLY A C   1 
ATOM   414  O  O   . GLY A 1 57 ? -5.39754  -6.24859  3.04116   1.000 8.02737  ? 57  GLY A O   1 
ATOM   415  N  N   . ASP A 1 58 ? -3.24470  -6.59078  3.58146   1.000 8.33721  ? 58  ASP A N   1 
ATOM   416  C  CA  . ASP A 1 58 ? -3.07932  -5.19720  3.95988   1.000 5.72909  ? 58  ASP A CA  1 
ATOM   417  C  C   . ASP A 1 58 ? -2.86792  -4.28036  2.75831   1.000 3.75278  ? 58  ASP A C   1 
ATOM   418  O  O   . ASP A 1 58 ? -2.69403  -3.07356  2.95302   1.000 4.59036  ? 58  ASP A O   1 
ATOM   419  C  CB  . ASP A 1 58 ? -1.93841  -5.05254  4.97827   1.000 5.06150  ? 58  ASP A CB  1 
ATOM   420  C  CG  . ASP A 1 58 ? -0.55939  -5.31603  4.39110   1.000 4.46817  ? 58  ASP A CG  1 
ATOM   421  O  OD1 . ASP A 1 58 ? -0.45165  -5.70257  3.21597   1.000 6.79281  ? 58  ASP A OD1 1 
ATOM   422  O  OD2 . ASP A 1 58 ? 0.43260   -5.11939  5.12196   1.000 5.82865  ? 58  ASP A OD2 1 
ATOM   423  N  N   . GLY A 1 59 ? -2.91196  -4.80866  1.53051   1.000 4.37273  ? 59  GLY A N   1 
ATOM   424  C  CA  . GLY A 1 59 ? -2.71954  -3.99565  0.34739   1.000 6.51446  ? 59  GLY A CA  1 
ATOM   425  C  C   . GLY A 1 59 ? -1.28523  -3.62978  0.05369   1.000 5.54394  ? 59  GLY A C   1 
ATOM   426  O  O   . GLY A 1 59 ? -1.04220  -2.75083  -0.78183  1.000 7.29915  ? 59  GLY A O   1 
ATOM   427  N  N   . GLN A 1 60 ? -0.33496  -4.28325  0.71039   1.000 3.33018  ? 60  GLN A N   1 
ATOM   428  C  CA  . GLN A 1 60 ? 1.08143   -3.93623  0.66170   1.000 2.88092  ? 60  GLN A CA  1 
ATOM   429  C  C   . GLN A 1 60 ? 1.87371   -5.23180  0.57827   1.000 4.92407  ? 60  GLN A C   1 
ATOM   430  O  O   . GLN A 1 60 ? 1.69652   -6.10943  1.42120   1.000 3.98358  ? 60  GLN A O   1 
ATOM   431  C  CB  . GLN A 1 60 ? 1.48449   -3.14893  1.91850   1.000 2.99316  ? 60  GLN A CB  1 
ATOM   432  C  CG  . GLN A 1 60 ? 0.59267   -1.95957  2.22386   1.000 4.19021  ? 60  GLN A CG  1 
ATOM   433  C  CD  . GLN A 1 60 ? 0.89948   -1.27963  3.55231   1.000 4.23159  ? 60  GLN A CD  1 
ATOM   434  O  OE1 . GLN A 1 60 ? 0.13634   -0.42921  4.00165   1.000 5.26720  ? 60  GLN A OE1 1 
ATOM   435  N  NE2 . GLN A 1 60 ? 2.01057   -1.65223  4.19134   1.000 3.99957  ? 60  GLN A NE2 1 
ATOM   436  N  N   . VAL A 1 61 ? 2.76118   -5.36532  -0.39992  1.000 4.73139  ? 61  VAL A N   1 
ATOM   437  C  CA  . VAL A 1 61 ? 3.47989   -6.62559  -0.57377  1.000 5.02609  ? 61  VAL A CA  1 
ATOM   438  C  C   . VAL A 1 61 ? 4.81974   -6.53943  0.15459   1.000 4.10900  ? 61  VAL A C   1 
ATOM   439  O  O   . VAL A 1 61 ? 5.75467   -5.88708  -0.31638  1.000 3.34074  ? 61  VAL A O   1 
ATOM   440  C  CB  . VAL A 1 61 ? 3.64928   -6.96436  -2.05783  1.000 2.58384  ? 61  VAL A CB  1 
ATOM   441  C  CG1 . VAL A 1 61 ? 4.56351   -8.15910  -2.24677  1.000 2.75442  ? 61  VAL A CG1 1 
ATOM   442  C  CG2 . VAL A 1 61 ? 2.25615   -7.25420  -2.65278  1.000 3.14492  ? 61  VAL A CG2 1 
ATOM   443  N  N   . ASN A 1 62 ? 4.92995   -7.21420  1.30220   1.000 3.85576  ? 62  ASN A N   1 
ATOM   444  C  CA  . ASN A 1 62 ? 6.22326   -7.20276  1.96495   1.000 3.17732  ? 62  ASN A CA  1 
ATOM   445  C  C   . ASN A 1 62 ? 7.14215   -8.24159  1.32519   1.000 3.68469  ? 62  ASN A C   1 
ATOM   446  O  O   . ASN A 1 62 ? 6.74225   -8.98804  0.41884   1.000 3.98354  ? 62  ASN A O   1 
ATOM   447  C  CB  . ASN A 1 62 ? 6.09471   -7.43194  3.47587   1.000 4.34380  ? 62  ASN A CB  1 
ATOM   448  C  CG  . ASN A 1 62 ? 5.36894   -8.71683  3.83659   1.000 3.81383  ? 62  ASN A CG  1 
ATOM   449  O  OD1 . ASN A 1 62 ? 5.47730   -9.73269  3.16123   1.000 3.48270  ? 62  ASN A OD1 1 
ATOM   450  N  ND2 . ASN A 1 62 ? 4.64280   -8.67462  4.94494   1.000 5.93486  ? 62  ASN A ND2 1 
ATOM   451  N  N   . TYR A 1 63 ? 8.39617   -8.28156  1.81374   1.000 3.68758  ? 63  TYR A N   1 
ATOM   452  C  CA  . TYR A 1 63 ? 9.40623   -9.15602  1.21560   1.000 3.54473  ? 63  TYR A CA  1 
ATOM   453  C  C   . TYR A 1 63 ? 9.00105   -10.61467 1.30941   1.000 5.70979  ? 63  TYR A C   1 
ATOM   454  O  O   . TYR A 1 63 ? 9.18894   -11.37743 0.35952   1.000 4.54250  ? 63  TYR A O   1 
ATOM   455  C  CB  . TYR A 1 63 ? 10.77125  -8.95081  1.88214   1.000 4.65750  ? 63  TYR A CB  1 
ATOM   456  C  CG  . TYR A 1 63 ? 11.85821  -9.84266  1.30120   1.000 4.27085  ? 63  TYR A CG  1 
ATOM   457  C  CD1 . TYR A 1 63 ? 12.49346  -9.50577  0.11192   1.000 6.18530  ? 63  TYR A CD1 1 
ATOM   458  C  CD2 . TYR A 1 63 ? 12.24007  -11.02921 1.93406   1.000 6.80663  ? 63  TYR A CD2 1 
ATOM   459  C  CE1 . TYR A 1 63 ? 13.48199  -10.32428 -0.43715  1.000 7.50137  ? 63  TYR A CE1 1 
ATOM   460  C  CE2 . TYR A 1 63 ? 13.24415  -11.84348 1.40079   1.000 5.71274  ? 63  TYR A CE2 1 
ATOM   461  C  CZ  . TYR A 1 63 ? 13.85033  -11.48731 0.21835   1.000 7.34948  ? 63  TYR A CZ  1 
ATOM   462  O  OH  . TYR A 1 63 ? 14.83278  -12.28969 -0.31516  1.000 5.22503  ? 63  TYR A OH  1 
ATOM   463  N  N   . GLU A 1 64 ? 8.45405   -11.01760 2.45525   1.000 4.38875  ? 64  GLU A N   1 
ATOM   464  C  CA  . GLU A 1 64 ? 7.97579   -12.38029 2.64037   1.000 4.31434  ? 64  GLU A CA  1 
ATOM   465  C  C   . GLU A 1 64 ? 6.96090   -12.76209 1.56961   1.000 4.24507  ? 64  GLU A C   1 
ATOM   466  O  O   . GLU A 1 64 ? 7.08013   -13.81716 0.93271   1.000 7.46905  ? 64  GLU A O   1 
ATOM   467  C  CB  . GLU A 1 64 ? 7.37218   -12.51470 4.04268   1.000 4.06418  ? 64  GLU A CB  1 
ATOM   468  C  CG  . GLU A 1 64 ? 6.62250   -13.79880 4.28063   1.000 6.45714  ? 64  GLU A CG  1 
ATOM   469  C  CD  . GLU A 1 64 ? 6.17156   -13.91639 5.72504   1.000 8.94298  ? 64  GLU A CD  1 
ATOM   470  O  OE1 . GLU A 1 64 ? 7.04134   -13.82422 6.62642   1.000 7.52911  ? 64  GLU A OE1 1 
ATOM   471  O  OE2 . GLU A 1 64 ? 4.96312   -14.08899 5.95428   1.000 6.75994  ? 64  GLU A OE2 1 
ATOM   472  N  N   . GLU A 1 65 ? 5.98435   -11.88553 1.32795   1.000 3.45630  ? 65  GLU A N   1 
ATOM   473  C  CA  . GLU A 1 65 ? 4.96936   -12.15355 0.31128   1.000 5.54766  ? 65  GLU A CA  1 
ATOM   474  C  C   . GLU A 1 65 ? 5.58514   -12.16746 -1.08998  1.000 5.30514  ? 65  GLU A C   1 
ATOM   475  O  O   . GLU A 1 65 ? 5.20702   -12.98647 -1.93950  1.000 5.51402  ? 65  GLU A O   1 
ATOM   476  C  CB  . GLU A 1 65 ? 3.84303   -11.11781 0.42289   1.000 5.27573  ? 65  GLU A CB  1 
ATOM   477  C  CG  . GLU A 1 65 ? 2.95377   -11.28057 1.68775   1.000 3.32240  ? 65  GLU A CG  1 
ATOM   478  C  CD  . GLU A 1 65 ? 2.14145   -10.04502 2.03042   1.000 4.46696  ? 65  GLU A CD  1 
ATOM   479  O  OE1 . GLU A 1 65 ? 2.47998   -8.93595  1.54961   1.000 6.15959  ? 65  GLU A OE1 1 
ATOM   480  O  OE2 . GLU A 1 65 ? 1.18517   -10.16308 2.82703   1.000 4.49734  ? 65  GLU A OE2 1 
ATOM   481  N  N   . PHE A 1 66 ? 6.53855   -11.26755 -1.34294  1.000 4.31429  ? 66  PHE A N   1 
ATOM   482  C  CA  . PHE A 1 66 ? 7.25932   -11.24902 -2.61515  1.000 5.35333  ? 66  PHE A CA  1 
ATOM   483  C  C   . PHE A 1 66 ? 7.97298   -12.57478 -2.87415  1.000 6.93217  ? 66  PHE A C   1 
ATOM   484  O  O   . PHE A 1 66 ? 7.88481   -13.14035 -3.97165  1.000 5.86456  ? 66  PHE A O   1 
ATOM   485  C  CB  . PHE A 1 66 ? 8.25590   -10.08877 -2.59918  1.000 4.22057  ? 66  PHE A CB  1 
ATOM   486  C  CG  . PHE A 1 66 ? 9.13291   -10.01344 -3.81587  1.000 6.91497  ? 66  PHE A CG  1 
ATOM   487  C  CD1 . PHE A 1 66 ? 8.67400   -9.42189  -4.97356  1.000 7.03519  ? 66  PHE A CD1 1 
ATOM   488  C  CD2 . PHE A 1 66 ? 10.41696  -10.53164 -3.79416  1.000 6.59369  ? 66  PHE A CD2 1 
ATOM   489  C  CE1 . PHE A 1 66 ? 9.48007   -9.34746  -6.08776  1.000 9.36102  ? 66  PHE A CE1 1 
ATOM   490  C  CE2 . PHE A 1 66 ? 11.23046  -10.46321 -4.90671  1.000 9.67490  ? 66  PHE A CE2 1 
ATOM   491  C  CZ  . PHE A 1 66 ? 10.75867  -9.87302  -6.05437  1.000 11.18938 ? 66  PHE A CZ  1 
ATOM   492  N  N   . VAL A 1 67 ? 8.70875   -13.07544 -1.87888  1.000 4.89516  ? 67  VAL A N   1 
ATOM   493  C  CA  . VAL A 1 67 ? 9.41327   -14.34389 -2.05392  1.000 5.70208  ? 67  VAL A CA  1 
ATOM   494  C  C   . VAL A 1 67 ? 8.42815   -15.48349 -2.29224  1.000 10.18007 ? 67  VAL A C   1 
ATOM   495  O  O   . VAL A 1 67 ? 8.61612   -16.29625 -3.20297  1.000 10.98282 ? 67  VAL A O   1 
ATOM   496  C  CB  . VAL A 1 67 ? 10.32848  -14.61738 -0.85115  1.000 8.03263  ? 67  VAL A CB  1 
ATOM   497  C  CG1 . VAL A 1 67 ? 10.82948  -16.05230 -0.89744  1.000 9.07432  ? 67  VAL A CG1 1 
ATOM   498  C  CG2 . VAL A 1 67 ? 11.49480  -13.64912 -0.89225  1.000 6.98049  ? 67  VAL A CG2 1 
ATOM   499  N  N   . GLN A 1 68 ? 7.36489   -15.56119 -1.48995  1.000 8.17692  ? 68  GLN A N   1 
ATOM   500  C  CA  . GLN A 1 68 ? 6.33424   -16.57506 -1.71243  1.000 10.57647 ? 68  GLN A CA  1 
ATOM   501  C  C   . GLN A 1 68 ? 5.84767   -16.57857 -3.15554  1.000 11.38021 ? 68  GLN A C   1 
ATOM   502  O  O   . GLN A 1 68 ? 5.73166   -17.63444 -3.78522  1.000 9.70374  ? 68  GLN A O   1 
ATOM   503  C  CB  . GLN A 1 68 ? 5.15855   -16.33777 -0.77453  1.000 13.54668 ? 68  GLN A CB  1 
ATOM   504  C  CG  . GLN A 1 68 ? 5.16466   -17.21681 0.42824   1.000 15.05025 ? 68  GLN A CG  1 
ATOM   505  C  CD  . GLN A 1 68 ? 4.01248   -16.90749 1.33362   1.000 14.14397 ? 68  GLN A CD  1 
ATOM   506  O  OE1 . GLN A 1 68 ? 3.92001   -15.81031 1.87362   1.000 11.97866 ? 68  GLN A OE1 1 
ATOM   507  N  NE2 . GLN A 1 68 ? 3.11279   -17.86520 1.49504   1.000 17.02263 ? 68  GLN A NE2 1 
ATOM   508  N  N   . ARG A 1 69 ? 5.54721   -15.39770 -3.69345  1.000 8.02501  ? 69  ARG A N   1 
ATOM   509  C  CA  . ARG A 1 69 ? 5.02049   -15.31976 -5.05321  1.000 7.61832  ? 69  ARG A CA  1 
ATOM   510  C  C   . ARG A 1 69 ? 6.07063   -15.72135 -6.08264  1.000 13.37881 ? 69  ARG A C   1 
ATOM   511  O  O   . ARG A 1 69 ? 5.75847   -16.39452 -7.07135  1.000 11.28033 ? 69  ARG A O   1 
ATOM   512  C  CB  . ARG A 1 69 ? 4.51447   -13.90779 -5.32235  1.000 5.63810  ? 69  ARG A CB  1 
ATOM   513  C  CG  . ARG A 1 69 ? 4.19671   -13.64549 -6.77811  1.000 9.12394  ? 69  ARG A CG  1 
ATOM   514  C  CD  . ARG A 1 69 ? 3.06560   -14.53707 -7.23840  1.000 7.68111  ? 69  ARG A CD  1 
ATOM   515  N  NE  . ARG A 1 69 ? 2.79279   -14.34662 -8.65503  1.000 6.80752  ? 69  ARG A NE  1 
ATOM   516  C  CZ  . ARG A 1 69 ? 1.80637   -14.94150 -9.30910  1.000 8.19716  ? 69  ARG A CZ  1 
ATOM   517  N  NH1 . ARG A 1 69 ? 1.00026   -15.80039 -8.70430  1.000 10.43620 ? 69  ARG A NH1 1 
ATOM   518  N  NH2 . ARG A 1 69 ? 1.62856   -14.66874 -10.60275 1.000 4.86624  ? 69  ARG A NH2 1 
ATOM   519  N  N   . MET A 1 70 ? 7.32038   -15.31066 -5.87449  1.000 10.79511 ? 70  MET A N   1 
ATOM   520  C  CA  . MET A 1 70 ? 8.39043   -15.71525 -6.77963  1.000 11.72628 ? 70  MET A CA  1 
ATOM   521  C  C   . MET A 1 70 ? 8.57689   -17.22634 -6.79789  1.000 14.16463 ? 70  MET A C   1 
ATOM   522  O  O   . MET A 1 70 ? 9.01395   -17.78579 -7.81014  1.000 13.84606 ? 70  MET A O   1 
ATOM   523  C  CB  . MET A 1 70 ? 9.69439   -15.01898 -6.38104  1.000 10.29959 ? 70  MET A CB  1 
ATOM   524  C  CG  . MET A 1 70 ? 9.67966   -13.50884 -6.63394  1.000 12.30906 ? 70  MET A CG  1 
ATOM   525  S  SD  . MET A 1 70 ? 9.70233   -13.17148 -8.39349  1.000 18.37193 ? 70  MET A SD  1 
ATOM   526  C  CE  . MET A 1 70 ? 8.85823   -11.61094 -8.51316  1.000 19.25536 ? 70  MET A CE  1 
ATOM   527  N  N   . ARG A 1 71 ? 8.25249   -17.90121 -5.70043  1.000 14.22656 ? 71  ARG A N   1 
ATOM   528  C  CA  . ARG A 1 71 ? 8.40152   -19.34893 -5.62563  1.000 15.36925 ? 71  ARG A CA  1 
ATOM   529  C  C   . ARG A 1 71 ? 7.21389   -20.10204 -6.20796  1.000 13.03816 ? 71  ARG A C   1 
ATOM   530  O  O   . ARG A 1 71 ? 7.29419   -21.32686 -6.36039  1.000 26.64279 ? 71  ARG A O   1 
ATOM   531  C  CB  . ARG A 1 71 ? 8.61513   -19.77094 -4.17103  1.000 17.36274 ? 71  ARG A CB  1 
ATOM   532  C  CG  . ARG A 1 71 ? 9.96366   -19.36646 -3.61672  1.000 24.04179 ? 71  ARG A CG  1 
ATOM   533  C  CD  . ARG A 1 71 ? 10.04963  -19.64196 -2.11771  1.000 23.08786 ? 71  ARG A CD  1 
ATOM   534  N  NE  . ARG A 1 71 ? 9.72572   -21.02292 -1.77884  1.000 32.22437 ? 71  ARG A NE  1 
ATOM   535  C  CZ  . ARG A 1 71 ? 10.56451  -22.04154 -1.91426  1.000 32.15963 ? 71  ARG A CZ  1 
ATOM   536  N  NH1 . ARG A 1 71 ? 11.77634  -21.87605 -2.42386  1.000 31.97770 ? 71  ARG A NH1 1 
ATOM   537  N  NH2 . ARG A 1 71 ? 10.17929  -23.25493 -1.52836  1.000 28.62038 ? 71  ARG A NH2 1 
ATOM   538  N  N   . ALA A 1 72 ? 6.12520   -19.41119 -6.53325  1.000 15.73651 ? 72  ALA A N   1 
ATOM   539  C  CA  . ALA A 1 72 ? 4.92652   -20.04420 -7.07791  1.000 12.06527 ? 72  ALA A CA  1 
ATOM   540  C  C   . ALA A 1 72 ? 5.15204   -20.53080 -8.49899  1.000 14.96703 ? 72  ALA A C   1 
ATOM   541  O  O   . ALA A 1 72 ? 5.64840   -19.77883 -9.34074  1.000 20.81480 ? 72  ALA A O   1 
ATOM   542  C  CB  . ALA A 1 72 ? 3.75800   -19.07038 -7.04033  1.000 15.33459 ? 72  ALA A CB  1 
ATOM   543  N  N   . GLU B 1 7  ? -9.42160  16.43776  19.79302  1.000 37.69472 ? 7   GLU B N   1 
ATOM   544  C  CA  . GLU B 1 7  ? -8.49281  15.35983  20.11657  1.000 32.77184 ? 7   GLU B CA  1 
ATOM   545  C  C   . GLU B 1 7  ? -9.15561  13.98603  20.00011  1.000 27.98318 ? 7   GLU B C   1 
ATOM   546  O  O   . GLU B 1 7  ? -8.81865  13.19754  19.11089  1.000 23.28606 ? 7   GLU B O   1 
ATOM   547  C  CB  . GLU B 1 7  ? -7.91966  15.55303  21.52700  1.000 33.10891 ? 7   GLU B CB  1 
ATOM   548  C  CG  . GLU B 1 7  ? -7.12613  14.35716  22.07529  1.000 34.81577 ? 7   GLU B CG  1 
ATOM   549  C  CD  . GLU B 1 7  ? -5.76754  14.15216  21.40223  1.000 33.22583 ? 7   GLU B CD  1 
ATOM   550  O  OE1 . GLU B 1 7  ? -5.55394  14.66442  20.28246  1.000 36.22751 ? 7   GLU B OE1 1 
ATOM   551  O  OE2 . GLU B 1 7  ? -4.90506  13.46993  22.00195  1.000 28.72763 ? 7   GLU B OE2 1 
ATOM   552  N  N   . GLU B 1 8  ? -10.09887 13.70441  20.90470  1.000 31.39203 ? 8   GLU B N   1 
ATOM   553  C  CA  . GLU B 1 8  ? -10.79372 12.42246  20.86647  1.000 24.55385 ? 8   GLU B CA  1 
ATOM   554  C  C   . GLU B 1 8  ? -11.53144 12.23371  19.55006  1.000 19.27982 ? 8   GLU B C   1 
ATOM   555  O  O   . GLU B 1 8  ? -11.69746 11.09877  19.09059  1.000 21.63744 ? 8   GLU B O   1 
ATOM   556  C  CB  . GLU B 1 8  ? -11.75783 12.31054  22.04807  1.000 28.13746 ? 8   GLU B CB  1 
ATOM   557  C  CG  . GLU B 1 8  ? -12.35765 10.92637  22.22864  1.000 23.89758 ? 8   GLU B CG  1 
ATOM   558  C  CD  . GLU B 1 8  ? -11.30663 9.86553   22.50080  1.000 31.02946 ? 8   GLU B CD  1 
ATOM   559  O  OE1 . GLU B 1 8  ? -10.19887 10.21813  22.97210  1.000 34.52594 ? 8   GLU B OE1 1 
ATOM   560  O  OE2 . GLU B 1 8  ? -11.59006 8.67873   22.23484  1.000 28.66058 ? 8   GLU B OE2 1 
ATOM   561  N  N   . GLU B 1 9  ? -11.96935 13.33517  18.93471  1.000 19.67641 ? 9   GLU B N   1 
ATOM   562  C  CA  . GLU B 1 9  ? -12.54306 13.31793  17.59261  1.000 18.11504 ? 9   GLU B CA  1 
ATOM   563  C  C   . GLU B 1 9  ? -11.66445 12.53539  16.62412  1.000 19.15334 ? 9   GLU B C   1 
ATOM   564  O  O   . GLU B 1 9  ? -12.11125 11.57872  15.98071  1.000 14.25554 ? 9   GLU B O   1 
ATOM   565  C  CB  . GLU B 1 9  ? -12.70093 14.76129  17.11226  1.000 27.11227 ? 9   GLU B CB  1 
ATOM   566  C  CG  . GLU B 1 9  ? -13.90727 15.06819  16.26532  1.000 35.11095 ? 9   GLU B CG  1 
ATOM   567  C  CD  . GLU B 1 9  ? -14.06491 16.56209  16.03881  1.000 36.99322 ? 9   GLU B CD  1 
ATOM   568  O  OE1 . GLU B 1 9  ? -13.46373 17.34914  16.80937  1.000 24.86391 ? 9   GLU B OE1 1 
ATOM   569  O  OE2 . GLU B 1 9  ? -14.78652 16.94654  15.09279  1.000 40.68682 ? 9   GLU B OE2 1 
ATOM   570  N  N   . LEU B 1 10 ? -10.39742 12.94761  16.50742  1.000 14.46499 ? 10  LEU B N   1 
ATOM   571  C  CA  . LEU B 1 10 ? -9.47772  12.28180  15.59284  1.000 14.03168 ? 10  LEU B CA  1 
ATOM   572  C  C   . LEU B 1 10 ? -9.13269  10.88266  16.07626  1.000 11.97058 ? 10  LEU B C   1 
ATOM   573  O  O   . LEU B 1 10 ? -8.96840  9.96850   15.26253  1.000 12.34585 ? 10  LEU B O   1 
ATOM   574  C  CB  . LEU B 1 10 ? -8.20299  13.10914  15.42405  1.000 15.88878 ? 10  LEU B CB  1 
ATOM   575  C  CG  . LEU B 1 10 ? -8.30736  14.37207  14.56672  1.000 18.66164 ? 10  LEU B CG  1 
ATOM   576  C  CD1 . LEU B 1 10 ? -9.10546  14.08432  13.30978  1.000 14.79483 ? 10  LEU B CD1 1 
ATOM   577  C  CD2 . LEU B 1 10 ? -8.90430  15.52915  15.34198  1.000 32.03330 ? 10  LEU B CD2 1 
ATOM   578  N  N   . ARG B 1 11 ? -8.98417  10.70826  17.39252  1.000 14.15852 ? 11  ARG B N   1 
ATOM   579  C  CA  . ARG B 1 11 ? -8.72743  9.38245   17.94486  1.000 15.09307 ? 11  ARG B CA  1 
ATOM   580  C  C   . ARG B 1 11 ? -9.82825  8.41403   17.53781  1.000 12.19225 ? 11  ARG B C   1 
ATOM   581  O  O   . ARG B 1 11 ? -9.55677  7.30425   17.06726  1.000 7.77795  ? 11  ARG B O   1 
ATOM   582  C  CB  . ARG B 1 11 ? -8.61264  9.45863   19.47179  1.000 16.92534 ? 11  ARG B CB  1 
ATOM   583  C  CG  . ARG B 1 11 ? -7.38640  10.20016  19.98957  1.000 21.89848 ? 11  ARG B CG  1 
ATOM   584  C  CD  . ARG B 1 11 ? -6.20458  9.26396   20.13082  1.000 19.28316 ? 11  ARG B CD  1 
ATOM   585  N  NE  . ARG B 1 11 ? -5.02867  9.95669   20.64167  1.000 24.05086 ? 11  ARG B NE  1 
ATOM   586  C  CZ  . ARG B 1 11 ? -3.81656  9.42745   20.70666  1.000 22.56718 ? 11  ARG B CZ  1 
ATOM   587  N  NH1 . ARG B 1 11 ? -3.58004  8.18812   20.30135  1.000 18.80893 ? 11  ARG B NH1 1 
ATOM   588  N  NH2 . ARG B 1 11 ? -2.81411  10.16450  21.17548  1.000 26.34159 ? 11  ARG B NH2 1 
ATOM   589  N  N   . GLU B 1 12 ? -11.08618 8.83564   17.69500  1.000 13.19566 ? 12  GLU B N   1 
ATOM   590  C  CA  . GLU B 1 12 ? -12.22001 8.00763   17.29200  1.000 12.24299 ? 12  GLU B CA  1 
ATOM   591  C  C   . GLU B 1 12 ? -12.18644 7.70890   15.79775  1.000 11.02870 ? 12  GLU B C   1 
ATOM   592  O  O   . GLU B 1 12 ? -12.41798 6.57199   15.37490  1.000 6.92389  ? 12  GLU B O   1 
ATOM   593  C  CB  . GLU B 1 12 ? -13.53598 8.70361   17.65374  1.000 19.82738 ? 12  GLU B CB  1 
ATOM   594  C  CG  . GLU B 1 12 ? -13.88055 8.74505   19.14048  1.000 30.98593 ? 12  GLU B CG  1 
ATOM   595  C  CD  . GLU B 1 12 ? -15.09334 9.63241   19.43281  1.000 40.36975 ? 12  GLU B CD  1 
ATOM   596  O  OE1 . GLU B 1 12 ? -15.02518 10.85328  19.16275  1.000 39.18908 ? 12  GLU B OE1 1 
ATOM   597  O  OE2 . GLU B 1 12 ? -16.11744 9.10802   19.92258  1.000 38.78568 ? 12  GLU B OE2 1 
ATOM   598  N  N   . GLN B 1 13 ? -11.92704 8.72745   14.97093  1.000 10.08306 ? 13  GLN B N   1 
ATOM   599  C  CA  . GLN B 1 13 ? -11.90945 8.47824   13.53540  1.000 10.89730 ? 13  GLN B CA  1 
ATOM   600  C  C   . GLN B 1 13 ? -10.77435 7.53714   13.15698  1.000 8.23653  ? 13  GLN B C   1 
ATOM   601  O  O   . GLN B 1 13 ? -10.95971 6.63585   12.33174  1.000 8.47769  ? 13  GLN B O   1 
ATOM   602  C  CB  . GLN B 1 13 ? -11.81307 9.79170   12.76542  1.000 9.91333  ? 13  GLN B CB  1 
ATOM   603  C  CG  . GLN B 1 13 ? -11.78418 9.60916   11.24157  1.000 12.30929 ? 13  GLN B CG  1 
ATOM   604  C  CD  . GLN B 1 13 ? -13.01459 8.91024   10.68782  1.000 24.72707 ? 13  GLN B CD  1 
ATOM   605  O  OE1 . GLN B 1 13 ? -14.11452 9.02733   11.23551  1.000 31.01041 ? 13  GLN B OE1 1 
ATOM   606  N  NE2 . GLN B 1 13 ? -12.83522 8.18119   9.58640   1.000 21.97471 ? 13  GLN B NE2 1 
ATOM   607  N  N   . PHE B 1 14 ? -9.59979  7.70990   13.76752  1.000 7.12029  ? 14  PHE B N   1 
ATOM   608  C  CA  . PHE B 1 14 ? -8.49102  6.80311   13.48550  1.000 7.62938  ? 14  PHE B CA  1 
ATOM   609  C  C   . PHE B 1 14 ? -8.88040  5.37172   13.81140  1.000 6.01384  ? 14  PHE B C   1 
ATOM   610  O  O   . PHE B 1 14 ? -8.65110  4.45936   13.01179  1.000 6.72790  ? 14  PHE B O   1 
ATOM   611  C  CB  . PHE B 1 14 ? -7.24329  7.21573   14.26944  1.000 6.38935  ? 14  PHE B CB  1 
ATOM   612  C  CG  . PHE B 1 14 ? -6.00889  6.39588   13.93790  1.000 8.39429  ? 14  PHE B CG  1 
ATOM   613  C  CD1 . PHE B 1 14 ? -5.23586  6.70387   12.83130  1.000 5.94056  ? 14  PHE B CD1 1 
ATOM   614  C  CD2 . PHE B 1 14 ? -5.62821  5.32262   14.74084  1.000 5.96468  ? 14  PHE B CD2 1 
ATOM   615  C  CE1 . PHE B 1 14 ? -4.09371  5.96006   12.52116  1.000 6.51546  ? 14  PHE B CE1 1 
ATOM   616  C  CE2 . PHE B 1 14 ? -4.48657  4.57211   14.44598  1.000 5.81859  ? 14  PHE B CE2 1 
ATOM   617  C  CZ  . PHE B 1 14 ? -3.71762  4.89794   13.32886  1.000 6.04710  ? 14  PHE B CZ  1 
ATOM   618  N  N   . ARG B 1 15 ? -9.51646  5.16115   14.96931  1.000 7.33565  ? 15  ARG B N   1 
ATOM   619  C  CA  . ARG B 1 15 ? -9.93804  3.80859   15.33226  1.000 7.16209  ? 15  ARG B CA  1 
ATOM   620  C  C   . ARG B 1 15 ? -10.91236 3.23316   14.30862  1.000 6.95082  ? 15  ARG B C   1 
ATOM   621  O  O   . ARG B 1 15 ? -10.87372 2.03231   14.02150  1.000 6.79261  ? 15  ARG B O   1 
ATOM   622  C  CB  . ARG B 1 15 ? -10.55271 3.79606   16.73689  1.000 6.74309  ? 15  ARG B CB  1 
ATOM   623  C  CG  . ARG B 1 15 ? -9.54083  4.10323   17.82623  1.000 8.52190  ? 15  ARG B CG  1 
ATOM   624  C  CD  . ARG B 1 15 ? -10.03313 3.71191   19.19551  1.000 11.87400 ? 15  ARG B CD  1 
ATOM   625  N  NE  . ARG B 1 15 ? -11.32017 4.32636   19.48271  1.000 15.59550 ? 15  ARG B NE  1 
ATOM   626  C  CZ  . ARG B 1 15 ? -11.47952 5.46125   20.14939  1.000 23.85530 ? 15  ARG B CZ  1 
ATOM   627  N  NH1 . ARG B 1 15 ? -10.44760 6.12398   20.64176  1.000 20.48888 ? 15  ARG B NH1 1 
ATOM   628  N  NH2 . ARG B 1 15 ? -12.70934 5.93809   20.33261  1.000 25.71019 ? 15  ARG B NH2 1 
ATOM   629  N  N   . VAL B 1 16 ? -11.77678 4.07037   13.72612  1.000 6.86998  ? 16  VAL B N   1 
ATOM   630  C  CA  . VAL B 1 16 ? -12.69468 3.57944   12.69720  1.000 7.64254  ? 16  VAL B CA  1 
ATOM   631  C  C   . VAL B 1 16 ? -11.92499 3.08683   11.47706  1.000 8.01202  ? 16  VAL B C   1 
ATOM   632  O  O   . VAL B 1 16 ? -12.23656 2.03051   10.91361  1.000 5.21504  ? 16  VAL B O   1 
ATOM   633  C  CB  . VAL B 1 16 ? -13.72120 4.66245   12.31047  1.000 8.23301  ? 16  VAL B CB  1 
ATOM   634  C  CG1 . VAL B 1 16 ? -14.53829 4.20713   11.09519  1.000 7.42256  ? 16  VAL B CG1 1 
ATOM   635  C  CG2 . VAL B 1 16 ? -14.65095 4.95994   13.48921  1.000 10.13240 ? 16  VAL B CG2 1 
ATOM   636  N  N   . GLU B 1 17 ? -10.90295 3.83797   11.05715  1.000 8.00891  ? 17  GLU B N   1 
ATOM   637  C  CA  . GLU B 1 17 ? -10.14739 3.48252   9.85314   1.000 6.23447  ? 17  GLU B CA  1 
ATOM   638  C  C   . GLU B 1 17 ? -9.22762  2.29165   10.08719  1.000 6.62177  ? 17  GLU B C   1 
ATOM   639  O  O   . GLU B 1 17 ? -8.98231  1.50677   9.16467   1.000 5.35584  ? 17  GLU B O   1 
ATOM   640  C  CB  . GLU B 1 17 ? -9.35371  4.69517   9.36793   1.000 7.57965  ? 17  GLU B CB  1 
ATOM   641  C  CG  . GLU B 1 17 ? -10.24955 5.93348   9.21281   1.000 8.72672  ? 17  GLU B CG  1 
ATOM   642  C  CD  . GLU B 1 17 ? -9.59072  7.09788   8.48617   1.000 15.01414 ? 17  GLU B CD  1 
ATOM   643  O  OE1 . GLU B 1 17 ? -8.42489  6.97251   8.07616   1.000 12.06867 ? 17  GLU B OE1 1 
ATOM   644  O  OE2 . GLU B 1 17 ? -10.25225 8.14783   8.33685   1.000 12.12338 ? 17  GLU B OE2 1 
ATOM   645  N  N   . ASP B 1 18 ? -8.73789  2.12426   11.30912  1.000 5.21779  ? 18  ASP B N   1 
ATOM   646  C  CA  . ASP B 1 18 ? -7.86391  1.00567   11.66172  1.000 4.74526  ? 18  ASP B CA  1 
ATOM   647  C  C   . ASP B 1 18 ? -8.73884  -0.20465  11.98383  1.000 3.43281  ? 18  ASP B C   1 
ATOM   648  O  O   . ASP B 1 18 ? -9.19670  -0.37330  13.11351  1.000 3.96415  ? 18  ASP B O   1 
ATOM   649  C  CB  . ASP B 1 18 ? -6.96989  1.41117   12.82872  1.000 5.25709  ? 18  ASP B CB  1 
ATOM   650  C  CG  . ASP B 1 18 ? -6.01533  0.30696   13.26791  1.000 4.20613  ? 18  ASP B CG  1 
ATOM   651  O  OD1 . ASP B 1 18 ? -5.93076  -0.73019  12.57837  1.000 4.90246  ? 18  ASP B OD1 1 
ATOM   652  O  OD2 . ASP B 1 18 ? -5.36987  0.49228   14.31708  1.000 3.29513  ? 18  ASP B OD2 1 
ATOM   653  N  N   . LYS B 1 19 ? -8.93810  -1.06317  10.97633  1.000 5.12038  ? 19  LYS B N   1 
ATOM   654  C  CA  . LYS B 1 19 ? -9.85687  -2.19042  11.07311  1.000 2.60994  ? 19  LYS B CA  1 
ATOM   655  C  C   . LYS B 1 19 ? -9.29815  -3.30013  11.95180  1.000 3.76948  ? 19  LYS B C   1 
ATOM   656  O  O   . LYS B 1 19 ? -10.00637 -3.83098  12.81096  1.000 6.13715  ? 19  LYS B O   1 
ATOM   657  C  CB  . LYS B 1 19 ? -10.13882 -2.73761  9.67562   1.000 7.25901  ? 19  LYS B CB  1 
ATOM   658  C  CG  . LYS B 1 19 ? -10.86560 -1.77403  8.76914   1.000 10.35344 ? 19  LYS B CG  1 
ATOM   659  C  CD  . LYS B 1 19 ? -12.27988 -1.59427  9.24859   1.000 11.58481 ? 19  LYS B CD  1 
ATOM   660  C  CE  . LYS B 1 19 ? -13.16990 -1.09993  8.14257   1.000 11.38237 ? 19  LYS B CE  1 
ATOM   661  N  NZ  . LYS B 1 19 ? -14.60891 -1.20298  8.59116   1.000 12.25754 ? 19  LYS B NZ  1 
ATOM   662  N  N   . ASP B 1 20 ? -8.03221  -3.69429  11.73896  1.000 3.14597  ? 20  ASP B N   1 
ATOM   663  C  CA  . ASP B 1 20 ? -7.50757  -4.78880  12.55471  1.000 3.19294  ? 20  ASP B CA  1 
ATOM   664  C  C   . ASP B 1 20 ? -7.00372  -4.33392  13.92386  1.000 4.50536  ? 20  ASP B C   1 
ATOM   665  O  O   . ASP B 1 20 ? -6.66983  -5.18415  14.76159  1.000 6.91565  ? 20  ASP B O   1 
ATOM   666  C  CB  . ASP B 1 20 ? -6.42022  -5.57757  11.80241  1.000 7.38373  ? 20  ASP B CB  1 
ATOM   667  C  CG  . ASP B 1 20 ? -5.19996  -4.74545  11.43906  1.000 4.57426  ? 20  ASP B CG  1 
ATOM   668  O  OD1 . ASP B 1 20 ? -5.20546  -3.52898  11.69960  1.000 5.66075  ? 20  ASP B OD1 1 
ATOM   669  O  OD2 . ASP B 1 20 ? -4.20883  -5.32014  10.90239  1.000 5.91747  ? 20  ASP B OD2 1 
ATOM   670  N  N   . GLY B 1 21 ? -6.99598  -3.03297  14.19781  1.000 3.98129  ? 21  GLY B N   1 
ATOM   671  C  CA  . GLY B 1 21 ? -6.64512  -2.56413  15.52249  1.000 3.60548  ? 21  GLY B CA  1 
ATOM   672  C  C   . GLY B 1 21 ? -5.16993  -2.61700  15.84417  1.000 3.15092  ? 21  GLY B C   1 
ATOM   673  O  O   . GLY B 1 21 ? -4.80350  -2.64777  17.02139  1.000 4.48825  ? 21  GLY B O   1 
ATOM   674  N  N   . ASN B 1 22 ? -4.30280  -2.61082  14.83642  1.000 2.98588  ? 22  ASN B N   1 
ATOM   675  C  CA  . ASN B 1 22 ? -2.86947  -2.69269  15.08499  1.000 4.07826  ? 22  ASN B CA  1 
ATOM   676  C  C   . ASN B 1 22 ? -2.20141  -1.32880  15.23687  1.000 3.16001  ? 22  ASN B C   1 
ATOM   677  O  O   . ASN B 1 22 ? -0.97887  -1.26907  15.38292  1.000 8.21712  ? 22  ASN B O   1 
ATOM   678  C  CB  . ASN B 1 22 ? -2.19421  -3.51635  13.97681  1.000 3.41524  ? 22  ASN B CB  1 
ATOM   679  C  CG  . ASN B 1 22 ? -2.06008  -2.77030  12.67132  1.000 3.54848  ? 22  ASN B CG  1 
ATOM   680  O  OD1 . ASN B 1 22 ? -2.78894  -1.82772  12.39317  1.000 3.96319  ? 22  ASN B OD1 1 
ATOM   681  N  ND2 . ASN B 1 22 ? -1.11116  -3.20923  11.84663  1.000 3.07992  ? 22  ASN B ND2 1 
ATOM   682  N  N   . GLY B 1 23 ? -2.96478  -0.23525  15.23441  1.000 4.15770  ? 23  GLY B N   1 
ATOM   683  C  CA  . GLY B 1 23 ? -2.39402  1.08315   15.43026  1.000 4.66762  ? 23  GLY B CA  1 
ATOM   684  C  C   . GLY B 1 23 ? -1.85892  1.73020   14.17511  1.000 4.33004  ? 23  GLY B C   1 
ATOM   685  O  O   . GLY B 1 23 ? -1.24945  2.80380   14.26145  1.000 4.18877  ? 23  GLY B O   1 
ATOM   686  N  N   . TYR B 1 24 ? -2.06103  1.10358   13.02178  1.000 4.55630  ? 24  TYR B N   1 
ATOM   687  C  CA  . TYR B 1 24 ? -1.61299  1.60090   11.73239  1.000 4.75088  ? 24  TYR B CA  1 
ATOM   688  C  C   . TYR B 1 24 ? -2.76986  1.54689   10.75421  1.000 3.95339  ? 24  TYR B C   1 
ATOM   689  O  O   . TYR B 1 24 ? -3.57900  0.61867   10.78826  1.000 5.25087  ? 24  TYR B O   1 
ATOM   690  C  CB  . TYR B 1 24 ? -0.47402  0.75815   11.15105  1.000 3.95538  ? 24  TYR B CB  1 
ATOM   691  C  CG  . TYR B 1 24 ? 0.79186   0.74807   11.97209  1.000 4.57556  ? 24  TYR B CG  1 
ATOM   692  C  CD1 . TYR B 1 24 ? 1.51542   1.91364   12.17346  1.000 3.58310  ? 24  TYR B CD1 1 
ATOM   693  C  CD2 . TYR B 1 24 ? 1.27721   -0.43334  12.51564  1.000 4.74215  ? 24  TYR B CD2 1 
ATOM   694  C  CE1 . TYR B 1 24 ? 2.68599   1.90569   12.90710  1.000 7.20925  ? 24  TYR B CE1 1 
ATOM   695  C  CE2 . TYR B 1 24 ? 2.44557   -0.45224  13.25143  1.000 7.44828  ? 24  TYR B CE2 1 
ATOM   696  C  CZ  . TYR B 1 24 ? 3.13768   0.71862   13.44942  1.000 8.00298  ? 24  TYR B CZ  1 
ATOM   697  O  OH  . TYR B 1 24 ? 4.30691   0.70604   14.18342  1.000 11.00289 ? 24  TYR B OH  1 
ATOM   698  N  N   . ILE B 1 25 ? -2.81994  2.51844   9.84894   1.000 3.57211  ? 25  ILE B N   1 
ATOM   699  C  CA  . ILE B 1 25 ? -3.69794  2.44784   8.68494   1.000 3.72184  ? 25  ILE B CA  1 
ATOM   700  C  C   . ILE B 1 25 ? -2.85890  1.95848   7.51067   1.000 3.17722  ? 25  ILE B C   1 
ATOM   701  O  O   . ILE B 1 25 ? -1.88712  2.62235   7.11754   1.000 3.85613  ? 25  ILE B O   1 
ATOM   702  C  CB  . ILE B 1 25 ? -4.35475  3.80448   8.38495   1.000 7.08606  ? 25  ILE B CB  1 
ATOM   703  C  CG1 . ILE B 1 25 ? -5.26298  4.23122   9.54715   1.000 6.16757  ? 25  ILE B CG1 1 
ATOM   704  C  CG2 . ILE B 1 25 ? -5.15814  3.74171   7.06845   1.000 3.56116  ? 25  ILE B CG2 1 
ATOM   705  C  CD1 . ILE B 1 25 ? -5.74095  5.70416   9.46698   1.000 5.91278  ? 25  ILE B CD1 1 
ATOM   706  N  N   . SER B 1 26 ? -3.20573  0.78134   6.98326   1.000 2.70152  ? 26  SER B N   1 
ATOM   707  C  CA  . SER B 1 26 ? -2.55531  0.20530   5.80902   1.000 3.05510  ? 26  SER B CA  1 
ATOM   708  C  C   . SER B 1 26 ? -3.13010  0.80115   4.52376   1.000 3.07008  ? 26  SER B C   1 
ATOM   709  O  O   . SER B 1 26 ? -4.14318  1.50217   4.53756   1.000 5.26298  ? 26  SER B O   1 
ATOM   710  C  CB  . SER B 1 26 ? -2.72720  -1.31408  5.78335   1.000 5.67638  ? 26  SER B CB  1 
ATOM   711  O  OG  . SER B 1 26 ? -4.10496  -1.66220  5.67143   1.000 4.55974  ? 26  SER B OG  1 
ATOM   712  N  N   . ALA B 1 27 ? -2.45581  0.51200   3.39968   1.000 2.88732  ? 27  ALA B N   1 
ATOM   713  C  CA  . ALA B 1 27 ? -2.97378  0.90295   2.08746   1.000 2.80375  ? 27  ALA B CA  1 
ATOM   714  C  C   . ALA B 1 27 ? -4.39613  0.39237   1.88326   1.000 5.23914  ? 27  ALA B C   1 
ATOM   715  O  O   . ALA B 1 27 ? -5.27363  1.12840   1.41897   1.000 4.59817  ? 27  ALA B O   1 
ATOM   716  C  CB  . ALA B 1 27 ? -2.06296  0.37082   0.98166   1.000 7.34124  ? 27  ALA B CB  1 
ATOM   717  N  N   . ALA B 1 28 ? -4.64094  -0.87709  2.22214   1.000 3.66028  ? 28  ALA B N   1 
ATOM   718  C  CA  . ALA B 1 28 ? -5.97469  -1.44836  2.04429   1.000 5.67162  ? 28  ALA B CA  1 
ATOM   719  C  C   . ALA B 1 28 ? -6.98619  -0.79238  2.97242   1.000 3.72616  ? 28  ALA B C   1 
ATOM   720  O  O   . ALA B 1 28 ? -8.14687  -0.59157  2.59292   1.000 5.18401  ? 28  ALA B O   1 
ATOM   721  C  CB  . ALA B 1 28 ? -5.93863  -2.95780  2.28258   1.000 2.37305  ? 28  ALA B CB  1 
ATOM   722  N  N   . GLU B 1 29 ? -6.57260  -0.47310  4.20220   1.000 3.66583  ? 29  GLU B N   1 
ATOM   723  C  CA  . GLU B 1 29 ? -7.46723  0.24977   5.09252   1.000 6.51318  ? 29  GLU B CA  1 
ATOM   724  C  C   . GLU B 1 29 ? -7.75513  1.64737   4.56612   1.000 6.34371  ? 29  GLU B C   1 
ATOM   725  O  O   . GLU B 1 29 ? -8.88564  2.13563   4.69064   1.000 5.50871  ? 29  GLU B O   1 
ATOM   726  C  CB  . GLU B 1 29 ? -6.88357  0.28029   6.50287   1.000 5.84063  ? 29  GLU B CB  1 
ATOM   727  C  CG  . GLU B 1 29 ? -6.97892  -1.08704  7.16474   1.000 2.55723  ? 29  GLU B CG  1 
ATOM   728  C  CD  . GLU B 1 29 ? -6.20235  -1.18424  8.46346   1.000 4.60457  ? 29  GLU B CD  1 
ATOM   729  O  OE1 . GLU B 1 29 ? -5.08043  -0.63006  8.55892   1.000 4.12024  ? 29  GLU B OE1 1 
ATOM   730  O  OE2 . GLU B 1 29 ? -6.71780  -1.82179  9.40717   1.000 3.93683  ? 29  GLU B OE2 1 
ATOM   731  N  N   . LEU B 1 30 ? -6.77734  2.28181   3.92211   1.000 6.25471  ? 30  LEU B N   1 
ATOM   732  C  CA  . LEU B 1 30 ? -7.04541  3.58827   3.33134   1.000 3.21135  ? 30  LEU B CA  1 
ATOM   733  C  C   . LEU B 1 30 ? -7.95048  3.47817   2.10641   1.000 3.53372  ? 30  LEU B C   1 
ATOM   734  O  O   . LEU B 1 30 ? -8.78343  4.35768   1.88554   1.000 4.14343  ? 30  LEU B O   1 
ATOM   735  C  CB  . LEU B 1 30 ? -5.73022  4.29350   2.97998   1.000 3.87325  ? 30  LEU B CB  1 
ATOM   736  C  CG  . LEU B 1 30 ? -5.92857  5.77125   2.62619   1.000 4.83773  ? 30  LEU B CG  1 
ATOM   737  C  CD1 . LEU B 1 30 ? -6.46884  6.54479   3.80725   1.000 4.87802  ? 30  LEU B CD1 1 
ATOM   738  C  CD2 . LEU B 1 30 ? -4.62914  6.40504   2.12170   1.000 6.54949  ? 30  LEU B CD2 1 
ATOM   739  N  N   . ARG B 1 31 ? -7.80611  2.41733   1.30387   1.000 3.91185  ? 31  ARG B N   1 
ATOM   740  C  CA  . ARG B 1 31 ? -8.73934  2.17942   0.20048   1.000 4.45252  ? 31  ARG B CA  1 
ATOM   741  C  C   . ARG B 1 31 ? -10.17461 2.10527   0.70680   1.000 6.46986  ? 31  ARG B C   1 
ATOM   742  O  O   . ARG B 1 31 ? -11.08324 2.73531   0.14745   1.000 7.50259  ? 31  ARG B O   1 
ATOM   743  C  CB  . ARG B 1 31 ? -8.38620  0.88540   -0.53946  1.000 5.07990  ? 31  ARG B CB  1 
ATOM   744  C  CG  . ARG B 1 31 ? -7.06754  0.89801   -1.29872  1.000 9.54757  ? 31  ARG B CG  1 
ATOM   745  C  CD  . ARG B 1 31 ? -6.70816  -0.52245  -1.73955  1.000 14.12595 ? 31  ARG B CD  1 
ATOM   746  N  NE  . ARG B 1 31 ? -5.40941  -0.60471  -2.40159  1.000 14.23444 ? 31  ARG B NE  1 
ATOM   747  C  CZ  . ARG B 1 31 ? -4.83403  -1.74402  -2.76174  1.000 11.75258 ? 31  ARG B CZ  1 
ATOM   748  N  NH1 . ARG B 1 31 ? -5.39342  -2.91081  -2.50011  1.000 17.13246 ? 31  ARG B NH1 1 
ATOM   749  N  NH2 . ARG B 1 31 ? -3.67164  -1.71050  -3.40905  1.000 16.72819 ? 31  ARG B NH2 1 
ATOM   750  N  N   . ILE B 1 32 ? -10.39160 1.33237   1.77042   1.000 6.52924  ? 32  ILE B N   1 
ATOM   751  C  CA  . ILE B 1 32 ? -11.72272 1.19333   2.35614   1.000 3.99444  ? 32  ILE B CA  1 
ATOM   752  C  C   . ILE B 1 32 ? -12.27274 2.55430   2.77792   1.000 4.90209  ? 32  ILE B C   1 
ATOM   753  O  O   . ILE B 1 32 ? -13.43449 2.88443   2.50312   1.000 6.76328  ? 32  ILE B O   1 
ATOM   754  C  CB  . ILE B 1 32 ? -11.64570 0.19150   3.52236   1.000 4.63844  ? 32  ILE B CB  1 
ATOM   755  C  CG1 . ILE B 1 32 ? -11.49428 -1.22473  2.96083   1.000 4.05464  ? 32  ILE B CG1 1 
ATOM   756  C  CG2 . ILE B 1 32 ? -12.85240 0.30429   4.44012   1.000 5.76572  ? 32  ILE B CG2 1 
ATOM   757  C  CD1 . ILE B 1 32 ? -11.09180 -2.25651  3.98588   1.000 2.85855  ? 32  ILE B CD1 1 
ATOM   758  N  N   . VAL B 1 33 ? -11.44450 3.37109   3.43409   1.000 6.07067  ? 33  VAL B N   1 
ATOM   759  C  CA  . VAL B 1 33 ? -11.85877 4.72525   3.80689   1.000 7.00433  ? 33  VAL B CA  1 
ATOM   760  C  C   . VAL B 1 33 ? -12.31755 5.50062   2.57740   1.000 7.30653  ? 33  VAL B C   1 
ATOM   761  O  O   . VAL B 1 33 ? -13.37960 6.14045   2.58439   1.000 6.08162  ? 33  VAL B O   1 
ATOM   762  C  CB  . VAL B 1 33 ? -10.71675 5.45834   4.52917   1.000 7.57707  ? 33  VAL B CB  1 
ATOM   763  C  CG1 . VAL B 1 33 ? -11.04455 6.93774   4.68497   1.000 8.46546  ? 33  VAL B CG1 1 
ATOM   764  C  CG2 . VAL B 1 33 ? -10.46834 4.82745   5.89204   1.000 8.10794  ? 33  VAL B CG2 1 
ATOM   765  N  N   . MET B 1 34 ? -11.52175 5.45826   1.50447   1.000 5.34939  ? 34  MET B N   1 
ATOM   766  C  CA  . MET B 1 34 ? -11.87153 6.23063   0.31491   1.000 7.66221  ? 34  MET B CA  1 
ATOM   767  C  C   . MET B 1 34 ? -13.08786 5.64307   -0.39571  1.000 10.05985 ? 34  MET B C   1 
ATOM   768  O  O   . MET B 1 34 ? -13.92156 6.39125   -0.91747  1.000 10.57873 ? 34  MET B O   1 
ATOM   769  C  CB  . MET B 1 34 ? -10.66873 6.33366   -0.62913  1.000 7.18795  ? 34  MET B CB  1 
ATOM   770  C  CG  . MET B 1 34 ? -9.48775  7.10987   -0.03035  1.000 7.19037  ? 34  MET B CG  1 
ATOM   771  S  SD  . MET B 1 34 ? -9.80576  8.85803   0.28153   1.000 15.92468 ? 34  MET B SD  1 
ATOM   772  C  CE  . MET B 1 34 ? -9.21001  9.03855   1.95607   1.000 19.58037 ? 34  MET B CE  1 
ATOM   773  N  N   . THR B 1 35 ? -13.22417 4.31255   -0.42369  1.000 6.43263  ? 35  THR B N   1 
ATOM   774  C  CA  . THR B 1 35 ? -14.40591 3.73210   -1.05890  1.000 9.02263  ? 35  THR B CA  1 
ATOM   775  C  C   . THR B 1 35 ? -15.67882 4.18517   -0.34941  1.000 9.81617  ? 35  THR B C   1 
ATOM   776  O  O   . THR B 1 35 ? -16.71185 4.41107   -0.98985  1.000 10.98513 ? 35  THR B O   1 
ATOM   777  C  CB  . THR B 1 35 ? -14.30995 2.20304   -1.07570  1.000 10.32155 ? 35  THR B CB  1 
ATOM   778  O  OG1 . THR B 1 35 ? -13.27232 1.79947   -1.97250  1.000 9.42850  ? 35  THR B OG1 1 
ATOM   779  C  CG2 . THR B 1 35 ? -15.61523 1.58427   -1.53639  1.000 14.49246 ? 35  THR B CG2 1 
ATOM   780  N  N   . ASN B 1 36 ? -15.61214 4.35636   0.96858   1.000 6.78076  ? 36  ASN B N   1 
ATOM   781  C  CA  . ASN B 1 36 ? -16.76205 4.75716   1.76670   1.000 9.65135  ? 36  ASN B CA  1 
ATOM   782  C  C   . ASN B 1 36 ? -17.04903 6.24828   1.69731   1.000 13.12858 ? 36  ASN B C   1 
ATOM   783  O  O   . ASN B 1 36 ? -18.02294 6.70219   2.30413   1.000 13.81776 ? 36  ASN B O   1 
ATOM   784  C  CB  . ASN B 1 36 ? -16.55623 4.34348   3.22352   1.000 7.05477  ? 36  ASN B CB  1 
ATOM   785  C  CG  . ASN B 1 36 ? -16.91219 2.90135   3.45624   1.000 11.73902 ? 36  ASN B CG  1 
ATOM   786  O  OD1 . ASN B 1 36 ? -18.07723 2.56948   3.57142   1.000 11.69224 ? 36  ASN B OD1 1 
ATOM   787  N  ND2 . ASN B 1 36 ? -15.91086 2.03202   3.50699   1.000 7.55773  ? 36  ASN B ND2 1 
ATOM   788  N  N   . ARG B 1 37 ? -16.23889 7.02196   0.98566   1.000 10.09052 ? 37  ARG B N   1 
ATOM   789  C  CA  . ARG B 1 37 ? -16.47105 8.45873   0.84821   1.000 13.55626 ? 37  ARG B CA  1 
ATOM   790  C  C   . ARG B 1 37 ? -16.50210 8.85779   -0.62274  1.000 16.63239 ? 37  ARG B C   1 
ATOM   791  O  O   . ARG B 1 37 ? -15.89783 9.84696   -1.04610  1.000 19.36238 ? 37  ARG B O   1 
ATOM   792  C  CB  . ARG B 1 37 ? -15.42486 9.23460   1.64058   1.000 21.46300 ? 37  ARG B CB  1 
ATOM   793  C  CG  . ARG B 1 37 ? -15.68348 9.14493   3.13307   1.000 20.60916 ? 37  ARG B CG  1 
ATOM   794  C  CD  . ARG B 1 37 ? -14.53309 9.63501   3.97232   1.000 23.06677 ? 37  ARG B CD  1 
ATOM   795  N  NE  . ARG B 1 37 ? -14.77964 9.40137   5.39081   1.000 20.78800 ? 37  ARG B NE  1 
ATOM   796  C  CZ  . ARG B 1 37 ? -14.69797 8.21309   5.97618   1.000 28.73734 ? 37  ARG B CZ  1 
ATOM   797  N  NH1 . ARG B 1 37 ? -14.39844 7.11989   5.28916   1.000 20.85035 ? 37  ARG B NH1 1 
ATOM   798  N  NH2 . ARG B 1 37 ? -14.93572 8.11463   7.28188   1.000 31.05708 ? 37  ARG B NH2 1 
ATOM   799  N  N   . GLY B 1 38 ? -17.23682 8.08373   -1.41753  1.000 14.47826 ? 38  GLY B N   1 
ATOM   800  C  CA  . GLY B 1 38 ? -17.44755 8.37012   -2.81934  1.000 19.49647 ? 38  GLY B CA  1 
ATOM   801  C  C   . GLY B 1 38 ? -16.51480 7.64405   -3.76166  1.000 16.45435 ? 38  GLY B C   1 
ATOM   802  O  O   . GLY B 1 38 ? -16.71719 7.71113   -4.98245  1.000 15.08799 ? 38  GLY B O   1 
ATOM   803  N  N   . GLU B 1 39 ? -15.51166 6.94933   -3.23484  1.000 13.17904 ? 39  GLU B N   1 
ATOM   804  C  CA  . GLU B 1 39 ? -14.52479 6.24275   -4.04058  1.000 14.52221 ? 39  GLU B CA  1 
ATOM   805  C  C   . GLU B 1 39 ? -13.95214 7.14476   -5.14023  1.000 14.55392 ? 39  GLU B C   1 
ATOM   806  O  O   . GLU B 1 39 ? -14.03137 6.81804   -6.32682  1.000 15.94500 ? 39  GLU B O   1 
ATOM   807  C  CB  . GLU B 1 39 ? -15.12237 4.97526   -4.63928  1.000 14.22872 ? 39  GLU B CB  1 
ATOM   808  C  CG  . GLU B 1 39 ? -14.09789 3.96710   -5.12856  1.000 18.65848 ? 39  GLU B CG  1 
ATOM   809  C  CD  . GLU B 1 39 ? -14.74599 2.68953   -5.61070  1.000 22.10260 ? 39  GLU B CD  1 
ATOM   810  O  OE1 . GLU B 1 39 ? -15.35591 1.98761   -4.78466  1.000 25.74258 ? 39  GLU B OE1 1 
ATOM   811  O  OE2 . GLU B 1 39 ? -14.65757 2.39260   -6.81782  1.000 25.82539 ? 39  GLU B OE2 1 
ATOM   812  N  N   . PRO B 1 40 ? -13.35921 8.28363   -4.77358  1.000 12.14838 ? 40  PRO B N   1 
ATOM   813  C  CA  . PRO B 1 40 ? -12.88263 9.21330   -5.80655  1.000 11.99919 ? 40  PRO B CA  1 
ATOM   814  C  C   . PRO B 1 40 ? -11.58972 8.79461   -6.48652  1.000 12.06579 ? 40  PRO B C   1 
ATOM   815  O  O   . PRO B 1 40 ? -11.28018 9.34724   -7.54855  1.000 10.05294 ? 40  PRO B O   1 
ATOM   816  C  CB  . PRO B 1 40 ? -12.69912 10.52339  -5.03050  1.000 10.02172 ? 40  PRO B CB  1 
ATOM   817  C  CG  . PRO B 1 40 ? -12.37001 10.08193  -3.65464  1.000 13.18065 ? 40  PRO B CG  1 
ATOM   818  C  CD  . PRO B 1 40 ? -13.13646 8.81355   -3.41541  1.000 12.85771 ? 40  PRO B CD  1 
ATOM   819  N  N   . LEU B 1 41 ? -10.84267 7.83458   -5.93818  1.000 12.20359 ? 41  LEU B N   1 
ATOM   820  C  CA  . LEU B 1 41 ? -9.50280  7.50294   -6.40674  1.000 8.91837  ? 41  LEU B CA  1 
ATOM   821  C  C   . LEU B 1 41 ? -9.42908  6.05050   -6.86537  1.000 10.79912 ? 41  LEU B C   1 
ATOM   822  O  O   . LEU B 1 41 ? -10.21547 5.20052   -6.44151  1.000 11.27474 ? 41  LEU B O   1 
ATOM   823  C  CB  . LEU B 1 41 ? -8.45492  7.73238   -5.30173  1.000 11.60918 ? 41  LEU B CB  1 
ATOM   824  C  CG  . LEU B 1 41 ? -8.35523  9.10862   -4.63913  1.000 12.08227 ? 41  LEU B CG  1 
ATOM   825  C  CD1 . LEU B 1 41 ? -7.20147  9.13577   -3.64089  1.000 13.10907 ? 41  LEU B CD1 1 
ATOM   826  C  CD2 . LEU B 1 41 ? -8.18124  10.20406  -5.66879  1.000 13.14850 ? 41  LEU B CD2 1 
ATOM   827  N  N   . THR B 1 42 ? -8.45936  5.76812   -7.73472  1.000 9.50428  ? 42  THR B N   1 
ATOM   828  C  CA  . THR B 1 42 ? -8.12792  4.38898   -8.05881  1.000 9.36723  ? 42  THR B CA  1 
ATOM   829  C  C   . THR B 1 42 ? -7.22721  3.79483   -6.98216  1.000 7.68412  ? 42  THR B C   1 
ATOM   830  O  O   . THR B 1 42 ? -6.63410  4.51082   -6.17479  1.000 9.94418  ? 42  THR B O   1 
ATOM   831  C  CB  . THR B 1 42 ? -7.41171  4.29587   -9.39745  1.000 9.11765  ? 42  THR B CB  1 
ATOM   832  O  OG1 . THR B 1 42 ? -6.09898  4.84853   -9.24771  1.000 10.14192 ? 42  THR B OG1 1 
ATOM   833  C  CG2 . THR B 1 42 ? -8.18277  5.06534   -10.46818 1.000 12.93834 ? 42  THR B CG2 1 
ATOM   834  N  N   . ASP B 1 43 ? -7.11967  2.46132   -6.99423  1.000 14.46685 ? 43  ASP B N   1 
ATOM   835  C  CA  . ASP B 1 43 ? -6.22450  1.77025   -6.06404  1.000 13.08344 ? 43  ASP B CA  1 
ATOM   836  C  C   . ASP B 1 43 ? -4.79498  2.28942   -6.16855  1.000 12.25979 ? 43  ASP B C   1 
ATOM   837  O  O   . ASP B 1 43 ? -4.12414  2.49526   -5.15057  1.000 13.68974 ? 43  ASP B O   1 
ATOM   838  C  CB  . ASP B 1 43 ? -6.25202  0.26209   -6.32373  1.000 17.73298 ? 43  ASP B CB  1 
ATOM   839  C  CG  . ASP B 1 43 ? -7.46150  -0.42729  -5.70792  1.000 14.68174 ? 43  ASP B CG  1 
ATOM   840  O  OD1 . ASP B 1 43 ? -8.31538  0.25214   -5.10026  1.000 15.48222 ? 43  ASP B OD1 1 
ATOM   841  O  OD2 . ASP B 1 43 ? -7.54875  -1.66651  -5.83064  1.000 20.10624 ? 43  ASP B OD2 1 
ATOM   842  N  N   . GLU B 1 44 ? -4.30542  2.48520   -7.39509  1.000 15.46806 ? 44  GLU B N   1 
ATOM   843  C  CA  . GLU B 1 44 ? -2.96946  3.04280   -7.59778  1.000 14.15409 ? 44  GLU B CA  1 
ATOM   844  C  C   . GLU B 1 44 ? -2.84669  4.42247   -6.96557  1.000 9.99377  ? 44  GLU B C   1 
ATOM   845  O  O   . GLU B 1 44 ? -1.81640  4.75530   -6.36789  1.000 10.55465 ? 44  GLU B O   1 
ATOM   846  C  CB  . GLU B 1 44 ? -2.66578  3.10760   -9.09852  1.000 15.21333 ? 44  GLU B CB  1 
ATOM   847  C  CG  . GLU B 1 44 ? -1.46606  3.95565   -9.46777  1.000 21.01038 ? 44  GLU B CG  1 
ATOM   848  C  CD  . GLU B 1 44 ? -1.67628  4.77165   -10.73863 1.000 30.84577 ? 44  GLU B CD  1 
ATOM   849  O  OE1 . GLU B 1 44 ? -2.18780  4.21687   -11.73703 1.000 28.38842 ? 44  GLU B OE1 1 
ATOM   850  O  OE2 . GLU B 1 44 ? -1.33925  5.97867   -10.72983 1.000 32.55610 ? 44  GLU B OE2 1 
ATOM   851  N  N   . GLU B 1 45 ? -3.90628  5.22965   -7.05666  1.000 9.26182  ? 45  GLU B N   1 
ATOM   852  C  CA  . GLU B 1 45 ? -3.85099  6.58452   -6.52225  1.000 7.22369  ? 45  GLU B CA  1 
ATOM   853  C  C   . GLU B 1 45 ? -3.93508  6.58735   -5.00307  1.000 5.20019  ? 45  GLU B C   1 
ATOM   854  O  O   . GLU B 1 45 ? -3.34539  7.45128   -4.34593  1.000 6.31691  ? 45  GLU B O   1 
ATOM   855  C  CB  . GLU B 1 45 ? -4.97860  7.42397   -7.11922  1.000 9.93183  ? 45  GLU B CB  1 
ATOM   856  C  CG  . GLU B 1 45 ? -4.82511  7.64881   -8.61118  1.000 9.10372  ? 45  GLU B CG  1 
ATOM   857  C  CD  . GLU B 1 45 ? -6.09376  8.16795   -9.26329  1.000 12.75587 ? 45  GLU B CD  1 
ATOM   858  O  OE1 . GLU B 1 45 ? -7.15161  8.17909   -8.60004  1.000 9.91410  ? 45  GLU B OE1 1 
ATOM   859  O  OE2 . GLU B 1 45 ? -6.02770  8.57032   -10.44640 1.000 13.04989 ? 45  GLU B OE2 1 
ATOM   860  N  N   . VAL B 1 46 ? -4.71829  5.67244   -4.43128  1.000 4.90538  ? 46  VAL B N   1 
ATOM   861  C  CA  . VAL B 1 46 ? -4.74894  5.53650   -2.98068  1.000 4.24799  ? 46  VAL B CA  1 
ATOM   862  C  C   . VAL B 1 46 ? -3.35677  5.20648   -2.46072  1.000 5.62466  ? 46  VAL B C   1 
ATOM   863  O  O   . VAL B 1 46 ? -2.93913  5.71041   -1.41269  1.000 7.68309  ? 46  VAL B O   1 
ATOM   864  C  CB  . VAL B 1 46 ? -5.78321  4.47404   -2.56663  1.000 4.09624  ? 46  VAL B CB  1 
ATOM   865  C  CG1 . VAL B 1 46 ? -5.76354  4.26980   -1.05695  1.000 7.19924  ? 46  VAL B CG1 1 
ATOM   866  C  CG2 . VAL B 1 46 ? -7.18350  4.88686   -3.03917  1.000 7.68875  ? 46  VAL B CG2 1 
ATOM   867  N  N   . ASP B 1 47 ? -2.61412  4.36957   -3.19438  1.000 6.54961  ? 47  ASP B N   1 
ATOM   868  C  CA  . ASP B 1 47 ? -1.22644  4.07995   -2.83251  1.000 5.35279  ? 47  ASP B CA  1 
ATOM   869  C  C   . ASP B 1 47 ? -0.41470  5.36411   -2.70637  1.000 6.76910  ? 47  ASP B C   1 
ATOM   870  O  O   . ASP B 1 47 ? 0.38658   5.52366   -1.77717  1.000 7.68121  ? 47  ASP B O   1 
ATOM   871  C  CB  . ASP B 1 47 ? -0.57018  3.17324   -3.87891  1.000 6.64311  ? 47  ASP B CB  1 
ATOM   872  C  CG  . ASP B 1 47 ? -1.04082  1.74947   -3.81373  1.000 8.02370  ? 47  ASP B CG  1 
ATOM   873  O  OD1 . ASP B 1 47 ? -1.45382  1.28759   -2.73127  1.000 10.43176 ? 47  ASP B OD1 1 
ATOM   874  O  OD2 . ASP B 1 47 ? -0.98361  1.08558   -4.87123  1.000 6.82488  ? 47  ASP B OD2 1 
ATOM   875  N  N   . GLU B 1 48 ? -0.58370  6.28191   -3.66148  1.000 6.37217  ? 48  GLU B N   1 
ATOM   876  C  CA  . GLU B 1 48 ? 0.16561   7.53521   -3.62216  1.000 10.42005 ? 48  GLU B CA  1 
ATOM   877  C  C   . GLU B 1 48 ? -0.25480  8.38859   -2.43152  1.000 6.74106  ? 48  GLU B C   1 
ATOM   878  O  O   . GLU B 1 48 ? 0.59004   9.00021   -1.76587  1.000 8.62366  ? 48  GLU B O   1 
ATOM   879  C  CB  . GLU B 1 48 ? -0.02889  8.29334   -4.93595  1.000 8.25698  ? 48  GLU B CB  1 
ATOM   880  C  CG  . GLU B 1 48 ? 0.44041   9.73582   -4.93434  1.000 12.97770 ? 48  GLU B CG  1 
ATOM   881  C  CD  . GLU B 1 48 ? 1.95168   9.86446   -4.86145  1.000 13.59021 ? 48  GLU B CD  1 
ATOM   882  O  OE1 . GLU B 1 48 ? 2.64590   8.83218   -4.74554  1.000 20.83661 ? 48  GLU B OE1 1 
ATOM   883  O  OE2 . GLU B 1 48 ? 2.45215   11.00584  -4.93842  1.000 23.52413 ? 48  GLU B OE2 1 
ATOM   884  N  N   . LEU B 1 49 ? -1.55888  8.43351   -2.15296  1.000 8.19269  ? 49  LEU B N   1 
ATOM   885  C  CA  . LEU B 1 49 ? -2.06633  9.13921   -0.98291  1.000 5.53487  ? 49  LEU B CA  1 
ATOM   886  C  C   . LEU B 1 49 ? -1.46511  8.57260   0.29769   1.000 5.49153  ? 49  LEU B C   1 
ATOM   887  O  O   . LEU B 1 49 ? -1.11091  9.31485   1.22661   1.000 5.18076  ? 49  LEU B O   1 
ATOM   888  C  CB  . LEU B 1 49 ? -3.59390  9.01575   -0.94940  1.000 6.41834  ? 49  LEU B CB  1 
ATOM   889  C  CG  . LEU B 1 49 ? -4.35183  9.82543   0.09342   1.000 11.41211 ? 49  LEU B CG  1 
ATOM   890  C  CD1 . LEU B 1 49 ? -3.94222  11.27986  -0.02276  1.000 15.68326 ? 49  LEU B CD1 1 
ATOM   891  C  CD2 . LEU B 1 49 ? -5.86532  9.65374   -0.08774  1.000 13.39776 ? 49  LEU B CD2 1 
ATOM   892  N  N   . HIS B 1 50 ? -1.36011  7.25086   0.36281   1.000 6.35000  ? 50  HIS B N   1 
ATOM   893  C  CA  . HIS B 1 50 ? -0.81955  6.59825   1.54575   1.000 4.30532  ? 50  HIS B CA  1 
ATOM   894  C  C   . HIS B 1 50 ? 0.65726   6.93298   1.71688   1.000 5.05074  ? 50  HIS B C   1 
ATOM   895  O  O   . HIS B 1 50 ? 1.13160   7.15958   2.83884   1.000 4.42405  ? 50  HIS B O   1 
ATOM   896  C  CB  . HIS B 1 50 ? -1.04476  5.09417   1.41430   1.000 4.91939  ? 50  HIS B CB  1 
ATOM   897  C  CG  . HIS B 1 50 ? -0.76186  4.32379   2.66170   1.000 5.23001  ? 50  HIS B CG  1 
ATOM   898  N  ND1 . HIS B 1 50 ? 0.48138   3.80768   2.95040   1.000 3.95890  ? 50  HIS B ND1 1 
ATOM   899  C  CD2 . HIS B 1 50 ? -1.56502  3.98151   3.69550   1.000 4.48159  ? 50  HIS B CD2 1 
ATOM   900  C  CE1 . HIS B 1 50 ? 0.43589   3.18837   4.11785   1.000 5.08972  ? 50  HIS B CE1 1 
ATOM   901  N  NE2 . HIS B 1 50 ? -0.79684  3.27446   4.58769   1.000 5.00880  ? 50  HIS B NE2 1 
ATOM   902  N  N   . ARG B 1 51 ? 1.39169   6.99881   0.60567   1.000 5.57270  ? 51  ARG B N   1 
ATOM   903  C  CA  . ARG B 1 51 ? 2.81122   7.33021   0.66490   1.000 4.91372  ? 51  ARG B CA  1 
ATOM   904  C  C   . ARG B 1 51 ? 3.02693   8.75856   1.15212   1.000 6.67509  ? 51  ARG B C   1 
ATOM   905  O  O   . ARG B 1 51 ? 3.86938   9.00472   2.02275   1.000 8.13073  ? 51  ARG B O   1 
ATOM   906  C  CB  . ARG B 1 51 ? 3.45361   7.12791   -0.70893  1.000 8.56630  ? 51  ARG B CB  1 
ATOM   907  C  CG  . ARG B 1 51 ? 4.95639   7.42602   -0.71645  1.000 7.37009  ? 51  ARG B CG  1 
ATOM   908  C  CD  . ARG B 1 51 ? 5.49773   7.62753   -2.13199  1.000 11.11764 ? 51  ARG B CD  1 
ATOM   909  N  NE  . ARG B 1 51 ? 4.94335   8.81859   -2.77003  1.000 12.36960 ? 51  ARG B NE  1 
ATOM   910  C  CZ  . ARG B 1 51 ? 5.28942   10.06341  -2.47429  1.000 13.76150 ? 51  ARG B CZ  1 
ATOM   911  N  NH1 . ARG B 1 51 ? 6.20100   10.32786  -1.55190  1.000 20.01079 ? 51  ARG B NH1 1 
ATOM   912  N  NH2 . ARG B 1 51 ? 4.71644   11.07073  -3.13086  1.000 20.26460 ? 51  ARG B NH2 1 
ATOM   913  N  N   . GLU B 1 52 ? 2.26990   9.71679   0.60963   1.000 7.23054  ? 52  GLU B N   1 
ATOM   914  C  CA  . GLU B 1 52 ? 2.44056   11.10440  1.03825   1.000 7.46021  ? 52  GLU B CA  1 
ATOM   915  C  C   . GLU B 1 52 ? 2.09953   11.28832  2.51360   1.000 7.21350  ? 52  GLU B C   1 
ATOM   916  O  O   . GLU B 1 52 ? 2.69850   12.13714  3.18979   1.000 10.06713 ? 52  GLU B O   1 
ATOM   917  C  CB  . GLU B 1 52 ? 1.59057   12.03588  0.16910   1.000 9.34188  ? 52  GLU B CB  1 
ATOM   918  C  CG  . GLU B 1 52 ? 1.93881   11.97011  -1.31351  1.000 15.20748 ? 52  GLU B CG  1 
ATOM   919  C  CD  . GLU B 1 52 ? 1.07753   12.88065  -2.16968  1.000 27.60038 ? 52  GLU B CD  1 
ATOM   920  O  OE1 . GLU B 1 52 ? 0.02082   13.33422  -1.68431  1.000 30.97777 ? 52  GLU B OE1 1 
ATOM   921  O  OE2 . GLU B 1 52 ? 1.45478   13.13841  -3.33306  1.000 30.85735 ? 52  GLU B OE2 1 
ATOM   922  N  N   . THR B 1 53 ? 1.15329   10.49948  3.03613   1.000 5.55907  ? 53  THR B N   1 
ATOM   923  C  CA  . THR B 1 53 ? 0.75655   10.62492  4.43287   1.000 7.13577  ? 53  THR B CA  1 
ATOM   924  C  C   . THR B 1 53 ? 1.76454   9.97485   5.37398   1.000 4.86522  ? 53  THR B C   1 
ATOM   925  O  O   . THR B 1 53 ? 1.88774   10.39180  6.53107   1.000 6.70537  ? 53  THR B O   1 
ATOM   926  C  CB  . THR B 1 53 ? -0.63114  10.01295  4.61049   1.000 6.92700  ? 53  THR B CB  1 
ATOM   927  O  OG1 . THR B 1 53 ? -1.51148  10.58155  3.63362   1.000 5.14054  ? 53  THR B OG1 1 
ATOM   928  C  CG2 . THR B 1 53 ? -1.19034  10.26871  6.01662   1.000 6.10455  ? 53  THR B CG2 1 
ATOM   929  N  N   . ASP B 1 54 ? 2.48544   8.96578   4.88504   1.000 8.99402  ? 54  ASP B N   1 
ATOM   930  C  CA  . ASP B 1 54 ? 3.44604   8.18080   5.66573   1.000 5.60118  ? 54  ASP B CA  1 
ATOM   931  C  C   . ASP B 1 54 ? 4.74685   8.97292   5.80943   1.000 7.53987  ? 54  ASP B C   1 
ATOM   932  O  O   . ASP B 1 54 ? 5.73662   8.74927   5.10907   1.000 7.37732  ? 54  ASP B O   1 
ATOM   933  C  CB  . ASP B 1 54 ? 3.67887   6.83270   4.98917   1.000 6.82654  ? 54  ASP B CB  1 
ATOM   934  C  CG  . ASP B 1 54 ? 4.75950   6.01159   5.66444   1.000 7.42663  ? 54  ASP B CG  1 
ATOM   935  O  OD1 . ASP B 1 54 ? 5.03382   6.26673   6.85233   1.000 8.04146  ? 54  ASP B OD1 1 
ATOM   936  O  OD2 . ASP B 1 54 ? 5.34848   5.12349   4.99289   1.000 5.94560  ? 54  ASP B OD2 1 
ATOM   937  N  N   . ILE B 1 55 ? 4.74031   9.91294   6.75709   1.000 7.51638  ? 55  ILE B N   1 
ATOM   938  C  CA  . ILE B 1 55 ? 5.86640   10.83413  6.90794   1.000 11.94799 ? 55  ILE B CA  1 
ATOM   939  C  C   . ILE B 1 55 ? 7.16132   10.07880  7.20889   1.000 10.03018 ? 55  ILE B C   1 
ATOM   940  O  O   . ILE B 1 55 ? 8.20172   10.32760  6.58538   1.000 9.73614  ? 55  ILE B O   1 
ATOM   941  C  CB  . ILE B 1 55 ? 5.55363   11.88434  7.98886   1.000 11.75444 ? 55  ILE B CB  1 
ATOM   942  C  CG1 . ILE B 1 55 ? 4.27948   12.63762  7.61231   1.000 11.79751 ? 55  ILE B CG1 1 
ATOM   943  C  CG2 . ILE B 1 55 ? 6.71576   12.84068  8.16222   1.000 15.23747 ? 55  ILE B CG2 1 
ATOM   944  C  CD1 . ILE B 1 55 ? 4.29800   13.17767  6.19338   1.000 13.57870 ? 55  ILE B CD1 1 
ATOM   945  N  N   . ASP B 1 56 ? 7.12744   9.13732   8.14818   1.000 7.36995  ? 56  ASP B N   1 
ATOM   946  C  CA  . ASP B 1 56 ? 8.38665   8.52456   8.55019   1.000 6.31187  ? 56  ASP B CA  1 
ATOM   947  C  C   . ASP B 1 56 ? 8.79876   7.35878   7.65471   1.000 9.16546  ? 56  ASP B C   1 
ATOM   948  O  O   . ASP B 1 56 ? 9.84555   6.74959   7.90141   1.000 8.24169  ? 56  ASP B O   1 
ATOM   949  C  CB  . ASP B 1 56 ? 8.33920   8.10840   10.03030  1.000 13.08944 ? 56  ASP B CB  1 
ATOM   950  C  CG  . ASP B 1 56 ? 7.32178   7.01801   10.32667  1.000 10.15855 ? 56  ASP B CG  1 
ATOM   951  O  OD1 . ASP B 1 56 ? 6.87039   6.33192   9.40608   1.000 5.98202  ? 56  ASP B OD1 1 
ATOM   952  O  OD2 . ASP B 1 56 ? 6.97879   6.85319   11.50821  1.000 11.11887 ? 56  ASP B OD2 1 
ATOM   953  N  N   . GLY B 1 57 ? 8.01230   7.03883   6.62886   1.000 5.92620  ? 57  GLY B N   1 
ATOM   954  C  CA  . GLY B 1 57 ? 8.43677   6.08943   5.60852   1.000 5.33457  ? 57  GLY B CA  1 
ATOM   955  C  C   . GLY B 1 57 ? 8.52768   4.63201   6.02007   1.000 9.91248  ? 57  GLY B C   1 
ATOM   956  O  O   . GLY B 1 57 ? 9.28992   3.87228   5.40230   1.000 8.08519  ? 57  GLY B O   1 
ATOM   957  N  N   . ASP B 1 58 ? 7.76811   4.20525   7.03151   1.000 8.48357  ? 58  ASP B N   1 
ATOM   958  C  CA  . ASP B 1 58 ? 7.78475   2.80156   7.41877   1.000 4.95611  ? 58  ASP B CA  1 
ATOM   959  C  C   . ASP B 1 58 ? 6.72606   1.97942   6.69619   1.000 7.57413  ? 58  ASP B C   1 
ATOM   960  O  O   . ASP B 1 58 ? 6.57430   0.78983   6.98968   1.000 7.25758  ? 58  ASP B O   1 
ATOM   961  C  CB  . ASP B 1 58 ? 7.64196   2.65598   8.93797   1.000 6.00819  ? 58  ASP B CB  1 
ATOM   962  C  CG  . ASP B 1 58 ? 6.32134   3.17812   9.47279   1.000 8.54304  ? 58  ASP B CG  1 
ATOM   963  O  OD1 . ASP B 1 58 ? 5.52980   3.75749   8.69834   1.000 5.97003  ? 58  ASP B OD1 1 
ATOM   964  O  OD2 . ASP B 1 58 ? 6.07699   3.00692   10.69765  1.000 11.54041 ? 58  ASP B OD2 1 
ATOM   965  N  N   . GLY B 1 59 ? 6.02028   2.57271   5.73242   1.000 4.90065  ? 59  GLY B N   1 
ATOM   966  C  CA  . GLY B 1 59 ? 5.03023   1.85187   4.96816   1.000 5.14845  ? 59  GLY B CA  1 
ATOM   967  C  C   . GLY B 1 59 ? 3.68139   1.77772   5.63521   1.000 5.14694  ? 59  GLY B C   1 
ATOM   968  O  O   . GLY B 1 59 ? 2.80571   1.05047   5.15060   1.000 4.10248  ? 59  GLY B O   1 
ATOM   969  N  N   . GLN B 1 60 ? 3.49090   2.53068   6.72029   1.000 6.73022  ? 60  GLN B N   1 
ATOM   970  C  CA  . GLN B 1 60 ? 2.30067   2.50874   7.55751   1.000 5.94577  ? 60  GLN B CA  1 
ATOM   971  C  C   . GLN B 1 60 ? 1.91926   3.94312   7.90428   1.000 5.58261  ? 60  GLN B C   1 
ATOM   972  O  O   . GLN B 1 60 ? 2.78093   4.81317   7.99129   1.000 5.96926  ? 60  GLN B O   1 
ATOM   973  C  CB  . GLN B 1 60 ? 2.55860   1.72224   8.86417   1.000 8.35614  ? 60  GLN B CB  1 
ATOM   974  C  CG  . GLN B 1 60 ? 3.10431   0.32708   8.67978   1.000 4.26357  ? 60  GLN B CG  1 
ATOM   975  C  CD  . GLN B 1 60 ? 2.04595   -0.64461  8.19361   1.000 4.66153  ? 60  GLN B CD  1 
ATOM   976  O  OE1 . GLN B 1 60 ? 0.84806   -0.39595  8.34646   1.000 5.21398  ? 60  GLN B OE1 1 
ATOM   977  N  NE2 . GLN B 1 60 ? 2.47911   -1.75919  7.61810   1.000 5.06141  ? 60  GLN B NE2 1 
ATOM   978  N  N   . VAL B 1 61 ? 0.63244   4.20020   8.12984   1.000 3.80285  ? 61  VAL B N   1 
ATOM   979  C  CA  . VAL B 1 61 ? 0.19004   5.50919   8.61435   1.000 4.44268  ? 61  VAL B CA  1 
ATOM   980  C  C   . VAL B 1 61 ? -0.17199  5.35823   10.08640  1.000 8.95012  ? 61  VAL B C   1 
ATOM   981  O  O   . VAL B 1 61 ? -1.16731  4.69697   10.41726  1.000 6.21373  ? 61  VAL B O   1 
ATOM   982  C  CB  . VAL B 1 61 ? -0.99851  6.05825   7.81063   1.000 6.44199  ? 61  VAL B CB  1 
ATOM   983  C  CG1 . VAL B 1 61 ? -1.58633  7.28649   8.50342   1.000 5.22191  ? 61  VAL B CG1 1 
ATOM   984  C  CG2 . VAL B 1 61 ? -0.55815  6.40510   6.38763   1.000 4.94244  ? 61  VAL B CG2 1 
ATOM   985  N  N   . ASN B 1 62 ? 0.61788   5.96998   10.97763  1.000 6.60448  ? 62  ASN B N   1 
ATOM   986  C  CA  . ASN B 1 62 ? 0.29840   5.89154   12.39976  1.000 6.67642  ? 62  ASN B CA  1 
ATOM   987  C  C   . ASN B 1 62 ? -0.60814  7.06263   12.80200  1.000 7.57474  ? 62  ASN B C   1 
ATOM   988  O  O   . ASN B 1 62 ? -0.99734  7.90064   11.97810  1.000 5.64872  ? 62  ASN B O   1 
ATOM   989  C  CB  . ASN B 1 62 ? 1.56916   5.81149   13.26384  1.000 8.90100  ? 62  ASN B CB  1 
ATOM   990  C  CG  . ASN B 1 62 ? 2.42787   7.07944   13.22916  1.000 9.78444  ? 62  ASN B CG  1 
ATOM   991  O  OD1 . ASN B 1 62 ? 2.02911   8.12229   12.69395  1.000 11.71103 ? 62  ASN B OD1 1 
ATOM   992  N  ND2 . ASN B 1 62 ? 3.64288   6.97913   13.80669  1.000 6.36309  ? 62  ASN B ND2 1 
ATOM   993  N  N   . TYR B 1 63 ? -0.94833  7.13456   14.09268  1.000 6.87021  ? 63  TYR B N   1 
ATOM   994  C  CA  . TYR B 1 63 ? -1.90319  8.15673   14.51456  1.000 8.06003  ? 63  TYR B CA  1 
ATOM   995  C  C   . TYR B 1 63 ? -1.34576  9.56017   14.30610  1.000 6.44754  ? 63  TYR B C   1 
ATOM   996  O  O   . TYR B 1 63 ? -2.04633  10.42796  13.77974  1.000 8.06514  ? 63  TYR B O   1 
ATOM   997  C  CB  . TYR B 1 63 ? -2.32102  7.94819   15.97047  1.000 9.38226  ? 63  TYR B CB  1 
ATOM   998  C  CG  . TYR B 1 63 ? -3.21812  9.05329   16.45982  1.000 8.27721  ? 63  TYR B CG  1 
ATOM   999  C  CD1 . TYR B 1 63 ? -4.52708  9.15633   16.01750  1.000 11.44853 ? 63  TYR B CD1 1 
ATOM   1000 C  CD2 . TYR B 1 63 ? -2.74674  10.00623  17.35339  1.000 13.41655 ? 63  TYR B CD2 1 
ATOM   1001 C  CE1 . TYR B 1 63 ? -5.35036  10.18056  16.45551  1.000 11.48978 ? 63  TYR B CE1 1 
ATOM   1002 C  CE2 . TYR B 1 63 ? -3.55463  11.03303  17.79406  1.000 8.70919  ? 63  TYR B CE2 1 
ATOM   1003 C  CZ  . TYR B 1 63 ? -4.86065  11.10801  17.35057  1.000 12.36393 ? 63  TYR B CZ  1 
ATOM   1004 O  OH  . TYR B 1 63 ? -5.66928  12.14145  17.78025  1.000 16.92729 ? 63  TYR B OH  1 
ATOM   1005 N  N   . GLU B 1 64 ? -0.08480  9.80050   14.68221  1.000 7.13049  ? 64  GLU B N   1 
ATOM   1006 C  CA  . GLU B 1 64 ? 0.48863   11.13490  14.50574  1.000 8.32548  ? 64  GLU B CA  1 
ATOM   1007 C  C   . GLU B 1 64 ? 0.45171   11.56562  13.04133  1.000 9.25540  ? 64  GLU B C   1 
ATOM   1008 O  O   . GLU B 1 64 ? 0.17324   12.73203  12.73686  1.000 8.87905  ? 64  GLU B O   1 
ATOM   1009 C  CB  . GLU B 1 64 ? 1.92374   11.17045  15.04494  1.000 13.92214 ? 64  GLU B CB  1 
ATOM   1010 C  CG  . GLU B 1 64 ? 2.59613   12.54601  14.97399  1.000 15.33241 ? 64  GLU B CG  1 
ATOM   1011 C  CD  . GLU B 1 64 ? 4.02674   12.52596  15.50329  1.000 23.33509 ? 64  GLU B CD  1 
ATOM   1012 O  OE1 . GLU B 1 64 ? 4.46933   11.46788  16.00064  1.000 21.77780 ? 64  GLU B OE1 1 
ATOM   1013 O  OE2 . GLU B 1 64 ? 4.71351   13.56660  15.41912  1.000 39.02770 ? 64  GLU B OE2 1 
ATOM   1014 N  N   . GLU B 1 65 ? 0.71185   10.63228  12.12195  1.000 7.56174  ? 65  GLU B N   1 
ATOM   1015 C  CA  . GLU B 1 65 ? 0.66002   10.94004  10.69392  1.000 5.99749  ? 65  GLU B CA  1 
ATOM   1016 C  C   . GLU B 1 65 ? -0.76856  11.20810  10.23854  1.000 10.55676 ? 65  GLU B C   1 
ATOM   1017 O  O   . GLU B 1 65 ? -1.00656  12.07954  9.39309   1.000 8.77306  ? 65  GLU B O   1 
ATOM   1018 C  CB  . GLU B 1 65 ? 1.27289   9.78871   9.89260   1.000 7.86524  ? 65  GLU B CB  1 
ATOM   1019 C  CG  . GLU B 1 65 ? 2.78628   9.66677   10.08377  1.000 6.77317  ? 65  GLU B CG  1 
ATOM   1020 C  CD  . GLU B 1 65 ? 3.34074   8.31025   9.68049   1.000 6.54951  ? 65  GLU B CD  1 
ATOM   1021 O  OE1 . GLU B 1 65 ? 2.56280   7.35546   9.47158   1.000 7.86638  ? 65  GLU B OE1 1 
ATOM   1022 O  OE2 . GLU B 1 65 ? 4.57978   8.19364   9.58651   1.000 6.87207  ? 65  GLU B OE2 1 
ATOM   1023 N  N   . PHE B 1 66 ? -1.73077  10.46059  10.78659  1.000 6.37822  ? 66  PHE B N   1 
ATOM   1024 C  CA  . PHE B 1 66 ? -3.13497  10.70783  10.47530  1.000 8.42181  ? 66  PHE B CA  1 
ATOM   1025 C  C   . PHE B 1 66 ? -3.54530  12.11518  10.88875  1.000 8.63264  ? 66  PHE B C   1 
ATOM   1026 O  O   . PHE B 1 66 ? -4.17952  12.83566  10.10859  1.000 9.96920  ? 66  PHE B O   1 
ATOM   1027 C  CB  . PHE B 1 66 ? -3.98809  9.63473   11.16147  1.000 5.99399  ? 66  PHE B CB  1 
ATOM   1028 C  CG  . PHE B 1 66 ? -5.46813  9.87169   11.11369  1.000 7.39902  ? 66  PHE B CG  1 
ATOM   1029 C  CD1 . PHE B 1 66 ? -6.21743  9.48651   10.01456  1.000 8.46674  ? 66  PHE B CD1 1 
ATOM   1030 C  CD2 . PHE B 1 66 ? -6.12002  10.42944  12.20192  1.000 7.91633  ? 66  PHE B CD2 1 
ATOM   1031 C  CE1 . PHE B 1 66 ? -7.59963  9.67716   9.99543   1.000 8.35226  ? 66  PHE B CE1 1 
ATOM   1032 C  CE2 . PHE B 1 66 ? -7.50509  10.62805  12.18927  1.000 9.29570  ? 66  PHE B CE2 1 
ATOM   1033 C  CZ  . PHE B 1 66 ? -8.23346  10.25846  11.08509  1.000 7.03695  ? 66  PHE B CZ  1 
ATOM   1034 N  N   . VAL B 1 67 ? -3.13362  12.54562  12.08671  1.000 10.39309 ? 67  VAL B N   1 
ATOM   1035 C  CA  . VAL B 1 67 ? -3.54621  13.85019  12.60146  1.000 8.79115  ? 67  VAL B CA  1 
ATOM   1036 C  C   . VAL B 1 67 ? -2.96540  14.97951  11.76336  1.000 15.01733 ? 67  VAL B C   1 
ATOM   1037 O  O   . VAL B 1 67 ? -3.65824  15.95868  11.45316  1.000 15.25023 ? 67  VAL B O   1 
ATOM   1038 C  CB  . VAL B 1 67 ? -3.14938  13.98852  14.08222  1.000 12.66842 ? 67  VAL B CB  1 
ATOM   1039 C  CG1 . VAL B 1 67 ? -3.15917  15.45334  14.52280  1.000 11.84025 ? 67  VAL B CG1 1 
ATOM   1040 C  CG2 . VAL B 1 67 ? -4.08706  13.19470  14.93494  1.000 9.88926  ? 67  VAL B CG2 1 
ATOM   1041 N  N   . GLN B 1 68 ? -1.68857  14.87686  11.39249  1.000 12.21519 ? 68  GLN B N   1 
ATOM   1042 C  CA  . GLN B 1 68 ? -1.10053  15.91093  10.54787  1.000 14.70061 ? 68  GLN B CA  1 
ATOM   1043 C  C   . GLN B 1 68 ? -1.88528  16.07356  9.25082   1.000 15.40641 ? 68  GLN B C   1 
ATOM   1044 O  O   . GLN B 1 68 ? -2.14888  17.20020  8.81546   1.000 17.32126 ? 68  GLN B O   1 
ATOM   1045 C  CB  . GLN B 1 68 ? 0.36630   15.58454  10.27130  1.000 17.54940 ? 68  GLN B CB  1 
ATOM   1046 C  CG  . GLN B 1 68 ? 1.05314   16.52906  9.29811   1.000 34.05471 ? 68  GLN B CG  1 
ATOM   1047 C  CD  . GLN B 1 68 ? 2.53757   16.24234  9.17105   1.000 31.90762 ? 68  GLN B CD  1 
ATOM   1048 O  OE1 . GLN B 1 68 ? 3.10974   15.52968  9.99745   1.000 36.30090 ? 68  GLN B OE1 1 
ATOM   1049 N  NE2 . GLN B 1 68 ? 3.16888   16.79152  8.13160   1.000 30.25987 ? 68  GLN B NE2 1 
ATOM   1050 N  N   . ARG B 1 69 ? -2.30431  14.96091  8.64216   1.000 14.30068 ? 69  ARG B N   1 
ATOM   1051 C  CA  . ARG B 1 69 ? -3.14905  15.03259  7.45435   1.000 12.91212 ? 69  ARG B CA  1 
ATOM   1052 C  C   . ARG B 1 69 ? -4.50555  15.64437  7.77378   1.000 16.22346 ? 69  ARG B C   1 
ATOM   1053 O  O   . ARG B 1 69 ? -4.98758  16.52129  7.04700   1.000 13.79156 ? 69  ARG B O   1 
ATOM   1054 C  CB  . ARG B 1 69 ? -3.33712  13.64516  6.84174   1.000 13.43265 ? 69  ARG B CB  1 
ATOM   1055 C  CG  . ARG B 1 69 ? -4.46067  13.62057  5.82406   1.000 13.80451 ? 69  ARG B CG  1 
ATOM   1056 C  CD  . ARG B 1 69 ? -4.59293  12.28039  5.12543   1.000 10.80682 ? 69  ARG B CD  1 
ATOM   1057 N  NE  . ARG B 1 69 ? -5.65254  12.33770  4.12764   1.000 14.37868 ? 69  ARG B NE  1 
ATOM   1058 C  CZ  . ARG B 1 69 ? -5.49374  12.84056  2.91213   1.000 15.70308 ? 69  ARG B CZ  1 
ATOM   1059 N  NH1 . ARG B 1 69 ? -4.32128  13.30413  2.50770   1.000 12.76563 ? 69  ARG B NH1 1 
ATOM   1060 N  NH2 . ARG B 1 69 ? -6.53605  12.88054  2.08281   1.000 11.67910 ? 69  ARG B NH2 1 
ATOM   1061 N  N   . MET B 1 70 ? -5.14011  15.19240  8.86143   1.000 14.90299 ? 70  MET B N   1 
ATOM   1062 C  CA  . MET B 1 70 ? -6.49356  15.65001  9.16773   1.000 18.99496 ? 70  MET B CA  1 
ATOM   1063 C  C   . MET B 1 70 ? -6.53838  17.14340  9.44458   1.000 20.98805 ? 70  MET B C   1 
ATOM   1064 O  O   . MET B 1 70 ? -7.55750  17.79127  9.18347   1.000 22.64782 ? 70  MET B O   1 
ATOM   1065 C  CB  . MET B 1 70 ? -7.05595  14.87043  10.35517  1.000 17.46535 ? 70  MET B CB  1 
ATOM   1066 C  CG  . MET B 1 70 ? -7.39862  13.43222  10.01874  1.000 15.19088 ? 70  MET B CG  1 
ATOM   1067 S  SD  . MET B 1 70 ? -8.63544  13.30490  8.71436   1.000 16.60794 ? 70  MET B SD  1 
ATOM   1068 C  CE  . MET B 1 70 ? -10.10740 13.84205  9.59083   1.000 16.59421 ? 70  MET B CE  1 
ATOM   1069 N  N   . ARG B 1 71 ? -5.45425  17.70969  9.95733   1.000 15.76764 ? 71  ARG B N   1 
ATOM   1070 C  CA  . ARG B 1 71 ? -5.40622  19.13737  10.23162  1.000 19.63313 ? 71  ARG B CA  1 
ATOM   1071 C  C   . ARG B 1 71 ? -4.98617  19.96481  9.02465   1.000 20.07464 ? 71  ARG B C   1 
ATOM   1072 O  O   . ARG B 1 71 ? -4.90348  21.19049  9.13544   1.000 27.23857 ? 71  ARG B O   1 
ATOM   1073 C  CB  . ARG B 1 71 ? -4.46369  19.42197  11.40050  1.000 20.86727 ? 71  ARG B CB  1 
ATOM   1074 C  CG  . ARG B 1 71 ? -4.94074  18.86330  12.72119  1.000 25.31623 ? 71  ARG B CG  1 
ATOM   1075 C  CD  . ARG B 1 71 ? -4.40829  19.70621  13.85537  1.000 37.54423 ? 71  ARG B CD  1 
ATOM   1076 N  NE  . ARG B 1 71 ? -4.62945  19.10474  15.16401  1.000 43.69259 ? 71  ARG B NE  1 
ATOM   1077 C  CZ  . ARG B 1 71 ? -5.23645  19.71316  16.17415  1.000 51.99339 ? 71  ARG B CZ  1 
ATOM   1078 N  NH1 . ARG B 1 71 ? -5.70728  20.94497  16.05724  1.000 54.97482 ? 71  ARG B NH1 1 
ATOM   1079 N  NH2 . ARG B 1 71 ? -5.36179  19.07543  17.33495  1.000 47.81916 ? 71  ARG B NH2 1 
ATOM   1080 N  N   . ALA B 1 72 ? -4.73368  19.33523  7.88217   1.000 21.57023 ? 72  ALA B N   1 
ATOM   1081 C  CA  . ALA B 1 72 ? -4.33180  20.05780  6.68146   1.000 20.34028 ? 72  ALA B CA  1 
ATOM   1082 C  C   . ALA B 1 72 ? -5.44908  20.06086  5.64686   1.000 21.83431 ? 72  ALA B C   1 
ATOM   1083 O  O   . ALA B 1 72 ? -5.62868  21.04057  4.92219   1.000 32.38193 ? 72  ALA B O   1 
ATOM   1084 C  CB  . ALA B 1 72 ? -3.07661  19.45031  6.10011   1.000 17.03973 ? 72  ALA B CB  1 
HETATM 1085 CA CA  . CA  C 2 .  ? 7.11054   0.76999   -1.75979  1.000 4.50860  ? 101 CA  A CA  1 
HETATM 1086 CA CA  . CA  D 2 .  ? 0.67786   -7.80029  2.65978   1.000 4.09794  ? 102 CA  A CA  1 
HETATM 1087 CA CA  . CA  E 2 .  ? -6.17655  -15.62515 -6.60008  1.000 30.63589 ? 103 CA  A CA  1 
HETATM 1088 CA CA  . CA  F 2 .  ? -4.57148  -1.47247  10.77456  1.000 3.50505  ? 101 CA  B CA  1 
HETATM 1089 CA CA  . CA  G 2 .  ? 4.53228   5.91608   9.04114   1.000 5.75227  ? 102 CA  B CA  1 
HETATM 1090 CA CA  . CA  H 2 .  ? -10.69281 -0.16929  14.86000  1.000 7.30877  ? 103 CA  B CA  1 
HETATM 1091 O  O   . HOH I 3 .  ? 1.55718   -19.62465 0.83047   1.000 25.95069 ? 201 HOH A O   1 
HETATM 1092 O  O   . HOH I 3 .  ? 1.96024   0.43397   -23.69366 1.000 33.94224 ? 202 HOH A O   1 
HETATM 1093 O  O   . HOH I 3 .  ? 15.22644  -14.66254 0.75419   1.000 9.99023  ? 203 HOH A O   1 
HETATM 1094 O  O   . HOH I 3 .  ? 1.17713   1.80009   -17.08521 1.000 23.92852 ? 204 HOH A O   1 
HETATM 1095 O  O   . HOH I 3 .  ? 1.21950   -17.93173 3.16585   1.000 28.51044 ? 205 HOH A O   1 
HETATM 1096 O  O   . HOH I 3 .  ? 2.12161   -6.92544  4.50816   1.000 5.48373  ? 206 HOH A O   1 
HETATM 1097 O  O   . HOH I 3 .  ? -4.33968  -17.95657 -6.85056  1.000 34.03713 ? 207 HOH A O   1 
HETATM 1098 O  O   . HOH I 3 .  ? -4.62456  -6.84168  -1.57322  1.000 9.77849  ? 208 HOH A O   1 
HETATM 1099 O  O   . HOH I 3 .  ? 3.97218   2.90181   -2.99477  1.000 7.71092  ? 209 HOH A O   1 
HETATM 1100 O  O   . HOH I 3 .  ? 10.78399  -1.26545  -13.01944 1.000 16.95093 ? 210 HOH A O   1 
HETATM 1101 O  O   . HOH I 3 .  ? 14.12359  0.10391   -2.51545  1.000 14.61098 ? 211 HOH A O   1 
HETATM 1102 O  O   . HOH I 3 .  ? 18.66036  -16.57837 2.91553   1.000 10.60342 ? 212 HOH A O   1 
HETATM 1103 O  O   . HOH I 3 .  ? 0.90173   -4.33341  7.59638   1.000 10.14158 ? 213 HOH A O   1 
HETATM 1104 O  O   . HOH I 3 .  ? 9.86120   5.39043   2.15143   1.000 12.81369 ? 214 HOH A O   1 
HETATM 1105 O  O   . HOH I 3 .  ? 3.03338   -14.45315 4.16713   1.000 11.12218 ? 215 HOH A O   1 
HETATM 1106 O  O   . HOH I 3 .  ? 15.59844  -14.67878 4.29592   1.000 7.93320  ? 216 HOH A O   1 
HETATM 1107 O  O   . HOH I 3 .  ? 1.22184   -4.02488  -17.48322 1.000 12.20671 ? 217 HOH A O   1 
HETATM 1108 O  O   . HOH I 3 .  ? 9.22530   -10.99679 -12.09043 1.000 30.32708 ? 218 HOH A O   1 
HETATM 1109 O  O   . HOH I 3 .  ? 13.26502  -2.11908  -0.44285  1.000 11.42312 ? 219 HOH A O   1 
HETATM 1110 O  O   . HOH I 3 .  ? 8.56517   -0.93392  6.44271   1.000 8.74238  ? 220 HOH A O   1 
HETATM 1111 O  O   . HOH I 3 .  ? 2.73398   -13.97019 -2.35475  1.000 6.67134  ? 221 HOH A O   1 
HETATM 1112 O  O   . HOH I 3 .  ? -5.49417  -9.69571  -1.74940  1.000 12.11390 ? 222 HOH A O   1 
HETATM 1113 O  O   . HOH I 3 .  ? 10.58741  -0.08958  -10.31111 1.000 12.29364 ? 223 HOH A O   1 
HETATM 1114 O  O   . HOH I 3 .  ? 20.41855  -11.51009 3.45096   1.000 22.13841 ? 224 HOH A O   1 
HETATM 1115 O  O   . HOH I 3 .  ? 17.66470  -5.24959  0.48332   1.000 22.57664 ? 225 HOH A O   1 
HETATM 1116 O  O   . HOH I 3 .  ? 1.85437   3.42998   -11.00146 1.000 18.97363 ? 226 HOH A O   1 
HETATM 1117 O  O   . HOH I 3 .  ? 9.42095   -6.16754  3.58582   1.000 3.98931  ? 227 HOH A O   1 
HETATM 1118 O  O   . HOH I 3 .  ? -10.93137 -10.36215 -14.14113 1.000 31.06284 ? 228 HOH A O   1 
HETATM 1119 O  O   . HOH I 3 .  ? 1.42033   -12.29879 4.52846   1.000 7.27660  ? 229 HOH A O   1 
HETATM 1120 O  O   . HOH I 3 .  ? 14.91583  1.10568   -6.24536  1.000 16.89006 ? 230 HOH A O   1 
HETATM 1121 O  O   . HOH I 3 .  ? 14.73479  -6.24573  1.62717   1.000 22.41046 ? 231 HOH A O   1 
HETATM 1122 O  O   . HOH I 3 .  ? 21.52051  -8.25793  -3.96390  1.000 16.68865 ? 232 HOH A O   1 
HETATM 1123 O  O   . HOH I 3 .  ? 0.65467   -16.97808 -5.95412  1.000 12.71640 ? 233 HOH A O   1 
HETATM 1124 O  O   . HOH I 3 .  ? -3.82536  -5.04430  -3.46727  1.000 11.62987 ? 234 HOH A O   1 
HETATM 1125 O  O   . HOH I 3 .  ? 14.54156  3.36664   -4.91630  1.000 11.88951 ? 235 HOH A O   1 
HETATM 1126 O  O   . HOH I 3 .  ? 4.81599   1.01411   -1.13463  1.000 3.59914  ? 236 HOH A O   1 
HETATM 1127 O  O   . HOH I 3 .  ? 5.31039   -20.31348 -2.94738  1.000 24.22461 ? 237 HOH A O   1 
HETATM 1128 O  O   . HOH I 3 .  ? -5.93042  1.19140   -9.50004  1.000 18.52390 ? 238 HOH A O   1 
HETATM 1129 O  O   . HOH I 3 .  ? -4.23456  -11.41956 7.20445   1.000 23.29341 ? 239 HOH A O   1 
HETATM 1130 O  O   . HOH I 3 .  ? 4.44007   -6.13791  7.36535   1.000 9.79833  ? 240 HOH A O   1 
HETATM 1131 O  O   . HOH I 3 .  ? 18.07498  -3.33183  -6.60893  1.000 14.46120 ? 241 HOH A O   1 
HETATM 1132 O  O   . HOH I 3 .  ? 20.25302  -17.91667 -1.38047  1.000 26.05709 ? 242 HOH A O   1 
HETATM 1133 O  O   . HOH I 3 .  ? 8.46615   -16.14049 1.96537   1.000 12.48639 ? 243 HOH A O   1 
HETATM 1134 O  O   . HOH I 3 .  ? -5.41873  -0.56727  -18.72426 1.000 26.01693 ? 244 HOH A O   1 
HETATM 1135 O  O   . HOH I 3 .  ? 2.89941   -10.81962 6.42737   1.000 6.49832  ? 245 HOH A O   1 
HETATM 1136 O  O   . HOH I 3 .  ? -3.45837  -13.60712 -1.77274  1.000 13.83232 ? 246 HOH A O   1 
HETATM 1137 O  O   . HOH I 3 .  ? 22.04000  -15.49515 -2.47128  1.000 24.38069 ? 247 HOH A O   1 
HETATM 1138 O  O   . HOH I 3 .  ? -9.17293  -8.66885  -18.14820 1.000 26.96216 ? 248 HOH A O   1 
HETATM 1139 O  O   . HOH I 3 .  ? 1.36859   -1.80953  -16.06305 1.000 16.12904 ? 249 HOH A O   1 
HETATM 1140 O  O   . HOH I 3 .  ? -4.92365  -4.14212  -6.09655  1.000 19.97293 ? 250 HOH A O   1 
HETATM 1141 O  O   . HOH I 3 .  ? 3.21889   -15.08969 8.35103   1.000 10.44963 ? 251 HOH A O   1 
HETATM 1142 O  O   . HOH I 3 .  ? 6.12621   -8.87794  -7.56277  1.000 19.25603 ? 252 HOH A O   1 
HETATM 1143 O  O   . HOH I 3 .  ? -6.69384  -6.18762  0.08022   1.000 16.85341 ? 253 HOH A O   1 
HETATM 1144 O  O   . HOH I 3 .  ? -8.45670  -10.54806 -7.49913  1.000 21.15057 ? 254 HOH A O   1 
HETATM 1145 O  O   . HOH I 3 .  ? -6.95812  -6.01098  5.92606   1.000 23.57274 ? 255 HOH A O   1 
HETATM 1146 O  O   . HOH I 3 .  ? 3.79907   -9.95760  -8.47737  1.000 20.24663 ? 256 HOH A O   1 
HETATM 1147 O  O   . HOH I 3 .  ? 2.85588   -0.65853  0.01080   1.000 4.73976  ? 257 HOH A O   1 
HETATM 1148 O  O   . HOH I 3 .  ? 1.85526   -16.41170 -3.46492  1.000 16.90221 ? 258 HOH A O   1 
HETATM 1149 O  O   . HOH I 3 .  ? 6.43217   -9.78279  -9.89131  1.000 29.36759 ? 259 HOH A O   1 
HETATM 1150 O  O   . HOH I 3 .  ? -9.65961  -3.67747  -11.52335 1.000 26.24072 ? 260 HOH A O   1 
HETATM 1151 O  O   . HOH I 3 .  ? 13.14363  -15.26957 2.98291   1.000 8.39855  ? 261 HOH A O   1 
HETATM 1152 O  O   . HOH I 3 .  ? 9.43033   -3.66919  7.08876   1.000 18.60821 ? 262 HOH A O   1 
HETATM 1153 O  O   . HOH I 3 .  ? 10.45953  -15.59765 3.67768   1.000 17.76972 ? 263 HOH A O   1 
HETATM 1154 O  O   . HOH I 3 .  ? 14.04935  -4.07735  1.25478   1.000 17.41983 ? 264 HOH A O   1 
HETATM 1155 O  O   . HOH I 3 .  ? 11.71477  -3.36853  5.64405   1.000 16.77116 ? 265 HOH A O   1 
HETATM 1156 O  O   . HOH J 3 .  ? -3.90727  1.14254   -2.81535  1.000 14.36195 ? 201 HOH B O   1 
HETATM 1157 O  O   . HOH J 3 .  ? -1.29609  -1.32496  -3.21949  1.000 9.16730  ? 202 HOH B O   1 
HETATM 1158 O  O   . HOH J 3 .  ? -3.91624  8.68030   -11.62934 1.000 16.58370 ? 203 HOH B O   1 
HETATM 1159 O  O   . HOH J 3 .  ? -4.70818  -3.83640  6.73791   1.000 5.98952  ? 204 HOH B O   1 
HETATM 1160 O  O   . HOH J 3 .  ? 4.05712   9.01786   16.45760  1.000 16.94066 ? 205 HOH B O   1 
HETATM 1161 O  O   . HOH J 3 .  ? -4.61847  6.71412   18.52737  1.000 21.14816 ? 206 HOH B O   1 
HETATM 1162 O  O   . HOH J 3 .  ? 5.22509   -1.43501  15.19700  1.000 23.59162 ? 207 HOH B O   1 
HETATM 1163 O  O   . HOH J 3 .  ? -6.46553  2.05781   16.04971  1.000 4.66778  ? 208 HOH B O   1 
HETATM 1164 O  O   . HOH J 3 .  ? 6.66164   8.69805   2.69890   1.000 13.24138 ? 209 HOH B O   1 
HETATM 1165 O  O   . HOH J 3 .  ? 11.29229  2.24782   5.67383   1.000 19.14567 ? 210 HOH B O   1 
HETATM 1166 O  O   . HOH J 3 .  ? 2.02473   3.66110   -0.99502  1.000 7.24421  ? 211 HOH B O   1 
HETATM 1167 O  O   . HOH J 3 .  ? -13.89065 19.85857  16.26567  1.000 23.80953 ? 212 HOH B O   1 
HETATM 1168 O  O   . HOH J 3 .  ? -10.19221 2.00084   -4.62542  1.000 19.10360 ? 213 HOH B O   1 
HETATM 1169 O  O   . HOH J 3 .  ? -4.62188  5.22323   -11.55518 1.000 15.75047 ? 214 HOH B O   1 
HETATM 1170 O  O   . HOH J 3 .  ? 6.42126   12.45917  17.52376  1.000 34.17085 ? 215 HOH B O   1 
HETATM 1171 O  O   . HOH J 3 .  ? 5.25515   5.01718   2.31389   1.000 5.43773  ? 216 HOH B O   1 
HETATM 1172 O  O   . HOH J 3 .  ? -1.42198  13.24606  3.33155   1.000 14.56536 ? 217 HOH B O   1 
HETATM 1173 O  O   . HOH J 3 .  ? 0.46119   1.08903   -0.85635  1.000 8.36133  ? 218 HOH B O   1 
HETATM 1174 O  O   . HOH J 3 .  ? -10.53478 1.32755   6.96800   1.000 5.54889  ? 219 HOH B O   1 
HETATM 1175 O  O   . HOH J 3 .  ? 6.45293   11.16390  1.01643   1.000 25.85955 ? 220 HOH B O   1 
HETATM 1176 O  O   . HOH J 3 .  ? -10.66718 17.14041  17.48241  1.000 28.24430 ? 221 HOH B O   1 
HETATM 1177 O  O   . HOH J 3 .  ? -3.56822  -7.93097  11.42044  1.000 21.76371 ? 222 HOH B O   1 
HETATM 1178 O  O   . HOH J 3 .  ? -12.11919 16.70396  19.38160  1.000 29.22281 ? 223 HOH B O   1 
HETATM 1179 O  O   . HOH J 3 .  ? 0.74007   12.78212  7.39261   1.000 8.36463  ? 224 HOH B O   1 
HETATM 1180 O  O   . HOH J 3 .  ? 3.01687   0.96151   2.41042   1.000 4.74881  ? 225 HOH B O   1 
HETATM 1181 O  O   . HOH J 3 .  ? 2.83360   3.59385   1.53020   1.000 4.44007  ? 226 HOH B O   1 
HETATM 1182 O  O   . HOH J 3 .  ? -3.50662  -3.10655  9.39054   1.000 7.68029  ? 227 HOH B O   1 
HETATM 1183 O  O   . HOH J 3 .  ? -0.73876  -2.58759  8.98165   1.000 3.58366  ? 228 HOH B O   1 
HETATM 1184 O  O   . HOH J 3 .  ? 4.45869   5.17130   11.35529  1.000 9.10424  ? 229 HOH B O   1 
HETATM 1185 O  O   . HOH J 3 .  ? -4.00951  -5.85997  15.50583  1.000 5.43287  ? 230 HOH B O   1 
HETATM 1186 O  O   . HOH J 3 .  ? -12.85509 10.51832  -9.61985  1.000 12.55423 ? 231 HOH B O   1 
HETATM 1187 O  O   . HOH J 3 .  ? -11.40521 5.60809   -3.87903  1.000 10.36845 ? 232 HOH B O   1 
HETATM 1188 O  O   . HOH J 3 .  ? -8.79133  1.24319   -8.97968  1.000 24.46055 ? 233 HOH B O   1 
HETATM 1189 O  O   . HOH J 3 .  ? 0.08705   -5.65422  12.75625  1.000 15.94305 ? 234 HOH B O   1 
HETATM 1190 O  O   . HOH J 3 .  ? -0.72746  14.23520  0.95447   1.000 24.62785 ? 235 HOH B O   1 
HETATM 1191 O  O   . HOH J 3 .  ? -18.93411 0.84131   5.71963   1.000 10.85513 ? 236 HOH B O   1 
HETATM 1192 O  O   . HOH J 3 .  ? -10.24204 -2.36106  15.28608  1.000 5.39210  ? 237 HOH B O   1 
HETATM 1193 O  O   . HOH J 3 .  ? 9.45761   12.63873  5.36926   1.000 12.24262 ? 238 HOH B O   1 
HETATM 1194 O  O   . HOH J 3 .  ? -15.07609 1.59983   7.92934   1.000 18.48992 ? 239 HOH B O   1 
HETATM 1195 O  O   . HOH J 3 .  ? 11.06479  6.04290   10.46226  1.000 22.32100 ? 240 HOH B O   1 
HETATM 1196 O  O   . HOH J 3 .  ? -19.33552 5.70150   -0.87278  1.000 17.73277 ? 241 HOH B O   1 
HETATM 1197 O  O   . HOH J 3 .  ? -0.67374  7.70488   20.55033  1.000 15.92534 ? 242 HOH B O   1 
HETATM 1198 O  O   . HOH J 3 .  ? 8.26252   4.34678   12.46086  1.000 27.36745 ? 243 HOH B O   1 
HETATM 1199 O  O   . HOH J 3 .  ? 5.66138   12.44678  2.95972   1.000 23.87564 ? 244 HOH B O   1 
HETATM 1200 O  O   . HOH J 3 .  ? 9.30377   9.54356   3.90994   1.000 19.24627 ? 245 HOH B O   1 
HETATM 1201 O  O   . HOH J 3 .  ? 3.42116   5.93788   -4.84457  1.000 19.72005 ? 246 HOH B O   1 
HETATM 1202 O  O   . HOH J 3 .  ? -0.36155  19.49893  8.10126   1.000 28.24342 ? 247 HOH B O   1 
HETATM 1203 O  O   . HOH J 3 .  ? -12.39191 -0.42019  13.16556  1.000 10.71749 ? 248 HOH B O   1 
HETATM 1204 O  O   . HOH J 3 .  ? -8.46336  11.36056  4.63316   1.000 21.05063 ? 249 HOH B O   1 
HETATM 1205 O  O   . HOH J 3 .  ? -10.49878 3.38531   -2.74769  1.000 9.55512  ? 250 HOH B O   1 
HETATM 1206 O  O   . HOH J 3 .  ? -9.11329  -2.72727  0.63309   1.000 7.73104  ? 251 HOH B O   1 
HETATM 1207 O  O   . HOH J 3 .  ? -7.42420  6.11964   21.11712  1.000 24.43859 ? 252 HOH B O   1 
HETATM 1208 O  O   . HOH J 3 .  ? -6.71793  6.41528   17.90074  1.000 16.20057 ? 253 HOH B O   1 
HETATM 1209 O  O   . HOH J 3 .  ? 5.60651   10.13629  11.79429  1.000 20.18375 ? 254 HOH B O   1 
HETATM 1210 O  O   . HOH J 3 .  ? 1.23897   -3.50819  15.35257  1.000 21.44298 ? 255 HOH B O   1 
HETATM 1211 O  O   . HOH J 3 .  ? 1.49876   15.51901  0.10315   1.000 30.84477 ? 256 HOH B O   1 
HETATM 1212 O  O   . HOH J 3 .  ? -18.99810 5.31947   -4.72961  1.000 27.21857 ? 257 HOH B O   1 
HETATM 1213 O  O   . HOH J 3 .  ? -10.79924 17.54167  8.46319   1.000 31.51939 ? 258 HOH B O   1 
HETATM 1214 O  O   . HOH J 3 .  ? -0.97994  8.38697   -8.44344  1.000 30.87846 ? 259 HOH B O   1 
HETATM 1215 O  O   . HOH J 3 .  ? -7.81956  9.77933   6.00902   1.000 18.68922 ? 260 HOH B O   1 
HETATM 1216 O  O   . HOH J 3 .  ? -13.52993 -3.35739  12.54011  1.000 25.67534 ? 261 HOH B O   1 
HETATM 1217 O  O   . HOH J 3 .  ? -12.98346 2.75293   7.44036   1.000 13.29846 ? 262 HOH B O   1 
HETATM 1218 O  O   . HOH J 3 .  ? -0.00311  -4.85099  17.12147  1.000 12.69841 ? 263 HOH B O   1 
HETATM 1219 O  O   . HOH J 3 .  ? 0.55390   9.47739   18.76772  1.000 18.73963 ? 264 HOH B O   1 
HETATM 1220 O  O   . HOH J 3 .  ? -19.97812 2.09671   -2.46709  1.000 26.70257 ? 265 HOH B O   1 
HETATM 1221 O  O   . HOH J 3 .  ? -19.37816 8.34251   6.22344   1.000 29.30524 ? 266 HOH B O   1 
# 
